data_7X7O
#
_entry.id   7X7O
#
_cell.length_a   138.249
_cell.length_b   138.412
_cell.length_c   221.107
_cell.angle_alpha   90.000
_cell.angle_beta   90.050
_cell.angle_gamma   90.000
#
_symmetry.space_group_name_H-M   'I 1 2 1'
#
loop_
_entity.id
_entity.type
_entity.pdbx_description
1 polymer 'Spike protein S1'
2 polymer 'UT28K Fab, heavy chain'
3 polymer 'UT28K Fab, light chain'
#
loop_
_entity_poly.entity_id
_entity_poly.type
_entity_poly.pdbx_seq_one_letter_code
_entity_poly.pdbx_strand_id
1 'polypeptide(L)'
;PTESIVRFPNITNLCPFGEVFNATRFASVYAWNRKRISNCVADYSVLYNSASFSTFKCYGVSPTKLNDLCFTNVYADSFV
IRGDEVRQIAPGQTGKIADYNYKLPDDFTGCVIAWNSNNLDSKVGGNYNYLYRLFRKSNLKPFERDISTEIYQAGSTPCN
GVEGFNCYFPLQSYGFQPTNGVGYQPYRVVVLSFELLHAPATVCGPKKSTNLVKN
;
A,B,C,D
2 'polypeptide(L)'
;MDWIWRILFLVGAATGAHSQMQLVQSGPEVKKPGTSVKVSCKASGFTFSISAVQWVRQARGQRLEWIGWIVVGSGNTNYA
QKFQERVTITRDMSTSTAYMELSSLRFEDTAVYYCAAPYCGGDCSDGFDIWGQGTMVTVSSASTKGPSVFPLAPSSKSTS
GGTAALGCLVKDYFPEPVTVSWNSGALTSGVHTFPAVLQSSGLYSLSSVVTVPSSSLGTQTYICNVNHKPSNTKVDKKVE
PKSGSSGHHHHHHHHHH
;
E,G,H,J
3 'polypeptide(L)'
;METPAQLLFLLLLWLPDTTGEIVLTQSPGTLSLSPGERATLSCRASQSVSSSYLAWYQQKPGQAPRLLIYGASSRATGIP
DRFSGSGSGTDFTLTISRLEPEDFAVYYCQQYGNSPWTFGQGTKVEIKRTVAAPSVFIFPPSDEQLKSGTASVVCLLNNF
YPREAKVQWKVDNALQSGNSQESVTEQDSKDSTYSLSSTLTLSKADYEKHKVYACEVTHQGLSSPVTKSFNRGEC
;
F,I,K,L
#
# COMPACT_ATOMS: atom_id res chain seq x y z
N ASN A 13 38.96 28.93 2.21
CA ASN A 13 39.36 27.94 1.21
C ASN A 13 39.07 28.42 -0.20
N LEU A 14 39.11 27.49 -1.15
CA LEU A 14 38.72 27.76 -2.52
C LEU A 14 37.39 27.04 -2.80
N CYS A 15 36.80 27.36 -3.95
CA CYS A 15 35.47 26.90 -4.32
C CYS A 15 35.56 25.86 -5.44
N PRO A 16 34.80 24.77 -5.31
CA PRO A 16 34.80 23.75 -6.36
C PRO A 16 34.01 24.16 -7.60
N PHE A 17 34.14 25.43 -8.02
CA PHE A 17 33.56 25.86 -9.29
C PHE A 17 34.04 25.02 -10.46
N GLY A 18 35.17 24.34 -10.30
CA GLY A 18 35.69 23.47 -11.33
C GLY A 18 34.97 22.15 -11.49
N GLU A 19 34.06 21.80 -10.57
CA GLU A 19 33.40 20.52 -10.68
C GLU A 19 32.02 20.61 -11.32
N VAL A 20 31.49 21.83 -11.49
CA VAL A 20 30.25 22.02 -12.21
C VAL A 20 30.52 22.44 -13.65
N PHE A 21 31.42 23.41 -13.84
CA PHE A 21 31.75 23.88 -15.18
C PHE A 21 32.41 22.78 -16.00
N ASN A 22 33.47 22.17 -15.47
CA ASN A 22 34.20 21.11 -16.16
C ASN A 22 33.61 19.72 -15.91
N ALA A 23 32.30 19.64 -15.66
CA ALA A 23 31.68 18.35 -15.38
C ALA A 23 31.61 17.52 -16.66
N THR A 24 31.56 16.20 -16.46
CA THR A 24 31.52 15.26 -17.58
C THR A 24 30.26 15.47 -18.43
N ARG A 25 29.09 15.19 -17.85
CA ARG A 25 27.82 15.30 -18.55
C ARG A 25 26.87 16.17 -17.75
N PHE A 26 26.37 17.23 -18.37
CA PHE A 26 25.35 18.05 -17.73
C PHE A 26 23.98 17.39 -17.85
N ALA A 27 23.11 17.73 -16.91
CA ALA A 27 21.77 17.18 -16.93
C ALA A 27 20.90 17.93 -17.93
N SER A 28 19.77 17.32 -18.29
CA SER A 28 18.87 17.95 -19.23
C SER A 28 18.23 19.20 -18.62
N VAL A 29 17.63 20.02 -19.47
CA VAL A 29 17.10 21.31 -19.02
C VAL A 29 16.00 21.10 -17.99
N TYR A 30 15.01 20.26 -18.30
CA TYR A 30 13.86 20.11 -17.41
C TYR A 30 14.29 19.62 -16.03
N ALA A 31 15.30 18.76 -15.98
CA ALA A 31 15.87 18.29 -14.71
C ALA A 31 17.15 19.05 -14.39
N TRP A 32 17.03 20.37 -14.31
CA TRP A 32 18.18 21.24 -14.07
C TRP A 32 18.75 20.97 -12.68
N ASN A 33 19.99 20.51 -12.64
CA ASN A 33 20.63 20.18 -11.37
C ASN A 33 21.13 21.44 -10.68
N ARG A 34 20.87 21.54 -9.38
CA ARG A 34 21.30 22.67 -8.58
C ARG A 34 22.29 22.20 -7.53
N LYS A 35 23.39 22.94 -7.39
CA LYS A 35 24.45 22.65 -6.43
C LYS A 35 24.66 23.87 -5.54
N ARG A 36 24.61 23.66 -4.23
CA ARG A 36 24.88 24.72 -3.26
C ARG A 36 26.38 24.94 -3.14
N ILE A 37 26.79 26.21 -3.22
CA ILE A 37 28.20 26.56 -3.11
C ILE A 37 28.44 27.42 -1.88
N ASN A 39 32.65 27.51 2.18
CA ASN A 39 32.81 28.94 2.44
C ASN A 39 34.07 29.50 1.79
N CYS A 40 33.97 29.89 0.53
CA CYS A 40 35.11 30.45 -0.20
C CYS A 40 34.69 31.64 -1.04
N VAL A 41 35.62 32.57 -1.21
CA VAL A 41 35.45 33.71 -2.10
C VAL A 41 36.07 33.37 -3.44
N ALA A 42 35.37 33.70 -4.52
CA ALA A 42 35.77 33.30 -5.86
C ALA A 42 36.01 34.54 -6.71
N ASP A 43 37.20 34.63 -7.29
CA ASP A 43 37.52 35.72 -8.20
C ASP A 43 36.68 35.63 -9.47
N ALA A 51 37.64 29.72 -21.07
CA ALA A 51 36.91 29.28 -22.26
C ALA A 51 36.36 30.48 -23.02
N SER A 52 35.64 30.21 -24.11
CA SER A 52 35.01 31.30 -24.90
C SER A 52 33.92 31.98 -24.07
N PHE A 53 33.09 31.19 -23.38
CA PHE A 53 31.98 31.73 -22.54
C PHE A 53 31.21 32.77 -23.35
N SER A 54 30.64 32.36 -24.49
CA SER A 54 29.94 33.28 -25.43
C SER A 54 29.11 34.35 -24.69
N THR A 55 28.18 33.95 -23.83
CA THR A 55 27.30 34.92 -23.20
C THR A 55 27.60 34.90 -21.71
N PHE A 56 28.19 35.99 -21.22
CA PHE A 56 28.47 36.15 -19.80
C PHE A 56 27.58 37.28 -19.27
N LYS A 57 26.33 37.27 -19.74
CA LYS A 57 25.35 38.31 -19.33
C LYS A 57 25.00 38.12 -17.86
N CYS A 58 25.11 39.18 -17.07
CA CYS A 58 24.80 39.12 -15.65
C CYS A 58 23.74 40.14 -15.30
N TYR A 59 22.71 39.70 -14.61
CA TYR A 59 21.60 40.55 -14.24
C TYR A 59 21.45 40.71 -12.73
N GLY A 60 21.74 39.65 -11.97
CA GLY A 60 21.38 39.64 -10.57
C GLY A 60 22.23 40.56 -9.73
N VAL A 61 23.49 40.72 -10.10
CA VAL A 61 24.43 41.55 -9.34
C VAL A 61 25.29 42.32 -10.32
N SER A 62 25.63 43.55 -9.96
CA SER A 62 26.50 44.37 -10.79
C SER A 62 27.90 43.75 -10.85
N PRO A 63 28.53 43.69 -12.03
CA PRO A 63 29.85 43.04 -12.12
C PRO A 63 30.95 43.85 -11.47
N THR A 64 31.14 43.67 -10.16
CA THR A 64 32.21 44.37 -9.46
C THR A 64 32.65 43.52 -8.27
N LYS A 65 33.87 43.77 -7.82
CA LYS A 65 34.41 43.05 -6.67
C LYS A 65 34.25 43.87 -5.40
N THR A 72 25.65 34.87 1.36
CA THR A 72 25.97 33.81 2.32
C THR A 72 26.16 32.49 1.60
N ASN A 73 25.33 32.20 0.61
CA ASN A 73 25.55 31.05 -0.25
C ASN A 73 25.15 31.41 -1.68
N VAL A 74 25.53 30.54 -2.61
CA VAL A 74 25.21 30.68 -4.02
C VAL A 74 24.90 29.30 -4.58
N TYR A 75 23.97 29.23 -5.53
CA TYR A 75 23.56 27.98 -6.13
C TYR A 75 23.94 27.97 -7.60
N ALA A 76 24.48 26.85 -8.06
CA ALA A 76 24.91 26.66 -9.43
C ALA A 76 23.94 25.71 -10.11
N ASP A 77 23.19 26.24 -11.08
CA ASP A 77 22.19 25.44 -11.85
C ASP A 77 22.77 25.14 -13.23
N SER A 78 22.92 23.87 -13.57
CA SER A 78 23.55 23.44 -14.81
C SER A 78 22.54 22.66 -15.63
N PHE A 79 22.31 23.12 -16.86
CA PHE A 79 21.40 22.44 -17.78
C PHE A 79 21.92 22.61 -19.19
N VAL A 80 21.33 21.86 -20.12
CA VAL A 80 21.69 21.92 -21.53
C VAL A 80 20.47 22.40 -22.31
N ILE A 81 20.66 23.52 -23.02
CA ILE A 81 19.55 24.05 -23.85
C ILE A 81 20.07 24.30 -25.26
N ARG A 82 19.15 24.43 -26.22
CA ARG A 82 19.51 24.77 -27.59
C ARG A 82 20.25 26.10 -27.61
N GLY A 83 21.11 26.27 -28.60
CA GLY A 83 21.95 27.46 -28.70
C GLY A 83 21.22 28.77 -28.62
N ASP A 84 20.22 28.97 -29.49
CA ASP A 84 19.48 30.22 -29.51
C ASP A 84 18.68 30.44 -28.22
N GLU A 85 18.40 29.38 -27.46
CA GLU A 85 17.59 29.48 -26.26
C GLU A 85 18.29 30.22 -25.13
N VAL A 86 19.55 30.63 -25.30
CA VAL A 86 20.26 31.36 -24.26
C VAL A 86 19.52 32.65 -23.92
N ARG A 87 18.84 33.25 -24.91
CA ARG A 87 18.06 34.46 -24.63
C ARG A 87 16.95 34.17 -23.64
N GLN A 88 16.38 32.96 -23.67
CA GLN A 88 15.26 32.64 -22.80
C GLN A 88 15.68 32.52 -21.34
N ILE A 89 16.96 32.37 -21.06
CA ILE A 89 17.45 32.26 -19.68
C ILE A 89 17.77 33.66 -19.19
N ALA A 90 16.75 34.49 -19.04
CA ALA A 90 16.91 35.82 -18.49
C ALA A 90 15.65 36.17 -17.69
N PRO A 91 15.77 37.02 -16.67
CA PRO A 91 14.58 37.42 -15.92
C PRO A 91 13.58 38.12 -16.82
N GLY A 92 12.30 37.91 -16.51
CA GLY A 92 11.22 38.51 -17.29
C GLY A 92 11.27 38.17 -18.76
N GLN A 93 11.61 36.94 -19.09
CA GLN A 93 11.61 36.46 -20.47
C GLN A 93 10.50 35.44 -20.66
N THR A 94 9.85 35.50 -21.83
CA THR A 94 8.67 34.61 -22.07
C THR A 94 8.92 33.67 -23.26
N GLY A 95 9.09 32.38 -22.99
CA GLY A 95 9.24 31.35 -24.00
C GLY A 95 8.98 29.99 -23.40
N LYS A 96 9.12 28.95 -24.23
CA LYS A 96 8.87 27.57 -23.77
C LYS A 96 9.87 27.22 -22.65
N ILE A 97 11.15 27.56 -22.83
CA ILE A 97 12.15 27.20 -21.82
C ILE A 97 11.82 27.88 -20.50
N ALA A 98 11.66 29.21 -20.52
CA ALA A 98 11.42 29.96 -19.29
C ALA A 98 10.10 29.54 -18.64
N ASP A 99 9.02 29.56 -19.42
CA ASP A 99 7.69 29.32 -18.85
C ASP A 99 7.56 27.90 -18.31
N TYR A 100 8.10 26.90 -19.02
CA TYR A 100 7.87 25.50 -18.68
C TYR A 100 9.09 24.81 -18.06
N ASN A 101 10.26 24.96 -18.67
CA ASN A 101 11.42 24.16 -18.27
C ASN A 101 12.13 24.76 -17.06
N TYR A 102 12.74 25.93 -17.23
CA TYR A 102 13.50 26.57 -16.15
C TYR A 102 13.13 28.04 -16.11
N LYS A 103 12.60 28.49 -14.98
CA LYS A 103 12.14 29.86 -14.82
C LYS A 103 13.07 30.60 -13.87
N LEU A 104 13.33 31.87 -14.17
CA LEU A 104 14.19 32.72 -13.40
C LEU A 104 13.40 33.86 -12.76
N PRO A 105 13.67 34.19 -11.51
CA PRO A 105 12.93 35.27 -10.85
C PRO A 105 13.20 36.63 -11.46
N ASP A 106 12.24 37.54 -11.31
CA ASP A 106 12.39 38.91 -11.88
C ASP A 106 13.61 39.59 -11.26
N ASP A 107 13.89 39.31 -9.99
CA ASP A 107 15.02 39.91 -9.29
C ASP A 107 16.32 39.18 -9.61
N CYS A 111 24.75 35.60 -12.31
CA CYS A 111 25.32 35.70 -13.65
C CYS A 111 24.97 34.43 -14.43
N VAL A 112 25.09 34.48 -15.76
CA VAL A 112 24.83 33.32 -16.61
C VAL A 112 26.04 33.11 -17.51
N ILE A 113 26.45 31.85 -17.65
CA ILE A 113 27.58 31.46 -18.49
C ILE A 113 27.13 30.34 -19.41
N ALA A 114 27.44 30.47 -20.70
CA ALA A 114 27.02 29.50 -21.69
C ALA A 114 28.14 29.29 -22.71
N TRP A 115 28.45 28.03 -22.99
CA TRP A 115 29.43 27.67 -24.01
C TRP A 115 28.87 26.58 -24.91
N ASN A 116 29.31 26.59 -26.17
CA ASN A 116 28.82 25.64 -27.16
C ASN A 116 29.51 24.29 -27.02
N SER A 117 28.71 23.23 -26.88
CA SER A 117 29.24 21.88 -26.76
C SER A 117 28.95 21.05 -28.01
N ASN A 118 29.24 21.60 -29.18
CA ASN A 118 28.93 20.90 -30.42
C ASN A 118 29.65 19.56 -30.50
N ASN A 119 30.97 19.56 -30.23
CA ASN A 119 31.77 18.32 -30.36
C ASN A 119 31.61 17.42 -29.12
N LEU A 120 30.95 17.91 -28.07
CA LEU A 120 30.85 17.11 -26.82
C LEU A 120 29.47 16.46 -26.68
N ASP A 121 28.39 17.18 -26.98
CA ASP A 121 27.05 16.64 -26.76
C ASP A 121 26.24 16.64 -28.05
N SER A 122 26.83 16.15 -29.14
CA SER A 122 26.09 16.04 -30.42
C SER A 122 26.52 14.77 -31.17
N LYS A 123 25.68 13.73 -31.15
CA LYS A 123 25.98 12.50 -31.87
C LYS A 123 25.49 12.61 -33.31
N VAL A 124 26.23 11.99 -34.22
CA VAL A 124 25.95 12.11 -35.65
C VAL A 124 24.56 11.56 -35.97
N GLY A 125 24.23 10.39 -35.44
CA GLY A 125 22.91 9.82 -35.63
C GLY A 125 21.81 10.51 -34.86
N GLY A 126 22.13 11.54 -34.08
CA GLY A 126 21.15 12.25 -33.28
C GLY A 126 21.25 11.94 -31.80
N ASN A 127 21.57 12.95 -31.01
CA ASN A 127 21.70 12.79 -29.56
C ASN A 127 20.41 13.22 -28.88
N TYR A 128 19.45 12.28 -28.83
CA TYR A 128 18.14 12.53 -28.23
C TYR A 128 18.14 12.38 -26.72
N ASN A 129 19.32 12.34 -26.11
CA ASN A 129 19.43 12.16 -24.66
C ASN A 129 18.84 13.34 -23.90
N TYR A 130 18.92 14.53 -24.47
CA TYR A 130 18.43 15.74 -23.82
C TYR A 130 16.97 15.97 -24.19
N LEU A 131 16.19 16.45 -23.21
CA LEU A 131 14.76 16.62 -23.39
C LEU A 131 14.34 17.96 -22.83
N TYR A 132 13.23 18.49 -23.35
CA TYR A 132 12.65 19.74 -22.86
C TYR A 132 11.15 19.57 -22.71
N ARG A 133 10.55 20.42 -21.88
CA ARG A 133 9.14 20.31 -21.53
C ARG A 133 8.33 21.20 -22.46
N LEU A 134 7.58 20.57 -23.36
CA LEU A 134 6.80 21.29 -24.36
C LEU A 134 5.37 21.56 -23.92
N PHE A 135 4.81 20.72 -23.04
CA PHE A 135 3.42 20.84 -22.61
C PHE A 135 3.36 20.94 -21.10
N ARG A 136 2.70 22.00 -20.61
CA ARG A 136 2.53 22.20 -19.14
C ARG A 136 1.23 22.99 -18.91
N LYS A 137 0.45 22.62 -17.89
CA LYS A 137 -0.85 23.27 -17.61
C LYS A 137 -0.65 24.72 -17.20
N SER A 138 0.30 24.96 -16.30
CA SER A 138 0.54 26.31 -15.81
C SER A 138 2.03 26.62 -15.94
N ASN A 139 2.35 27.91 -15.94
CA ASN A 139 3.75 28.31 -16.06
C ASN A 139 4.52 27.95 -14.80
N LEU A 140 5.83 27.78 -14.96
CA LEU A 140 6.69 27.35 -13.86
C LEU A 140 6.94 28.51 -12.92
N LYS A 141 6.84 28.25 -11.62
CA LYS A 141 7.28 29.22 -10.64
C LYS A 141 8.79 29.42 -10.75
N PRO A 142 9.30 30.59 -10.37
CA PRO A 142 10.76 30.81 -10.45
C PRO A 142 11.50 29.83 -9.55
N PHE A 143 12.50 29.17 -10.12
CA PHE A 143 13.34 28.15 -9.49
C PHE A 143 12.56 26.89 -9.13
N GLU A 144 11.35 26.72 -9.67
CA GLU A 144 10.62 25.48 -9.54
C GLU A 144 11.18 24.45 -10.52
N ARG A 145 11.06 23.17 -10.14
CA ARG A 145 11.64 22.09 -10.95
C ARG A 145 10.61 20.99 -11.14
N ASP A 146 10.37 20.60 -12.39
CA ASP A 146 9.36 19.61 -12.74
C ASP A 146 10.02 18.45 -13.48
N ILE A 147 10.02 17.27 -12.85
CA ILE A 147 10.59 16.06 -13.51
C ILE A 147 9.44 15.10 -13.82
N SER A 148 8.23 15.64 -14.03
CA SER A 148 7.07 14.79 -14.28
C SER A 148 7.07 14.27 -15.71
N THR A 149 6.63 13.02 -15.86
CA THR A 149 6.50 12.36 -17.15
C THR A 149 5.04 12.07 -17.49
N GLU A 150 4.13 12.87 -16.95
CA GLU A 150 2.70 12.66 -17.10
C GLU A 150 2.21 13.17 -18.45
N ILE A 151 1.38 12.36 -19.12
CA ILE A 151 0.85 12.74 -20.42
C ILE A 151 -0.04 13.97 -20.26
N TYR A 152 0.21 14.99 -21.09
CA TYR A 152 -0.57 16.22 -21.05
C TYR A 152 -2.00 15.90 -21.43
N GLN A 153 -2.92 16.01 -20.47
CA GLN A 153 -4.34 15.73 -20.74
C GLN A 153 -5.00 17.01 -21.21
N ALA A 154 -5.04 17.21 -22.53
CA ALA A 154 -5.66 18.40 -23.08
C ALA A 154 -7.18 18.30 -23.16
N GLY A 155 -7.70 17.18 -23.67
CA GLY A 155 -9.13 16.99 -23.79
C GLY A 155 -9.78 16.69 -22.46
N SER A 156 -11.09 16.50 -22.51
CA SER A 156 -11.87 16.18 -21.33
C SER A 156 -12.03 14.67 -21.11
N THR A 157 -11.27 13.85 -21.83
CA THR A 157 -11.27 12.40 -21.69
C THR A 157 -9.92 11.96 -21.15
N PRO A 158 -9.87 11.13 -20.12
CA PRO A 158 -8.59 10.81 -19.48
C PRO A 158 -7.67 10.01 -20.40
N CYS A 159 -6.39 10.35 -20.37
CA CYS A 159 -5.45 9.74 -21.35
C CYS A 159 -4.90 8.38 -20.87
N ASN A 160 -5.07 8.02 -19.60
CA ASN A 160 -4.70 6.65 -19.13
C ASN A 160 -3.38 6.13 -19.73
N GLY A 161 -2.33 6.96 -19.79
CA GLY A 161 -1.01 6.49 -20.26
C GLY A 161 -0.95 6.08 -21.72
N VAL A 162 -1.95 6.45 -22.52
CA VAL A 162 -1.96 6.15 -23.98
C VAL A 162 -1.87 7.46 -24.75
N GLU A 163 -0.81 7.66 -25.54
CA GLU A 163 -0.69 8.85 -26.36
C GLU A 163 -1.56 8.74 -27.61
N GLY A 164 -2.39 9.75 -27.84
CA GLY A 164 -3.25 9.78 -29.01
C GLY A 164 -3.82 11.16 -29.28
N PHE A 165 -5.10 11.22 -29.63
CA PHE A 165 -5.75 12.51 -29.81
C PHE A 165 -5.99 13.16 -28.44
N ASN A 166 -5.66 14.44 -28.34
CA ASN A 166 -5.77 15.23 -27.11
C ASN A 166 -4.93 14.65 -25.97
N CYS A 167 -4.01 13.74 -26.28
CA CYS A 167 -3.14 13.11 -25.29
C CYS A 167 -1.73 13.13 -25.87
N TYR A 168 -0.90 14.05 -25.39
CA TYR A 168 0.43 14.26 -25.95
C TYR A 168 1.47 14.15 -24.85
N PHE A 169 2.60 13.54 -25.19
CA PHE A 169 3.68 13.37 -24.23
C PHE A 169 4.26 14.73 -23.86
N PRO A 170 4.56 14.96 -22.57
CA PRO A 170 4.94 16.31 -22.14
C PRO A 170 6.33 16.72 -22.59
N LEU A 171 7.20 15.78 -22.91
CA LEU A 171 8.60 16.08 -23.19
C LEU A 171 8.93 15.75 -24.63
N GLN A 172 9.76 16.61 -25.24
CA GLN A 172 10.26 16.40 -26.59
C GLN A 172 11.78 16.34 -26.55
N SER A 173 12.36 15.67 -27.54
CA SER A 173 13.79 15.41 -27.57
C SER A 173 14.49 16.40 -28.48
N TYR A 174 15.58 16.99 -27.98
CA TYR A 174 16.42 17.85 -28.80
C TYR A 174 17.16 17.01 -29.84
N GLY A 175 16.80 17.17 -31.11
CA GLY A 175 17.63 16.61 -32.15
C GLY A 175 18.97 17.29 -32.17
N PHE A 176 20.03 16.57 -31.80
CA PHE A 176 21.36 17.16 -31.62
C PHE A 176 22.36 16.44 -32.52
N GLN A 177 22.63 17.04 -33.69
CA GLN A 177 23.61 16.57 -34.64
C GLN A 177 24.73 17.60 -34.76
N PRO A 178 25.98 17.19 -34.87
CA PRO A 178 27.07 18.17 -34.99
C PRO A 178 27.00 18.99 -36.26
N THR A 179 26.24 18.51 -37.25
CA THR A 179 26.10 19.21 -38.55
C THR A 179 24.93 20.21 -38.49
N ASN A 180 24.31 20.40 -37.32
CA ASN A 180 23.25 21.39 -37.19
C ASN A 180 23.79 22.80 -37.37
N GLY A 181 22.88 23.73 -37.62
CA GLY A 181 23.25 25.14 -37.72
C GLY A 181 23.83 25.67 -36.43
N VAL A 182 24.36 26.89 -36.52
CA VAL A 182 24.97 27.52 -35.35
C VAL A 182 23.96 27.67 -34.23
N GLY A 183 22.74 28.07 -34.56
CA GLY A 183 21.70 28.22 -33.56
C GLY A 183 21.35 26.92 -32.85
N TYR A 184 21.13 25.86 -33.63
CA TYR A 184 20.68 24.59 -33.07
C TYR A 184 21.78 23.79 -32.38
N GLN A 185 23.03 24.24 -32.44
CA GLN A 185 24.09 23.51 -31.75
C GLN A 185 23.87 23.59 -30.24
N PRO A 186 24.16 22.52 -29.51
CA PRO A 186 23.92 22.51 -28.07
C PRO A 186 24.89 23.43 -27.34
N TYR A 187 24.36 24.15 -26.36
CA TYR A 187 25.15 25.07 -25.54
C TYR A 187 25.00 24.68 -24.07
N ARG A 188 26.11 24.30 -23.44
CA ARG A 188 26.11 24.05 -22.01
C ARG A 188 25.97 25.37 -21.27
N VAL A 189 25.09 25.41 -20.27
CA VAL A 189 24.81 26.64 -19.53
C VAL A 189 24.85 26.34 -18.04
N VAL A 190 25.44 27.26 -17.29
CA VAL A 190 25.47 27.20 -15.82
C VAL A 190 24.93 28.52 -15.28
N VAL A 191 23.99 28.44 -14.34
CA VAL A 191 23.38 29.61 -13.71
C VAL A 191 23.87 29.71 -12.28
N LEU A 192 24.33 30.90 -11.90
CA LEU A 192 24.77 31.19 -10.55
C LEU A 192 23.77 32.15 -9.89
N SER A 193 23.21 31.73 -8.76
CA SER A 193 22.19 32.48 -8.05
C SER A 193 22.69 32.72 -6.63
N PHE A 194 23.17 33.93 -6.38
CA PHE A 194 23.74 34.26 -5.08
C PHE A 194 22.63 34.54 -4.07
N GLU A 195 22.79 34.01 -2.85
CA GLU A 195 21.82 34.16 -1.78
C GLU A 195 22.53 34.65 -0.53
N LEU A 196 22.28 35.89 -0.14
CA LEU A 196 22.83 36.45 1.08
C LEU A 196 21.88 36.21 2.24
N ASN B 13 -12.44 -25.04 -37.10
CA ASN B 13 -11.06 -25.08 -36.65
C ASN B 13 -10.96 -24.99 -35.12
N LEU B 14 -9.74 -24.99 -34.61
CA LEU B 14 -9.48 -24.79 -33.19
C LEU B 14 -8.93 -23.39 -32.96
N CYS B 15 -9.15 -22.89 -31.75
CA CYS B 15 -8.84 -21.59 -31.16
C CYS B 15 -7.41 -21.58 -30.64
N PRO B 16 -6.64 -20.52 -30.88
CA PRO B 16 -5.28 -20.47 -30.33
C PRO B 16 -5.30 -20.21 -28.84
N PHE B 17 -6.20 -20.90 -28.14
CA PHE B 17 -6.21 -20.85 -26.69
C PHE B 17 -4.88 -21.31 -26.14
N GLY B 18 -4.18 -22.16 -26.90
CA GLY B 18 -2.92 -22.66 -26.43
C GLY B 18 -1.85 -21.59 -26.36
N GLU B 19 -2.20 -20.41 -26.84
CA GLU B 19 -1.27 -19.30 -26.88
C GLU B 19 -1.43 -18.40 -25.67
N VAL B 20 -2.64 -18.30 -25.13
CA VAL B 20 -2.91 -17.52 -23.93
C VAL B 20 -2.87 -18.38 -22.67
N PHE B 21 -3.56 -19.52 -22.70
CA PHE B 21 -3.60 -20.39 -21.52
C PHE B 21 -2.22 -20.94 -21.20
N ASN B 22 -1.56 -21.58 -22.18
CA ASN B 22 -0.24 -22.15 -21.98
C ASN B 22 0.88 -21.15 -22.24
N ALA B 23 0.64 -19.86 -21.99
CA ALA B 23 1.65 -18.85 -22.29
C ALA B 23 2.78 -18.84 -21.26
N THR B 24 3.94 -18.32 -21.67
CA THR B 24 5.14 -18.31 -20.78
C THR B 24 4.99 -17.28 -19.66
N ARG B 25 4.83 -16.00 -20.03
CA ARG B 25 4.77 -14.93 -19.00
C ARG B 25 3.51 -14.08 -19.20
N PHE B 26 2.63 -14.05 -18.19
CA PHE B 26 1.45 -13.21 -18.21
C PHE B 26 1.80 -11.77 -17.82
N ALA B 27 0.95 -10.84 -18.25
CA ALA B 27 1.16 -9.43 -17.97
C ALA B 27 0.65 -9.07 -16.58
N SER B 28 1.09 -7.89 -16.10
CA SER B 28 0.68 -7.37 -14.81
C SER B 28 -0.81 -7.02 -14.83
N VAL B 29 -1.37 -6.81 -13.63
CA VAL B 29 -2.85 -6.56 -13.52
C VAL B 29 -3.22 -5.29 -14.29
N TYR B 30 -2.57 -4.16 -13.98
CA TYR B 30 -3.00 -2.91 -14.58
C TYR B 30 -2.89 -2.93 -16.10
N ALA B 31 -1.88 -3.62 -16.63
CA ALA B 31 -1.72 -3.77 -18.09
C ALA B 31 -2.27 -5.11 -18.57
N TRP B 32 -3.55 -5.34 -18.29
CA TRP B 32 -4.19 -6.60 -18.67
C TRP B 32 -4.30 -6.71 -20.20
N ASN B 33 -3.66 -7.73 -20.75
CA ASN B 33 -3.67 -7.94 -22.19
C ASN B 33 -4.98 -8.58 -22.61
N ARG B 34 -5.57 -8.06 -23.68
CA ARG B 34 -6.84 -8.56 -24.21
C ARG B 34 -6.58 -9.16 -25.59
N LYS B 35 -7.13 -10.35 -25.82
CA LYS B 35 -6.96 -11.07 -27.08
C LYS B 35 -8.32 -11.35 -27.69
N ARG B 36 -8.50 -10.93 -28.95
CA ARG B 36 -9.73 -11.15 -29.67
C ARG B 36 -9.76 -12.56 -30.25
N ILE B 37 -10.87 -13.27 -30.02
CA ILE B 37 -11.04 -14.66 -30.47
C ILE B 37 -12.20 -14.71 -31.45
N SER B 38 -11.94 -15.23 -32.65
CA SER B 38 -12.93 -15.20 -33.70
C SER B 38 -12.85 -16.48 -34.54
N ASN B 39 -13.93 -16.71 -35.30
CA ASN B 39 -14.08 -17.78 -36.29
C ASN B 39 -13.48 -19.13 -35.90
N CYS B 40 -13.77 -19.54 -34.67
CA CYS B 40 -13.25 -20.85 -34.23
C CYS B 40 -14.27 -21.58 -33.35
N VAL B 41 -14.34 -22.90 -33.49
CA VAL B 41 -15.18 -23.75 -32.66
C VAL B 41 -14.34 -24.30 -31.52
N ALA B 42 -14.83 -24.16 -30.30
CA ALA B 42 -14.12 -24.70 -29.14
C ALA B 42 -15.08 -24.89 -27.97
N SER B 52 -5.61 -28.76 -12.67
CA SER B 52 -4.71 -27.59 -12.88
C SER B 52 -5.42 -26.30 -12.45
N PHE B 53 -6.63 -26.06 -12.95
CA PHE B 53 -7.36 -24.81 -12.62
C PHE B 53 -8.06 -24.99 -11.27
N SER B 54 -7.77 -24.11 -10.32
CA SER B 54 -8.35 -24.23 -8.95
C SER B 54 -9.73 -23.59 -8.89
N THR B 55 -9.95 -22.55 -9.71
CA THR B 55 -11.24 -21.81 -9.67
C THR B 55 -11.75 -21.55 -11.10
N PHE B 56 -12.87 -22.16 -11.46
CA PHE B 56 -13.51 -21.97 -12.76
C PHE B 56 -14.81 -21.21 -12.57
N LYS B 57 -14.72 -20.08 -11.87
CA LYS B 57 -15.89 -19.24 -11.64
C LYS B 57 -16.40 -18.71 -12.96
N CYS B 58 -17.66 -18.99 -13.25
CA CYS B 58 -18.35 -18.53 -14.43
C CYS B 58 -19.65 -17.90 -13.98
N TYR B 59 -19.99 -16.76 -14.56
CA TYR B 59 -21.17 -16.02 -14.12
C TYR B 59 -22.26 -15.94 -15.16
N GLY B 60 -21.95 -15.54 -16.39
CA GLY B 60 -22.96 -15.46 -17.42
C GLY B 60 -23.53 -16.81 -17.82
N PHE B 71 -20.99 -17.04 -30.95
CA PHE B 71 -20.76 -15.69 -30.46
C PHE B 71 -20.37 -14.79 -31.63
N THR B 72 -20.73 -13.51 -31.51
CA THR B 72 -20.26 -12.53 -32.49
C THR B 72 -18.75 -12.37 -32.40
N ASN B 73 -18.24 -12.21 -31.19
CA ASN B 73 -16.80 -12.31 -30.94
C ASN B 73 -16.57 -12.65 -29.49
N VAL B 74 -15.33 -13.01 -29.17
CA VAL B 74 -14.91 -13.34 -27.80
C VAL B 74 -13.55 -12.71 -27.53
N TYR B 75 -13.35 -12.23 -26.31
CA TYR B 75 -12.11 -11.58 -25.92
C TYR B 75 -11.50 -12.29 -24.71
N ALA B 76 -10.19 -12.51 -24.76
CA ALA B 76 -9.45 -13.18 -23.70
C ALA B 76 -8.53 -12.17 -22.99
N ASP B 77 -8.81 -11.92 -21.72
CA ASP B 77 -8.03 -11.00 -20.90
C ASP B 77 -7.20 -11.79 -19.90
N SER B 78 -5.88 -11.56 -19.91
CA SER B 78 -4.94 -12.31 -19.09
C SER B 78 -4.17 -11.36 -18.18
N PHE B 79 -4.24 -11.61 -16.87
CA PHE B 79 -3.47 -10.84 -15.90
C PHE B 79 -3.08 -11.75 -14.73
N VAL B 80 -2.20 -11.25 -13.88
CA VAL B 80 -1.72 -11.98 -12.71
C VAL B 80 -2.10 -11.20 -11.45
N ILE B 81 -2.78 -11.88 -10.53
CA ILE B 81 -3.27 -11.28 -9.29
C ILE B 81 -2.81 -12.09 -8.09
N ARG B 82 -2.94 -11.48 -6.91
CA ARG B 82 -2.75 -12.21 -5.66
C ARG B 82 -3.76 -13.35 -5.57
N GLY B 83 -3.39 -14.40 -4.85
CA GLY B 83 -4.23 -15.57 -4.74
C GLY B 83 -5.65 -15.26 -4.28
N ASP B 84 -5.77 -14.63 -3.12
CA ASP B 84 -7.09 -14.31 -2.58
C ASP B 84 -7.84 -13.26 -3.41
N GLU B 85 -7.13 -12.47 -4.23
CA GLU B 85 -7.79 -11.42 -5.01
C GLU B 85 -8.67 -11.96 -6.12
N VAL B 86 -8.73 -13.28 -6.32
CA VAL B 86 -9.59 -13.84 -7.36
C VAL B 86 -11.04 -13.46 -7.11
N ARG B 87 -11.42 -13.25 -5.85
CA ARG B 87 -12.77 -12.83 -5.52
C ARG B 87 -13.14 -11.50 -6.16
N GLN B 88 -12.16 -10.59 -6.30
CA GLN B 88 -12.45 -9.26 -6.81
C GLN B 88 -12.83 -9.26 -8.29
N ILE B 89 -12.53 -10.33 -9.03
CA ILE B 89 -12.87 -10.38 -10.45
C ILE B 89 -14.25 -11.00 -10.58
N ALA B 90 -15.26 -10.25 -10.12
CA ALA B 90 -16.66 -10.62 -10.26
C ALA B 90 -17.45 -9.33 -10.43
N PRO B 91 -18.59 -9.39 -11.13
CA PRO B 91 -19.40 -8.17 -11.28
C PRO B 91 -19.85 -7.64 -9.92
N GLY B 92 -19.95 -6.33 -9.83
CA GLY B 92 -20.35 -5.69 -8.58
C GLY B 92 -19.47 -6.02 -7.40
N GLN B 93 -18.15 -6.02 -7.65
CA GLN B 93 -17.18 -6.27 -6.56
C GLN B 93 -16.50 -4.95 -6.20
N THR B 94 -16.12 -4.80 -4.94
CA THR B 94 -15.52 -3.56 -4.45
C THR B 94 -14.17 -3.87 -3.80
N GLY B 95 -13.11 -3.41 -4.45
CA GLY B 95 -11.77 -3.50 -3.88
C GLY B 95 -10.81 -2.70 -4.73
N LYS B 96 -9.54 -2.74 -4.35
CA LYS B 96 -8.51 -1.99 -5.10
C LYS B 96 -8.38 -2.58 -6.51
N ILE B 97 -8.41 -3.90 -6.63
CA ILE B 97 -8.25 -4.52 -7.94
C ILE B 97 -9.42 -4.17 -8.85
N ALA B 98 -10.64 -4.45 -8.39
CA ALA B 98 -11.82 -4.22 -9.23
C ALA B 98 -11.99 -2.74 -9.53
N ASP B 99 -12.00 -1.90 -8.50
CA ASP B 99 -12.29 -0.48 -8.70
C ASP B 99 -11.19 0.21 -9.50
N TYR B 100 -9.93 -0.11 -9.25
CA TYR B 100 -8.80 0.59 -9.84
C TYR B 100 -8.04 -0.20 -10.90
N ASN B 101 -7.74 -1.47 -10.65
CA ASN B 101 -6.86 -2.21 -11.55
C ASN B 101 -7.61 -2.75 -12.77
N TYR B 102 -8.52 -3.70 -12.54
CA TYR B 102 -9.26 -4.31 -13.64
C TYR B 102 -10.73 -4.42 -13.24
N LYS B 103 -11.61 -3.78 -14.00
CA LYS B 103 -13.04 -3.76 -13.69
C LYS B 103 -13.82 -4.56 -14.70
N LEU B 104 -14.82 -5.30 -14.21
CA LEU B 104 -15.67 -6.14 -15.03
C LEU B 104 -17.12 -5.64 -15.00
N PRO B 105 -17.78 -5.60 -16.14
CA PRO B 105 -19.17 -5.13 -16.18
C PRO B 105 -20.13 -6.11 -15.50
N ASP B 106 -21.26 -5.57 -15.04
CA ASP B 106 -22.28 -6.43 -14.39
C ASP B 106 -22.83 -7.43 -15.42
N ASP B 107 -22.99 -6.98 -16.67
CA ASP B 107 -23.47 -7.87 -17.74
C ASP B 107 -22.29 -8.64 -18.33
N PHE B 108 -21.75 -9.55 -17.53
CA PHE B 108 -20.62 -10.38 -17.93
C PHE B 108 -21.13 -11.79 -18.21
N THR B 109 -21.13 -12.18 -19.48
CA THR B 109 -21.67 -13.47 -19.90
C THR B 109 -20.59 -14.52 -20.14
N GLY B 110 -19.37 -14.25 -19.68
CA GLY B 110 -18.25 -15.15 -19.87
C GLY B 110 -17.90 -15.94 -18.61
N CYS B 111 -16.74 -16.59 -18.67
CA CYS B 111 -16.21 -17.40 -17.59
C CYS B 111 -14.85 -16.84 -17.16
N VAL B 112 -14.41 -17.24 -15.97
CA VAL B 112 -13.11 -16.86 -15.45
C VAL B 112 -12.36 -18.13 -15.04
N ILE B 113 -11.09 -18.20 -15.40
CA ILE B 113 -10.23 -19.34 -15.07
C ILE B 113 -8.96 -18.82 -14.43
N ALA B 114 -8.60 -19.40 -13.29
CA ALA B 114 -7.44 -18.99 -12.52
C ALA B 114 -6.75 -20.20 -11.95
N TRP B 115 -5.42 -20.27 -12.09
CA TRP B 115 -4.62 -21.34 -11.52
C TRP B 115 -3.45 -20.77 -10.74
N ASN B 116 -3.02 -21.50 -9.72
CA ASN B 116 -1.95 -21.04 -8.86
C ASN B 116 -0.60 -21.28 -9.51
N SER B 117 0.20 -20.21 -9.62
CA SER B 117 1.53 -20.30 -10.20
C SER B 117 2.60 -20.11 -9.14
N ASN B 118 2.48 -20.83 -8.02
CA ASN B 118 3.43 -20.67 -6.92
C ASN B 118 4.85 -20.98 -7.37
N ASN B 119 5.03 -22.13 -8.02
CA ASN B 119 6.36 -22.54 -8.48
C ASN B 119 6.79 -21.85 -9.77
N LEU B 120 5.86 -21.15 -10.43
CA LEU B 120 6.12 -20.50 -11.71
C LEU B 120 6.48 -19.02 -11.58
N ASP B 121 5.72 -18.27 -10.79
CA ASP B 121 5.88 -16.82 -10.73
C ASP B 121 6.20 -16.34 -9.32
N SER B 122 7.15 -16.99 -8.66
CA SER B 122 7.64 -16.58 -7.35
C SER B 122 9.15 -16.63 -7.35
N LYS B 123 9.76 -15.44 -7.22
CA LYS B 123 11.24 -15.36 -7.10
C LYS B 123 11.56 -15.46 -5.61
N VAL B 124 12.74 -15.96 -5.26
CA VAL B 124 13.10 -16.20 -3.86
C VAL B 124 13.16 -14.89 -3.08
N GLY B 125 13.81 -13.87 -3.63
CA GLY B 125 13.80 -12.57 -3.01
C GLY B 125 12.52 -11.79 -3.19
N GLY B 126 11.55 -12.33 -3.92
CA GLY B 126 10.34 -11.61 -4.22
C GLY B 126 10.35 -11.15 -5.66
N ASN B 127 9.38 -11.60 -6.46
CA ASN B 127 9.31 -11.23 -7.87
C ASN B 127 8.43 -9.99 -7.95
N TYR B 128 9.08 -8.83 -7.78
CA TYR B 128 8.39 -7.54 -7.77
C TYR B 128 8.05 -7.05 -9.17
N ASN B 129 8.14 -7.90 -10.18
CA ASN B 129 7.79 -7.49 -11.53
C ASN B 129 6.31 -7.20 -11.66
N TYR B 130 5.49 -7.85 -10.84
CA TYR B 130 4.05 -7.66 -10.89
C TYR B 130 3.67 -6.48 -10.03
N LEU B 131 2.73 -5.67 -10.53
CA LEU B 131 2.35 -4.42 -9.90
C LEU B 131 0.84 -4.25 -9.93
N TYR B 132 0.32 -3.49 -8.96
CA TYR B 132 -1.10 -3.17 -8.91
C TYR B 132 -1.29 -1.70 -8.58
N ARG B 133 -2.46 -1.18 -8.95
CA ARG B 133 -2.78 0.25 -8.83
C ARG B 133 -3.57 0.48 -7.55
N LEU B 134 -2.96 1.15 -6.57
CA LEU B 134 -3.64 1.36 -5.27
C LEU B 134 -4.25 2.76 -5.18
N PHE B 135 -3.76 3.71 -5.99
CA PHE B 135 -4.25 5.08 -5.95
C PHE B 135 -4.77 5.48 -7.33
N ARG B 136 -6.03 5.91 -7.37
CA ARG B 136 -6.65 6.46 -8.57
C ARG B 136 -7.73 7.45 -8.16
N LYS B 137 -7.90 8.51 -8.95
CA LYS B 137 -8.88 9.58 -8.59
C LYS B 137 -10.31 9.00 -8.62
N SER B 138 -10.66 8.29 -9.69
CA SER B 138 -12.01 7.74 -9.84
C SER B 138 -11.92 6.26 -10.15
N ASN B 139 -13.02 5.55 -9.90
CA ASN B 139 -13.06 4.12 -10.16
C ASN B 139 -13.01 3.84 -11.66
N LEU B 140 -12.53 2.65 -12.00
CA LEU B 140 -12.34 2.27 -13.39
C LEU B 140 -13.67 1.92 -14.05
N LYS B 141 -13.84 2.42 -15.27
CA LYS B 141 -14.95 1.96 -16.10
C LYS B 141 -14.74 0.49 -16.44
N PRO B 142 -15.82 -0.26 -16.68
CA PRO B 142 -15.66 -1.68 -17.03
C PRO B 142 -14.89 -1.83 -18.34
N PHE B 143 -13.87 -2.70 -18.31
CA PHE B 143 -12.95 -2.98 -19.41
C PHE B 143 -12.07 -1.79 -19.77
N GLU B 144 -12.01 -0.76 -18.93
CA GLU B 144 -11.04 0.30 -19.14
C GLU B 144 -9.68 -0.15 -18.60
N ARG B 145 -8.62 0.39 -19.21
CA ARG B 145 -7.25 0.03 -18.84
C ARG B 145 -6.43 1.28 -18.65
N ASP B 146 -5.77 1.37 -17.50
CA ASP B 146 -4.99 2.55 -17.11
C ASP B 146 -3.56 2.11 -16.85
N ILE B 147 -2.64 2.55 -17.71
CA ILE B 147 -1.20 2.20 -17.53
C ILE B 147 -0.45 3.49 -17.13
N SER B 148 -1.16 4.46 -16.53
CA SER B 148 -0.53 5.72 -16.19
C SER B 148 0.37 5.55 -14.97
N THR B 149 1.51 6.26 -14.98
CA THR B 149 2.46 6.18 -13.84
C THR B 149 2.58 7.56 -13.17
N GLU B 150 1.53 8.38 -13.29
CA GLU B 150 1.56 9.76 -12.74
C GLU B 150 1.36 9.73 -11.22
N ILE B 151 2.19 10.47 -10.48
CA ILE B 151 2.10 10.50 -9.03
C ILE B 151 0.74 11.02 -8.61
N TYR B 152 0.11 10.32 -7.67
CA TYR B 152 -1.23 10.68 -7.19
C TYR B 152 -1.24 12.05 -6.53
N GLN B 153 -1.98 12.99 -7.15
CA GLN B 153 -2.06 14.38 -6.63
C GLN B 153 -3.11 14.45 -5.52
N ALA B 154 -2.72 14.12 -4.29
CA ALA B 154 -3.61 14.15 -3.15
C ALA B 154 -3.84 15.58 -2.68
N GLY B 155 -2.76 16.32 -2.40
CA GLY B 155 -2.88 17.66 -1.90
C GLY B 155 -3.21 18.69 -2.95
N SER B 156 -3.30 19.94 -2.51
CA SER B 156 -3.58 21.04 -3.44
C SER B 156 -2.31 21.70 -3.97
N THR B 157 -1.14 21.10 -3.72
CA THR B 157 0.13 21.61 -4.22
C THR B 157 0.69 20.62 -5.23
N PRO B 158 1.15 21.07 -6.39
CA PRO B 158 1.51 20.13 -7.45
C PRO B 158 2.74 19.28 -7.10
N CYS B 159 2.64 18.00 -7.45
CA CYS B 159 3.79 17.08 -7.22
C CYS B 159 4.62 17.07 -8.49
N ASN B 160 5.71 17.84 -8.52
CA ASN B 160 6.51 17.98 -9.76
C ASN B 160 7.43 16.76 -9.92
N GLY B 161 6.83 15.58 -10.16
CA GLY B 161 7.62 14.34 -10.30
C GLY B 161 8.47 14.06 -9.09
N VAL B 162 7.98 14.37 -7.90
CA VAL B 162 8.74 14.12 -6.64
C VAL B 162 7.80 13.51 -5.59
N GLU B 163 8.08 12.28 -5.15
CA GLU B 163 7.27 11.70 -4.09
C GLU B 163 7.63 12.33 -2.76
N GLY B 164 6.61 12.80 -2.03
CA GLY B 164 6.79 13.42 -0.74
C GLY B 164 5.49 13.47 0.03
N PHE B 165 5.22 14.58 0.71
CA PHE B 165 3.95 14.69 1.42
C PHE B 165 2.83 14.94 0.41
N ASN B 166 1.73 14.21 0.56
CA ASN B 166 0.55 14.31 -0.32
C ASN B 166 0.87 13.95 -1.77
N CYS B 167 2.00 13.29 -2.01
CA CYS B 167 2.43 12.89 -3.35
C CYS B 167 2.89 11.44 -3.27
N TYR B 168 2.06 10.51 -3.75
CA TYR B 168 2.33 9.08 -3.62
C TYR B 168 2.27 8.41 -4.98
N PHE B 169 3.17 7.45 -5.20
CA PHE B 169 3.23 6.74 -6.46
C PHE B 169 2.00 5.85 -6.62
N PRO B 170 1.41 5.81 -7.82
CA PRO B 170 0.12 5.11 -7.98
C PRO B 170 0.21 3.59 -7.94
N LEU B 171 1.37 3.01 -8.18
CA LEU B 171 1.51 1.57 -8.31
C LEU B 171 2.37 0.99 -7.20
N GLN B 172 1.99 -0.18 -6.70
CA GLN B 172 2.74 -0.90 -5.70
C GLN B 172 3.10 -2.28 -6.25
N SER B 173 4.20 -2.83 -5.72
CA SER B 173 4.74 -4.10 -6.22
C SER B 173 4.27 -5.31 -5.42
N TYR B 174 3.82 -6.35 -6.11
CA TYR B 174 3.47 -7.61 -5.47
C TYR B 174 4.73 -8.31 -4.97
N GLY B 175 4.91 -8.36 -3.65
CA GLY B 175 5.93 -9.23 -3.11
C GLY B 175 5.56 -10.69 -3.33
N PHE B 176 6.31 -11.40 -4.18
CA PHE B 176 5.94 -12.76 -4.56
C PHE B 176 7.09 -13.70 -4.25
N GLN B 177 6.99 -14.37 -3.10
CA GLN B 177 7.93 -15.39 -2.64
C GLN B 177 7.23 -16.74 -2.57
N PRO B 178 7.91 -17.83 -2.95
CA PRO B 178 7.28 -19.15 -2.88
C PRO B 178 6.94 -19.59 -1.47
N THR B 179 7.59 -19.01 -0.45
CA THR B 179 7.30 -19.32 0.94
C THR B 179 6.08 -18.59 1.48
N ASN B 180 5.46 -17.73 0.67
CA ASN B 180 4.28 -17.00 1.12
C ASN B 180 3.13 -17.96 1.44
N GLY B 181 2.16 -17.46 2.19
CA GLY B 181 0.96 -18.22 2.46
C GLY B 181 0.17 -18.51 1.20
N VAL B 182 -0.83 -19.38 1.35
CA VAL B 182 -1.67 -19.75 0.21
C VAL B 182 -2.35 -18.53 -0.39
N GLY B 183 -2.83 -17.62 0.47
CA GLY B 183 -3.46 -16.41 -0.02
C GLY B 183 -2.52 -15.54 -0.84
N TYR B 184 -1.32 -15.32 -0.32
CA TYR B 184 -0.35 -14.40 -0.98
C TYR B 184 0.40 -15.07 -2.15
N GLN B 185 0.13 -16.35 -2.42
CA GLN B 185 0.77 -16.99 -3.55
C GLN B 185 0.15 -16.49 -4.86
N PRO B 186 0.94 -16.29 -5.90
CA PRO B 186 0.39 -15.77 -7.16
C PRO B 186 -0.49 -16.78 -7.87
N TYR B 187 -1.60 -16.30 -8.42
CA TYR B 187 -2.54 -17.10 -9.19
C TYR B 187 -2.69 -16.46 -10.57
N ARG B 188 -2.25 -17.17 -11.61
CA ARG B 188 -2.48 -16.69 -12.97
C ARG B 188 -3.95 -16.88 -13.34
N VAL B 189 -4.55 -15.85 -13.92
CA VAL B 189 -5.97 -15.85 -14.28
C VAL B 189 -6.13 -15.34 -15.71
N VAL B 190 -7.02 -15.98 -16.47
CA VAL B 190 -7.40 -15.55 -17.81
C VAL B 190 -8.91 -15.40 -17.84
N VAL B 191 -9.39 -14.28 -18.37
CA VAL B 191 -10.82 -13.97 -18.43
C VAL B 191 -11.28 -14.08 -19.87
N LEU B 192 -12.36 -14.83 -20.08
CA LEU B 192 -13.00 -14.98 -21.39
C LEU B 192 -14.33 -14.23 -21.37
N SER B 193 -14.51 -13.31 -22.31
CA SER B 193 -15.71 -12.47 -22.36
C SER B 193 -16.37 -12.65 -23.72
N PHE B 194 -17.65 -13.01 -23.70
CA PHE B 194 -18.41 -13.23 -24.92
C PHE B 194 -19.09 -11.94 -25.37
N GLU B 195 -19.06 -11.68 -26.68
CA GLU B 195 -19.70 -10.53 -27.28
C GLU B 195 -20.69 -11.01 -28.33
N LEU B 196 -21.94 -10.57 -28.22
CA LEU B 196 -23.00 -10.93 -29.15
C LEU B 196 -23.60 -9.66 -29.74
N HIS B 198 -25.60 -7.85 -33.58
CA HIS B 198 -26.43 -8.15 -34.74
C HIS B 198 -25.60 -8.65 -35.91
N ALA B 199 -24.29 -8.44 -35.87
CA ALA B 199 -23.39 -8.95 -36.88
C ALA B 199 -23.39 -10.47 -36.88
N PRO B 200 -22.97 -11.11 -37.98
CA PRO B 200 -22.94 -12.58 -38.01
C PRO B 200 -22.01 -13.14 -36.96
N ALA B 201 -22.53 -14.09 -36.18
CA ALA B 201 -21.73 -14.76 -35.16
C ALA B 201 -20.69 -15.65 -35.80
N THR B 202 -19.41 -15.36 -35.57
CA THR B 202 -18.34 -16.05 -36.26
C THR B 202 -17.69 -17.15 -35.42
N VAL B 203 -17.65 -16.97 -34.10
CA VAL B 203 -16.98 -17.96 -33.20
C VAL B 203 -18.05 -18.82 -32.52
N CYS B 204 -17.97 -20.14 -32.67
CA CYS B 204 -18.95 -21.05 -32.09
C CYS B 204 -18.26 -22.11 -31.23
N LEU C 14 -19.73 78.01 -6.62
CA LEU C 14 -20.60 77.69 -7.74
C LEU C 14 -21.21 76.30 -7.54
N CYS C 15 -20.77 75.60 -6.50
CA CYS C 15 -21.20 74.23 -6.26
C CYS C 15 -21.28 73.95 -4.77
N PRO C 16 -22.44 74.20 -4.15
CA PRO C 16 -22.61 73.85 -2.74
C PRO C 16 -22.88 72.36 -2.57
N PHE C 17 -22.19 71.53 -3.35
CA PHE C 17 -22.30 70.08 -3.24
C PHE C 17 -23.74 69.64 -3.48
N GLY C 18 -24.51 70.47 -4.17
CA GLY C 18 -25.89 70.14 -4.46
C GLY C 18 -26.66 70.10 -3.15
N GLU C 19 -27.26 68.94 -2.87
CA GLU C 19 -28.01 68.74 -1.65
C GLU C 19 -27.72 67.30 -1.21
N VAL C 20 -26.43 67.04 -0.98
CA VAL C 20 -26.00 65.73 -0.53
C VAL C 20 -25.95 65.67 0.99
N PHE C 21 -25.29 66.65 1.63
CA PHE C 21 -25.21 66.64 3.08
C PHE C 21 -26.58 66.85 3.70
N ASN C 22 -27.27 67.90 3.29
CA ASN C 22 -28.58 68.25 3.83
C ASN C 22 -29.72 67.52 3.14
N ALA C 23 -29.48 66.33 2.62
CA ALA C 23 -30.53 65.58 1.93
C ALA C 23 -31.54 65.04 2.94
N THR C 24 -32.76 64.81 2.46
CA THR C 24 -33.82 64.32 3.33
C THR C 24 -33.49 62.94 3.88
N ARG C 25 -33.42 61.96 2.99
CA ARG C 25 -33.18 60.55 3.44
C ARG C 25 -32.01 59.95 2.68
N PHE C 26 -30.96 59.54 3.40
CA PHE C 26 -29.82 58.89 2.78
C PHE C 26 -30.17 57.44 2.44
N ALA C 27 -29.46 56.89 1.47
CA ALA C 27 -29.70 55.52 1.05
C ALA C 27 -28.99 54.53 1.99
N SER C 28 -29.42 53.28 1.92
CA SER C 28 -28.85 52.23 2.74
C SER C 28 -27.40 51.94 2.34
N VAL C 29 -26.68 51.22 3.20
CA VAL C 29 -25.22 50.97 2.95
C VAL C 29 -25.03 50.24 1.62
N TYR C 30 -25.70 49.10 1.44
CA TYR C 30 -25.45 48.31 0.23
C TYR C 30 -25.78 49.09 -1.03
N ALA C 31 -26.82 49.92 -0.98
CA ALA C 31 -27.18 50.78 -2.10
C ALA C 31 -26.66 52.20 -1.88
N TRP C 32 -25.35 52.30 -1.65
CA TRP C 32 -24.72 53.60 -1.39
C TRP C 32 -24.81 54.48 -2.64
N ASN C 33 -25.50 55.60 -2.52
CA ASN C 33 -25.69 56.49 -3.66
C ASN C 33 -24.45 57.33 -3.91
N ARG C 34 -24.07 57.43 -5.17
CA ARG C 34 -22.92 58.22 -5.62
C ARG C 34 -23.41 59.37 -6.47
N LYS C 35 -22.89 60.57 -6.22
CA LYS C 35 -23.27 61.77 -6.95
C LYS C 35 -22.03 62.37 -7.60
N ARG C 36 -22.09 62.58 -8.92
CA ARG C 36 -21.00 63.24 -9.62
C ARG C 36 -21.14 64.75 -9.48
N ILE C 37 -20.06 65.39 -8.98
CA ILE C 37 -20.04 66.88 -8.80
C ILE C 37 -18.90 67.42 -9.68
N SER C 38 -19.20 68.29 -10.64
CA SER C 38 -18.21 68.75 -11.61
C SER C 38 -18.42 70.22 -11.93
N ASN C 39 -17.44 70.78 -12.64
CA ASN C 39 -17.45 72.08 -13.30
C ASN C 39 -17.22 73.25 -12.34
N CYS C 40 -17.04 72.96 -11.05
CA CYS C 40 -16.90 74.09 -10.10
C CYS C 40 -15.89 73.77 -9.02
N VAL C 41 -15.19 74.80 -8.54
CA VAL C 41 -14.23 74.64 -7.46
C VAL C 41 -14.91 74.85 -6.11
N SER C 52 -21.11 69.78 14.10
CA SER C 52 -22.05 69.31 13.09
C SER C 52 -21.54 68.05 12.39
N PHE C 53 -20.22 67.86 12.39
CA PHE C 53 -19.57 66.77 11.67
C PHE C 53 -18.68 66.02 12.67
N SER C 54 -19.18 64.87 13.13
CA SER C 54 -18.49 64.13 14.19
C SER C 54 -17.06 63.78 13.79
N THR C 55 -16.88 63.13 12.64
CA THR C 55 -15.57 62.66 12.19
C THR C 55 -15.29 63.23 10.81
N PHE C 56 -14.27 64.11 10.72
CA PHE C 56 -13.89 64.69 9.45
C PHE C 56 -12.51 64.18 9.04
N LYS C 57 -12.30 62.87 9.09
CA LYS C 57 -11.01 62.28 8.74
C LYS C 57 -10.67 62.48 7.26
N CYS C 58 -9.44 62.93 7.01
CA CYS C 58 -8.95 63.21 5.66
C CYS C 58 -7.66 62.42 5.39
N TYR C 59 -7.61 61.81 4.20
CA TYR C 59 -6.47 60.97 3.82
C TYR C 59 -5.72 61.56 2.63
N ASN C 73 -12.06 64.56 -11.18
CA ASN C 73 -13.42 64.25 -10.79
C ASN C 73 -13.54 64.11 -9.27
N VAL C 74 -14.74 64.35 -8.74
CA VAL C 74 -15.01 64.14 -7.32
C VAL C 74 -16.39 63.48 -7.21
N TYR C 75 -16.50 62.54 -6.29
CA TYR C 75 -17.72 61.76 -6.12
C TYR C 75 -18.20 61.85 -4.69
N ALA C 76 -19.51 62.04 -4.51
CA ALA C 76 -20.12 62.11 -3.19
C ALA C 76 -20.92 60.83 -2.99
N ASP C 77 -20.48 60.01 -2.04
CA ASP C 77 -21.13 58.74 -1.74
C ASP C 77 -21.85 58.88 -0.40
N SER C 78 -23.15 58.59 -0.40
CA SER C 78 -23.99 58.79 0.77
C SER C 78 -24.61 57.47 1.18
N PHE C 79 -24.37 57.06 2.42
CA PHE C 79 -24.97 55.87 2.99
C PHE C 79 -25.19 56.10 4.48
N VAL C 80 -25.93 55.19 5.09
CA VAL C 80 -26.23 55.23 6.52
C VAL C 80 -25.68 53.96 7.16
N ILE C 81 -24.84 54.12 8.18
CA ILE C 81 -24.22 52.98 8.85
C ILE C 81 -24.53 53.08 10.34
N ARG C 82 -24.28 51.96 11.03
CA ARG C 82 -24.31 51.98 12.49
C ARG C 82 -23.22 52.92 13.00
N GLY C 83 -23.47 53.48 14.18
CA GLY C 83 -22.56 54.44 14.77
C GLY C 83 -21.11 54.01 14.90
N ASP C 84 -20.87 52.89 15.58
CA ASP C 84 -19.50 52.42 15.79
C ASP C 84 -18.79 52.03 14.50
N GLU C 85 -19.56 51.74 13.45
CA GLU C 85 -18.94 51.23 12.19
C GLU C 85 -18.28 52.36 11.38
N VAL C 86 -18.20 53.58 11.94
CA VAL C 86 -17.48 54.69 11.25
C VAL C 86 -16.04 54.26 10.99
N ARG C 87 -15.48 53.45 11.87
CA ARG C 87 -14.10 52.96 11.72
C ARG C 87 -13.93 52.14 10.45
N GLN C 88 -14.97 51.38 10.06
CA GLN C 88 -14.86 50.49 8.93
C GLN C 88 -14.76 51.23 7.60
N ILE C 89 -15.13 52.51 7.57
CA ILE C 89 -15.06 53.28 6.34
C ILE C 89 -13.69 53.96 6.29
N ALA C 90 -12.65 53.15 6.14
CA ALA C 90 -11.29 53.65 5.98
C ALA C 90 -10.55 52.68 5.07
N PRO C 91 -9.54 53.15 4.33
CA PRO C 91 -8.79 52.24 3.46
C PRO C 91 -8.12 51.13 4.26
N GLY C 92 -8.03 49.96 3.64
CA GLY C 92 -7.41 48.79 4.24
C GLY C 92 -8.01 48.38 5.57
N GLN C 93 -9.33 48.43 5.70
CA GLN C 93 -10.01 48.00 6.91
C GLN C 93 -10.85 46.75 6.61
N THR C 94 -10.86 45.84 7.58
CA THR C 94 -11.55 44.53 7.37
C THR C 94 -12.71 44.37 8.36
N GLY C 95 -13.95 44.39 7.85
CA GLY C 95 -15.13 44.16 8.64
C GLY C 95 -16.32 43.89 7.75
N LYS C 96 -17.49 43.79 8.38
CA LYS C 96 -18.69 43.45 7.62
C LYS C 96 -19.11 44.60 6.70
N ILE C 97 -18.91 45.85 7.13
CA ILE C 97 -19.23 46.99 6.27
C ILE C 97 -18.26 47.07 5.10
N ALA C 98 -16.97 47.14 5.40
CA ALA C 98 -15.97 47.33 4.36
C ALA C 98 -15.93 46.16 3.38
N ASP C 99 -15.80 44.94 3.91
CA ASP C 99 -15.62 43.78 3.05
C ASP C 99 -16.87 43.51 2.20
N TYR C 100 -18.06 43.69 2.77
CA TYR C 100 -19.29 43.27 2.12
C TYR C 100 -20.12 44.42 1.58
N ASN C 101 -20.33 45.47 2.38
CA ASN C 101 -21.29 46.52 2.01
C ASN C 101 -20.66 47.58 1.11
N TYR C 102 -19.70 48.33 1.65
CA TYR C 102 -19.06 49.41 0.92
C TYR C 102 -17.55 49.33 1.15
N LYS C 103 -16.79 49.15 0.08
CA LYS C 103 -15.36 49.01 0.15
C LYS C 103 -14.69 50.26 -0.40
N LEU C 104 -13.61 50.67 0.24
CA LEU C 104 -12.85 51.86 -0.12
C LEU C 104 -11.46 51.45 -0.61
N PRO C 105 -10.94 52.09 -1.65
CA PRO C 105 -9.62 51.70 -2.15
C PRO C 105 -8.54 52.02 -1.14
N ASP C 106 -7.45 51.24 -1.17
CA ASP C 106 -6.33 51.45 -0.22
C ASP C 106 -5.71 52.83 -0.45
N ASP C 107 -5.53 53.22 -1.71
CA ASP C 107 -4.99 54.54 -2.04
C ASP C 107 -6.11 55.56 -2.23
N PHE C 108 -6.92 55.73 -1.19
CA PHE C 108 -8.05 56.64 -1.25
C PHE C 108 -7.58 58.06 -0.94
N THR C 109 -7.77 58.96 -1.90
CA THR C 109 -7.42 60.36 -1.76
C THR C 109 -8.71 61.14 -1.57
N GLY C 110 -9.00 61.52 -0.33
CA GLY C 110 -10.20 62.27 -0.04
C GLY C 110 -10.43 62.34 1.46
N CYS C 111 -11.67 62.66 1.80
CA CYS C 111 -12.08 62.86 3.18
C CYS C 111 -13.37 62.09 3.42
N VAL C 112 -13.67 61.86 4.69
CA VAL C 112 -14.91 61.22 5.10
C VAL C 112 -15.59 62.11 6.12
N ILE C 113 -16.90 62.27 5.98
CA ILE C 113 -17.69 63.13 6.85
C ILE C 113 -18.85 62.31 7.41
N ALA C 114 -19.04 62.37 8.72
CA ALA C 114 -20.07 61.59 9.39
C ALA C 114 -20.72 62.40 10.49
N TRP C 115 -22.05 62.41 10.53
CA TRP C 115 -22.82 63.04 11.59
C TRP C 115 -23.87 62.08 12.10
N ASN C 116 -24.19 62.21 13.39
CA ASN C 116 -25.13 61.31 14.04
C ASN C 116 -26.57 61.72 13.74
N SER C 117 -27.36 60.77 13.22
CA SER C 117 -28.76 61.02 12.94
C SER C 117 -29.67 60.24 13.89
N ASN C 118 -29.39 60.32 15.18
CA ASN C 118 -30.18 59.57 16.16
C ASN C 118 -31.64 60.00 16.15
N ASN C 119 -31.89 61.30 16.26
CA ASN C 119 -33.27 61.78 16.26
C ASN C 119 -33.86 61.88 14.87
N LEU C 120 -33.07 61.67 13.81
CA LEU C 120 -33.57 61.90 12.47
C LEU C 120 -34.15 60.64 11.82
N ASP C 121 -33.41 59.53 11.85
CA ASP C 121 -33.89 58.30 11.15
C ASP C 121 -33.98 57.11 12.12
N SER C 122 -34.48 57.34 13.34
CA SER C 122 -34.68 56.28 14.33
C SER C 122 -36.11 56.35 14.83
N LYS C 123 -36.89 55.32 14.55
CA LYS C 123 -38.24 55.19 15.07
C LYS C 123 -38.24 54.38 16.36
N VAL C 124 -39.17 54.74 17.26
CA VAL C 124 -39.20 54.14 18.59
C VAL C 124 -39.44 52.63 18.49
N GLY C 125 -40.39 52.22 17.66
CA GLY C 125 -40.62 50.80 17.44
C GLY C 125 -39.56 50.11 16.62
N GLY C 126 -38.56 50.84 16.12
CA GLY C 126 -37.51 50.27 15.31
C GLY C 126 -37.62 50.63 13.84
N ASN C 127 -36.62 51.34 13.33
CA ASN C 127 -36.59 51.74 11.93
C ASN C 127 -35.76 50.72 11.16
N TYR C 128 -36.40 49.63 10.77
CA TYR C 128 -35.73 48.54 10.08
C TYR C 128 -35.54 48.82 8.60
N ASN C 129 -35.75 50.07 8.17
CA ASN C 129 -35.64 50.41 6.75
C ASN C 129 -34.21 50.27 6.24
N TYR C 130 -33.22 50.47 7.10
CA TYR C 130 -31.82 50.38 6.70
C TYR C 130 -31.35 48.95 6.78
N LEU C 131 -30.51 48.55 5.82
CA LEU C 131 -30.06 47.16 5.72
C LEU C 131 -28.56 47.14 5.46
N TYR C 132 -27.93 46.02 5.84
CA TYR C 132 -26.52 45.81 5.59
C TYR C 132 -26.30 44.39 5.09
N ARG C 133 -25.17 44.19 4.40
CA ARG C 133 -24.84 42.94 3.75
C ARG C 133 -23.94 42.12 4.68
N LEU C 134 -24.50 41.06 5.26
CA LEU C 134 -23.73 40.23 6.17
C LEU C 134 -23.11 39.01 5.49
N PHE C 135 -23.71 38.52 4.40
CA PHE C 135 -23.25 37.32 3.72
C PHE C 135 -22.92 37.62 2.27
N ARG C 136 -21.69 37.31 1.87
CA ARG C 136 -21.24 37.49 0.46
C ARG C 136 -20.10 36.50 0.22
N LYS C 137 -20.08 35.84 -0.94
CA LYS C 137 -19.09 34.80 -1.21
C LYS C 137 -17.67 35.38 -1.29
N SER C 138 -17.50 36.53 -1.92
CA SER C 138 -16.19 37.13 -2.08
C SER C 138 -16.21 38.58 -1.62
N ASN C 139 -15.00 39.08 -1.34
CA ASN C 139 -14.83 40.46 -0.86
C ASN C 139 -15.23 41.46 -1.93
N LEU C 140 -15.56 42.68 -1.51
CA LEU C 140 -15.95 43.73 -2.44
C LEU C 140 -14.73 44.40 -3.06
N LYS C 141 -14.79 44.61 -4.38
CA LYS C 141 -13.82 45.47 -5.03
C LYS C 141 -14.00 46.92 -4.53
N PRO C 142 -12.93 47.71 -4.54
CA PRO C 142 -13.06 49.11 -4.12
C PRO C 142 -14.04 49.87 -5.01
N PHE C 143 -14.98 50.56 -4.37
CA PHE C 143 -16.04 51.33 -5.02
C PHE C 143 -17.03 50.45 -5.76
N GLU C 144 -17.01 49.13 -5.51
CA GLU C 144 -18.02 48.25 -6.05
C GLU C 144 -19.31 48.35 -5.23
N ARG C 145 -20.44 48.10 -5.88
CA ARG C 145 -21.74 48.27 -5.28
C ARG C 145 -22.58 47.02 -5.55
N ASP C 146 -23.15 46.46 -4.48
CA ASP C 146 -23.88 45.19 -4.57
C ASP C 146 -25.32 45.41 -4.10
N ILE C 147 -26.27 45.25 -5.02
CA ILE C 147 -27.71 45.41 -4.68
C ILE C 147 -28.41 44.05 -4.85
N SER C 148 -27.65 42.95 -4.79
CA SER C 148 -28.25 41.63 -4.98
C SER C 148 -29.01 41.18 -3.75
N THR C 149 -30.14 40.50 -3.97
CA THR C 149 -30.96 40.01 -2.83
C THR C 149 -31.09 38.48 -2.88
N GLU C 150 -30.11 37.81 -3.51
CA GLU C 150 -30.15 36.33 -3.66
C GLU C 150 -29.75 35.65 -2.35
N ILE C 151 -30.48 34.61 -1.94
CA ILE C 151 -30.20 33.90 -0.70
C ILE C 151 -28.80 33.32 -0.74
N TYR C 152 -28.03 33.55 0.33
CA TYR C 152 -26.67 33.04 0.44
C TYR C 152 -26.64 31.53 0.50
N GLN C 153 -26.06 30.92 -0.54
CA GLN C 153 -25.94 29.47 -0.64
C GLN C 153 -24.65 29.04 0.06
N ALA C 154 -24.78 28.65 1.33
CA ALA C 154 -23.61 28.19 2.07
C ALA C 154 -23.25 26.76 1.67
N GLY C 155 -24.18 25.84 1.82
CA GLY C 155 -23.92 24.46 1.46
C GLY C 155 -23.94 24.26 -0.03
N SER C 156 -23.70 23.01 -0.44
CA SER C 156 -23.72 22.65 -1.86
C SER C 156 -25.12 22.19 -2.26
N THR C 157 -26.10 23.06 -1.99
CA THR C 157 -27.50 22.78 -2.33
C THR C 157 -28.18 24.00 -2.94
N PRO C 158 -28.82 23.86 -4.09
CA PRO C 158 -29.42 25.04 -4.74
C PRO C 158 -30.69 25.51 -4.05
N CYS C 159 -30.50 26.57 -3.24
CA CYS C 159 -31.67 27.18 -2.54
C CYS C 159 -32.38 28.10 -3.52
N ASN C 160 -33.57 27.70 -3.93
CA ASN C 160 -34.40 28.39 -4.91
C ASN C 160 -35.44 29.26 -4.22
N GLY C 161 -34.96 30.36 -3.62
CA GLY C 161 -35.85 31.30 -2.98
C GLY C 161 -36.54 30.79 -1.74
N VAL C 162 -35.88 29.88 -1.03
CA VAL C 162 -36.45 29.30 0.23
C VAL C 162 -35.40 29.42 1.35
N GLU C 163 -35.62 30.31 2.32
CA GLU C 163 -34.69 30.45 3.42
C GLU C 163 -34.85 29.30 4.40
N GLY C 164 -33.74 28.65 4.73
CA GLY C 164 -33.78 27.54 5.68
C GLY C 164 -32.41 27.18 6.21
N PHE C 165 -32.15 25.88 6.33
CA PHE C 165 -30.83 25.43 6.74
C PHE C 165 -29.83 25.63 5.60
N ASN C 166 -28.66 26.16 5.95
CA ASN C 166 -27.58 26.47 5.01
C ASN C 166 -28.00 27.50 3.97
N CYS C 167 -29.13 28.18 4.17
CA CYS C 167 -29.64 29.17 3.21
C CYS C 167 -30.12 30.37 4.00
N TYR C 168 -29.34 31.44 3.97
CA TYR C 168 -29.61 32.63 4.78
C TYR C 168 -29.68 33.85 3.89
N PHE C 169 -30.60 34.75 4.23
CA PHE C 169 -30.79 35.96 3.43
C PHE C 169 -29.55 36.86 3.55
N PRO C 170 -29.11 37.47 2.45
CA PRO C 170 -27.83 38.20 2.48
C PRO C 170 -27.88 39.50 3.26
N LEU C 171 -29.06 40.07 3.45
CA LEU C 171 -29.18 41.38 4.07
C LEU C 171 -29.93 41.28 5.40
N GLN C 172 -29.42 42.03 6.38
CA GLN C 172 -30.10 42.11 7.69
C GLN C 172 -30.48 43.57 7.90
N SER C 173 -31.42 43.85 8.79
CA SER C 173 -31.95 45.18 9.02
C SER C 173 -31.33 45.78 10.27
N TYR C 174 -30.88 47.03 10.17
CA TYR C 174 -30.41 47.77 11.33
C TYR C 174 -31.60 48.09 12.23
N GLY C 175 -31.66 47.46 13.40
CA GLY C 175 -32.62 47.90 14.38
C GLY C 175 -32.24 49.29 14.85
N PHE C 176 -33.05 50.28 14.52
CA PHE C 176 -32.72 51.68 14.77
C PHE C 176 -33.81 52.31 15.63
N GLN C 177 -33.55 52.35 16.94
CA GLN C 177 -34.40 52.99 17.91
C GLN C 177 -33.67 54.17 18.54
N PRO C 178 -34.34 55.28 18.79
CA PRO C 178 -33.65 56.43 19.42
C PRO C 178 -33.15 56.12 20.82
N THR C 179 -33.70 55.10 21.48
CA THR C 179 -33.25 54.71 22.80
C THR C 179 -32.00 53.84 22.78
N ASN C 180 -31.49 53.50 21.60
CA ASN C 180 -30.29 52.68 21.50
C ASN C 180 -29.09 53.39 22.11
N GLY C 181 -28.06 52.63 22.43
CA GLY C 181 -26.81 53.21 22.90
C GLY C 181 -26.16 54.09 21.85
N VAL C 182 -25.15 54.83 22.30
CA VAL C 182 -24.44 55.75 21.41
C VAL C 182 -23.81 55.00 20.24
N GLY C 183 -23.25 53.82 20.51
CA GLY C 183 -22.63 53.04 19.46
C GLY C 183 -23.59 52.63 18.36
N TYR C 184 -24.74 52.07 18.74
CA TYR C 184 -25.68 51.56 17.75
C TYR C 184 -26.50 52.65 17.07
N GLN C 185 -26.38 53.90 17.53
CA GLN C 185 -27.18 54.97 16.93
C GLN C 185 -26.73 55.22 15.49
N PRO C 186 -27.67 55.52 14.59
CA PRO C 186 -27.30 55.72 13.18
C PRO C 186 -26.51 57.00 12.97
N TYR C 187 -25.48 56.90 12.12
CA TYR C 187 -24.64 58.03 11.74
C TYR C 187 -24.68 58.20 10.23
N ARG C 188 -25.17 59.34 9.77
CA ARG C 188 -25.14 59.64 8.33
C ARG C 188 -23.70 59.91 7.91
N VAL C 189 -23.28 59.31 6.80
CA VAL C 189 -21.90 59.39 6.34
C VAL C 189 -21.89 59.79 4.87
N VAL C 190 -20.99 60.71 4.51
CA VAL C 190 -20.77 61.10 3.12
C VAL C 190 -19.27 60.99 2.83
N VAL C 191 -18.93 60.33 1.73
CA VAL C 191 -17.55 60.16 1.29
C VAL C 191 -17.34 61.04 0.07
N LEU C 192 -16.28 61.84 0.09
CA LEU C 192 -15.95 62.71 -1.03
C LEU C 192 -14.69 62.18 -1.71
N SER C 193 -14.80 61.90 -3.01
CA SER C 193 -13.70 61.30 -3.77
C SER C 193 -13.34 62.16 -4.98
N THR D 12 21.30 -101.23 46.50
CA THR D 12 22.35 -101.29 47.51
C THR D 12 23.73 -101.25 46.84
N ASN D 13 23.98 -100.22 46.07
CA ASN D 13 25.23 -100.11 45.34
C ASN D 13 25.67 -98.65 45.28
N LEU D 14 26.97 -98.45 45.09
CA LEU D 14 27.44 -97.13 44.74
C LEU D 14 26.98 -96.77 43.32
N CYS D 15 27.07 -95.47 43.03
CA CYS D 15 26.60 -94.98 41.70
C CYS D 15 27.79 -94.68 40.81
N PRO D 16 27.62 -94.69 39.47
CA PRO D 16 28.71 -94.35 38.56
C PRO D 16 28.97 -92.85 38.49
N PHE D 17 28.97 -92.18 39.66
CA PHE D 17 29.39 -90.79 39.71
C PHE D 17 30.74 -90.62 39.05
N GLY D 18 31.54 -91.68 39.06
CA GLY D 18 32.83 -91.74 38.41
C GLY D 18 32.68 -91.42 36.94
N GLU D 19 31.64 -91.99 36.32
CA GLU D 19 31.44 -91.82 34.89
C GLU D 19 30.97 -90.43 34.50
N VAL D 20 30.46 -89.65 35.47
CA VAL D 20 29.97 -88.27 35.18
C VAL D 20 31.04 -87.26 35.64
N PHE D 21 31.65 -87.47 36.81
CA PHE D 21 32.70 -86.59 37.31
C PHE D 21 34.00 -86.77 36.52
N ASN D 22 34.48 -88.01 36.43
CA ASN D 22 35.73 -88.32 35.73
C ASN D 22 35.52 -88.59 34.24
N ALA D 23 34.51 -87.98 33.62
CA ALA D 23 34.25 -88.23 32.22
C ALA D 23 35.32 -87.60 31.34
N THR D 24 35.47 -88.14 30.14
CA THR D 24 36.48 -87.68 29.21
C THR D 24 36.26 -86.22 28.82
N ARG D 25 35.15 -85.96 28.12
CA ARG D 25 34.88 -84.58 27.64
C ARG D 25 33.46 -84.16 28.03
N PHE D 26 33.33 -83.13 28.86
CA PHE D 26 32.03 -82.60 29.21
C PHE D 26 31.46 -81.82 28.03
N ALA D 27 30.13 -81.72 27.99
CA ALA D 27 29.51 -81.01 26.90
C ALA D 27 29.54 -79.50 27.16
N SER D 28 29.32 -78.74 26.09
CA SER D 28 29.31 -77.29 26.19
C SER D 28 28.12 -76.83 27.03
N VAL D 29 28.15 -75.55 27.43
CA VAL D 29 27.07 -75.03 28.34
C VAL D 29 25.70 -75.18 27.70
N TYR D 30 25.53 -74.69 26.47
CA TYR D 30 24.20 -74.68 25.87
C TYR D 30 23.65 -76.10 25.73
N ALA D 31 24.52 -77.08 25.44
CA ALA D 31 24.10 -78.48 25.37
C ALA D 31 24.50 -79.21 26.65
N TRP D 32 24.03 -78.70 27.78
CA TRP D 32 24.37 -79.29 29.08
C TRP D 32 23.75 -80.68 29.21
N ASN D 33 24.61 -81.70 29.34
CA ASN D 33 24.15 -83.08 29.39
C ASN D 33 23.60 -83.42 30.76
N ARG D 34 22.47 -84.12 30.78
CA ARG D 34 21.82 -84.56 32.01
C ARG D 34 21.83 -86.08 32.10
N LYS D 35 22.19 -86.57 33.30
CA LYS D 35 22.29 -88.03 33.53
C LYS D 35 21.32 -88.44 34.64
N ARG D 36 20.48 -89.45 34.37
CA ARG D 36 19.53 -89.99 35.33
C ARG D 36 20.26 -90.85 36.36
N ILE D 37 20.03 -90.57 37.64
CA ILE D 37 20.64 -91.29 38.75
C ILE D 37 19.53 -91.93 39.57
N ASN D 39 18.50 -95.66 42.34
CA ASN D 39 18.79 -96.93 43.02
C ASN D 39 20.22 -96.96 43.57
N CYS D 40 20.59 -95.92 44.30
CA CYS D 40 21.95 -95.80 44.82
C CYS D 40 21.92 -95.37 46.28
N VAL D 41 22.98 -95.75 47.00
CA VAL D 41 23.11 -95.39 48.41
C VAL D 41 23.84 -94.07 48.62
N ALA D 42 24.61 -93.61 47.62
CA ALA D 42 25.19 -92.26 47.61
C ALA D 42 26.00 -91.98 48.87
N ASP D 43 27.13 -92.68 48.96
CA ASP D 43 28.01 -92.52 50.12
C ASP D 43 28.68 -91.17 50.13
N TYR D 44 28.87 -90.56 48.95
CA TYR D 44 29.52 -89.26 48.82
C TYR D 44 30.94 -89.27 49.36
N SER D 45 31.62 -90.41 49.25
CA SER D 45 32.98 -90.53 49.77
C SER D 45 33.95 -89.71 48.94
N VAL D 46 33.92 -89.89 47.62
CA VAL D 46 34.74 -89.07 46.73
C VAL D 46 34.38 -87.60 46.88
N LEU D 47 33.09 -87.31 47.06
CA LEU D 47 32.63 -85.95 47.27
C LEU D 47 33.06 -85.43 48.65
N SER D 52 39.39 -82.25 45.89
CA SER D 52 39.69 -81.65 44.60
C SER D 52 38.58 -80.71 44.15
N PHE D 53 37.44 -80.80 44.79
CA PHE D 53 36.26 -80.02 44.41
C PHE D 53 36.43 -78.58 44.89
N SER D 54 36.82 -77.70 43.95
CA SER D 54 37.10 -76.31 44.29
C SER D 54 35.90 -75.63 44.96
N THR D 55 34.75 -75.75 44.31
CA THR D 55 33.51 -75.08 44.81
C THR D 55 32.42 -76.10 45.11
N PHE D 56 32.11 -76.32 46.39
CA PHE D 56 31.04 -77.22 46.81
C PHE D 56 29.89 -76.48 47.48
N LYS D 57 29.43 -75.39 46.86
CA LYS D 57 28.27 -74.63 47.42
C LYS D 57 27.00 -75.48 47.25
N CYS D 58 26.32 -75.80 48.36
CA CYS D 58 25.08 -76.57 48.28
C CYS D 58 23.96 -75.80 48.95
N TYR D 59 22.84 -75.64 48.23
CA TYR D 59 21.68 -74.89 48.78
C TYR D 59 20.44 -75.79 48.76
N GLY D 60 20.63 -77.12 48.75
CA GLY D 60 19.51 -78.04 48.77
C GLY D 60 18.93 -78.25 50.15
N ASN D 73 13.71 -88.92 41.48
CA ASN D 73 15.08 -89.41 41.53
C ASN D 73 16.06 -88.25 41.73
N VAL D 74 17.29 -88.47 41.24
CA VAL D 74 18.34 -87.41 41.30
C VAL D 74 18.90 -87.29 39.87
N TYR D 75 19.25 -86.08 39.45
CA TYR D 75 19.72 -85.81 38.09
C TYR D 75 21.08 -85.13 38.11
N ALA D 76 21.98 -85.56 37.24
CA ALA D 76 23.32 -85.01 37.15
C ALA D 76 23.47 -84.21 35.86
N ASP D 77 23.66 -82.90 36.00
CA ASP D 77 23.85 -81.99 34.87
C ASP D 77 25.31 -81.57 34.81
N SER D 78 25.95 -81.80 33.66
CA SER D 78 27.37 -81.56 33.50
C SER D 78 27.60 -80.58 32.35
N PHE D 79 28.29 -79.48 32.64
CA PHE D 79 28.67 -78.51 31.61
C PHE D 79 30.02 -77.92 31.98
N VAL D 80 30.62 -77.21 31.03
CA VAL D 80 31.91 -76.53 31.24
C VAL D 80 31.72 -75.05 30.98
N ILE D 81 32.03 -74.26 32.01
CA ILE D 81 31.91 -72.78 31.88
C ILE D 81 33.23 -72.14 32.30
N ARG D 82 33.45 -70.90 31.89
CA ARG D 82 34.62 -70.14 32.32
C ARG D 82 34.66 -70.03 33.85
N GLY D 83 35.87 -69.87 34.37
CA GLY D 83 36.08 -69.85 35.81
C GLY D 83 35.17 -68.88 36.55
N ASP D 84 35.17 -67.62 36.12
CA ASP D 84 34.33 -66.63 36.80
C ASP D 84 32.85 -66.94 36.65
N GLU D 85 32.46 -67.74 35.66
CA GLU D 85 31.06 -68.05 35.42
C GLU D 85 30.47 -68.99 36.47
N VAL D 86 31.29 -69.55 37.36
CA VAL D 86 30.79 -70.47 38.40
C VAL D 86 29.80 -69.78 39.32
N ARG D 87 29.97 -68.47 39.54
CA ARG D 87 29.04 -67.73 40.40
C ARG D 87 27.63 -67.76 39.84
N GLN D 88 27.48 -67.82 38.51
CA GLN D 88 26.16 -67.77 37.90
C GLN D 88 25.34 -69.03 38.15
N ILE D 89 25.95 -70.13 38.58
CA ILE D 89 25.19 -71.35 38.84
C ILE D 89 24.71 -71.34 40.28
N ALA D 90 23.79 -70.43 40.58
CA ALA D 90 23.13 -70.33 41.86
C ALA D 90 21.70 -69.85 41.62
N PRO D 91 20.75 -70.21 42.47
CA PRO D 91 19.38 -69.73 42.29
C PRO D 91 19.32 -68.20 42.32
N GLY D 92 18.41 -67.65 41.53
CA GLY D 92 18.24 -66.21 41.45
C GLY D 92 19.47 -65.43 41.01
N GLN D 93 20.18 -65.94 40.01
CA GLN D 93 21.33 -65.26 39.43
C GLN D 93 20.98 -64.79 38.03
N THR D 94 21.52 -63.63 37.66
CA THR D 94 21.22 -62.98 36.39
C THR D 94 22.53 -62.79 35.64
N GLY D 95 22.67 -63.52 34.53
CA GLY D 95 23.82 -63.33 33.66
C GLY D 95 23.60 -64.07 32.37
N LYS D 96 24.64 -64.07 31.52
CA LYS D 96 24.50 -64.71 30.22
C LYS D 96 24.39 -66.22 30.32
N ILE D 97 25.08 -66.82 31.30
CA ILE D 97 24.94 -68.26 31.52
C ILE D 97 23.56 -68.59 32.06
N ALA D 98 23.18 -67.95 33.16
CA ALA D 98 21.92 -68.27 33.82
C ALA D 98 20.73 -67.95 32.92
N ASP D 99 20.68 -66.72 32.39
CA ASP D 99 19.51 -66.31 31.62
C ASP D 99 19.37 -67.11 30.33
N TYR D 100 20.48 -67.37 29.65
CA TYR D 100 20.47 -67.95 28.31
C TYR D 100 20.95 -69.39 28.24
N ASN D 101 22.08 -69.72 28.88
CA ASN D 101 22.69 -71.04 28.69
C ASN D 101 22.07 -72.10 29.59
N TYR D 102 22.26 -71.98 30.91
CA TYR D 102 21.76 -72.95 31.87
C TYR D 102 21.11 -72.24 33.04
N LYS D 103 19.83 -72.50 33.26
CA LYS D 103 19.07 -71.86 34.31
C LYS D 103 18.74 -72.87 35.40
N LEU D 104 18.80 -72.41 36.65
CA LEU D 104 18.54 -73.19 37.85
C LEU D 104 17.29 -72.67 38.55
N PRO D 105 16.42 -73.55 39.03
CA PRO D 105 15.21 -73.08 39.72
C PRO D 105 15.54 -72.43 41.06
N ASP D 106 14.69 -71.50 41.45
CA ASP D 106 14.86 -70.81 42.72
C ASP D 106 14.73 -71.76 43.91
N ASP D 107 13.93 -72.81 43.75
CA ASP D 107 13.72 -73.80 44.81
C ASP D 107 14.84 -74.82 44.90
N CYS D 111 22.98 -80.09 45.05
CA CYS D 111 24.37 -79.61 45.14
C CYS D 111 25.05 -79.21 43.84
N VAL D 112 26.14 -78.45 44.00
CA VAL D 112 26.94 -77.96 42.84
C VAL D 112 28.41 -78.33 43.09
N ILE D 113 29.06 -78.95 42.10
CA ILE D 113 30.45 -79.39 42.18
C ILE D 113 31.21 -78.74 41.02
N ALA D 114 32.36 -78.14 41.33
CA ALA D 114 33.14 -77.42 40.32
C ALA D 114 34.63 -77.64 40.54
N TRP D 115 35.35 -78.01 39.46
CA TRP D 115 36.80 -78.10 39.49
C TRP D 115 37.37 -77.45 38.24
N ASN D 116 38.60 -76.92 38.38
CA ASN D 116 39.27 -76.23 37.25
C ASN D 116 39.90 -77.27 36.32
N SER D 117 39.60 -77.17 35.02
CA SER D 117 40.22 -78.07 34.04
C SER D 117 41.21 -77.33 33.15
N ASN D 118 42.08 -76.52 33.76
CA ASN D 118 43.07 -75.72 32.98
C ASN D 118 43.91 -76.66 32.10
N ASN D 119 44.53 -77.69 32.69
CA ASN D 119 45.44 -78.58 31.92
C ASN D 119 44.66 -79.58 31.06
N LEU D 120 43.33 -79.63 31.21
CA LEU D 120 42.51 -80.59 30.48
C LEU D 120 41.88 -79.99 29.22
N ASP D 121 41.30 -78.80 29.33
CA ASP D 121 40.52 -78.21 28.25
C ASP D 121 41.06 -76.88 27.78
N SER D 122 42.38 -76.78 27.58
CA SER D 122 42.97 -75.56 27.04
C SER D 122 43.99 -75.91 25.98
N LYS D 123 43.73 -75.49 24.75
CA LYS D 123 44.71 -75.62 23.67
C LYS D 123 45.50 -74.31 23.56
N VAL D 124 46.80 -74.45 23.27
CA VAL D 124 47.69 -73.26 23.18
C VAL D 124 47.12 -72.27 22.15
N GLY D 125 46.81 -72.76 20.95
CA GLY D 125 46.23 -71.90 19.94
C GLY D 125 44.81 -71.47 20.22
N GLY D 126 44.23 -71.91 21.33
CA GLY D 126 42.85 -71.59 21.65
C GLY D 126 41.92 -72.77 21.46
N ASN D 127 41.25 -73.16 22.55
CA ASN D 127 40.32 -74.29 22.50
C ASN D 127 38.92 -73.73 22.26
N TYR D 128 38.63 -73.50 20.99
CA TYR D 128 37.35 -72.95 20.55
C TYR D 128 36.24 -74.00 20.45
N ASN D 129 36.45 -75.21 20.98
CA ASN D 129 35.43 -76.24 20.91
C ASN D 129 34.22 -75.91 21.78
N TYR D 130 34.42 -75.19 22.89
CA TYR D 130 33.33 -74.86 23.81
C TYR D 130 32.65 -73.58 23.39
N LEU D 131 31.32 -73.54 23.57
CA LEU D 131 30.52 -72.41 23.12
C LEU D 131 29.52 -72.02 24.20
N TYR D 132 29.10 -70.76 24.18
CA TYR D 132 28.08 -70.25 25.08
C TYR D 132 27.12 -69.37 24.30
N ARG D 133 25.90 -69.23 24.82
CA ARG D 133 24.82 -68.52 24.15
C ARG D 133 24.74 -67.10 24.68
N LEU D 134 25.13 -66.11 23.86
CA LEU D 134 25.10 -64.68 24.34
C LEU D 134 23.83 -63.97 23.83
N PHE D 135 23.19 -64.48 22.78
CA PHE D 135 21.99 -63.85 22.24
C PHE D 135 20.82 -64.82 22.34
N ARG D 136 19.73 -64.37 22.98
CA ARG D 136 18.48 -65.11 23.04
C ARG D 136 17.34 -64.11 23.21
N LYS D 137 16.19 -64.45 22.61
CA LYS D 137 15.06 -63.53 22.63
C LYS D 137 14.45 -63.40 24.03
N SER D 138 14.27 -64.52 24.72
CA SER D 138 13.69 -64.53 26.06
C SER D 138 14.57 -65.34 26.99
N ASN D 139 14.41 -65.09 28.29
CA ASN D 139 15.20 -65.81 29.29
C ASN D 139 14.80 -67.27 29.36
N LEU D 140 15.73 -68.10 29.81
CA LEU D 140 15.52 -69.54 29.85
C LEU D 140 14.66 -69.93 31.04
N LYS D 141 13.70 -70.82 30.80
CA LYS D 141 12.99 -71.47 31.89
C LYS D 141 13.96 -72.33 32.69
N PRO D 142 13.71 -72.54 33.97
CA PRO D 142 14.60 -73.39 34.77
C PRO D 142 14.65 -74.80 34.23
N PHE D 143 15.87 -75.31 34.05
CA PHE D 143 16.18 -76.64 33.51
C PHE D 143 15.81 -76.79 32.04
N GLU D 144 15.52 -75.70 31.34
CA GLU D 144 15.34 -75.74 29.90
C GLU D 144 16.70 -75.79 29.21
N ARG D 145 16.73 -76.38 28.02
CA ARG D 145 17.96 -76.63 27.30
C ARG D 145 17.83 -76.13 25.87
N ASP D 146 18.83 -75.38 25.40
CA ASP D 146 18.79 -74.71 24.12
C ASP D 146 19.92 -75.22 23.23
N ILE D 147 19.58 -75.92 22.16
CA ILE D 147 20.60 -76.39 21.19
C ILE D 147 20.35 -75.70 19.84
N SER D 148 19.74 -74.51 19.87
CA SER D 148 19.41 -73.81 18.63
C SER D 148 20.65 -73.15 18.03
N THR D 149 20.74 -73.20 16.70
CA THR D 149 21.80 -72.54 15.95
C THR D 149 21.24 -71.44 15.06
N GLU D 150 20.08 -70.89 15.41
CA GLU D 150 19.41 -69.91 14.58
C GLU D 150 19.98 -68.52 14.81
N ILE D 151 20.22 -67.79 13.70
CA ILE D 151 20.80 -66.46 13.80
C ILE D 151 19.84 -65.53 14.52
N TYR D 152 20.34 -64.79 15.51
CA TYR D 152 19.49 -63.86 16.25
C TYR D 152 19.01 -62.76 15.30
N GLN D 153 17.69 -62.82 15.04
CA GLN D 153 17.03 -61.90 14.08
C GLN D 153 16.49 -60.65 14.77
N ALA D 154 17.36 -59.69 15.05
CA ALA D 154 16.90 -58.40 15.56
C ALA D 154 16.54 -57.53 14.36
N GLY D 155 15.50 -56.72 14.52
CA GLY D 155 15.10 -55.86 13.42
C GLY D 155 14.03 -56.48 12.53
N SER D 156 13.60 -55.68 11.56
CA SER D 156 12.50 -56.14 10.66
C SER D 156 13.08 -56.88 9.46
N THR D 157 14.25 -56.44 8.99
CA THR D 157 14.92 -57.14 7.86
C THR D 157 15.11 -58.61 8.25
N PRO D 158 14.46 -59.60 7.58
CA PRO D 158 14.56 -61.00 7.99
C PRO D 158 15.69 -61.71 7.23
N CYS D 159 16.92 -61.68 7.79
CA CYS D 159 18.08 -62.32 7.13
C CYS D 159 17.80 -63.82 6.93
N ASN D 160 17.99 -64.32 5.71
CA ASN D 160 17.74 -65.76 5.41
C ASN D 160 19.02 -66.56 5.71
N GLY D 161 19.31 -66.81 6.99
CA GLY D 161 20.51 -67.58 7.39
C GLY D 161 21.79 -66.90 6.95
N VAL D 162 21.83 -65.57 6.97
CA VAL D 162 23.07 -64.82 6.61
C VAL D 162 23.46 -63.92 7.78
N GLU D 163 24.69 -64.06 8.27
CA GLU D 163 25.17 -63.24 9.43
C GLU D 163 25.61 -61.86 8.94
N GLY D 164 24.98 -60.80 9.43
CA GLY D 164 25.33 -59.45 9.04
C GLY D 164 24.88 -58.39 10.01
N PHE D 165 24.39 -57.27 9.49
CA PHE D 165 23.82 -56.23 10.33
C PHE D 165 22.48 -56.67 10.89
N ASN D 166 22.29 -56.45 12.19
CA ASN D 166 21.09 -56.85 12.93
C ASN D 166 20.87 -58.35 12.91
N CYS D 167 21.87 -59.11 12.49
CA CYS D 167 21.79 -60.57 12.38
C CYS D 167 23.09 -61.15 12.91
N TYR D 168 23.07 -61.67 14.12
CA TYR D 168 24.27 -62.13 14.79
C TYR D 168 24.12 -63.59 15.20
N PHE D 169 25.21 -64.34 15.10
CA PHE D 169 25.17 -65.76 15.43
C PHE D 169 24.90 -65.92 16.93
N PRO D 170 24.04 -66.86 17.31
CA PRO D 170 23.60 -66.93 18.71
C PRO D 170 24.66 -67.43 19.67
N LEU D 171 25.67 -68.14 19.19
CA LEU D 171 26.66 -68.78 20.04
C LEU D 171 28.03 -68.16 19.81
N GLN D 172 28.78 -68.00 20.89
CA GLN D 172 30.16 -67.53 20.83
C GLN D 172 31.05 -68.58 21.45
N SER D 173 32.31 -68.57 21.06
CA SER D 173 33.26 -69.61 21.44
C SER D 173 34.11 -69.13 22.61
N TYR D 174 34.24 -69.98 23.63
CA TYR D 174 35.15 -69.71 24.74
C TYR D 174 36.58 -69.81 24.24
N GLY D 175 37.27 -68.68 24.15
CA GLY D 175 38.70 -68.74 23.94
C GLY D 175 39.36 -69.36 25.15
N PHE D 176 39.90 -70.56 25.00
CA PHE D 176 40.43 -71.33 26.14
C PHE D 176 41.89 -71.65 25.88
N GLN D 177 42.77 -70.82 26.44
CA GLN D 177 44.21 -71.01 26.38
C GLN D 177 44.75 -71.28 27.78
N PRO D 178 45.71 -72.19 27.93
CA PRO D 178 46.25 -72.47 29.27
C PRO D 178 46.97 -71.29 29.89
N THR D 179 47.42 -70.32 29.08
CA THR D 179 48.09 -69.15 29.61
C THR D 179 47.12 -68.08 30.11
N ASN D 180 45.81 -68.30 29.97
CA ASN D 180 44.83 -67.33 30.44
C ASN D 180 44.90 -67.18 31.96
N GLY D 181 44.33 -66.09 32.44
CA GLY D 181 44.22 -65.86 33.87
C GLY D 181 43.36 -66.92 34.55
N VAL D 182 43.37 -66.86 35.89
CA VAL D 182 42.61 -67.81 36.68
C VAL D 182 41.12 -67.73 36.33
N GLY D 183 40.61 -66.52 36.15
CA GLY D 183 39.22 -66.35 35.79
C GLY D 183 38.87 -67.00 34.46
N TYR D 184 39.68 -66.74 33.43
CA TYR D 184 39.38 -67.23 32.09
C TYR D 184 39.67 -68.71 31.89
N GLN D 185 40.30 -69.37 32.87
CA GLN D 185 40.57 -70.79 32.73
C GLN D 185 39.26 -71.58 32.83
N PRO D 186 39.11 -72.66 32.05
CA PRO D 186 37.86 -73.42 32.08
C PRO D 186 37.71 -74.18 33.40
N TYR D 187 36.48 -74.19 33.91
CA TYR D 187 36.13 -74.91 35.13
C TYR D 187 35.02 -75.90 34.81
N ARG D 188 35.31 -77.19 34.92
CA ARG D 188 34.27 -78.20 34.77
C ARG D 188 33.35 -78.18 35.97
N VAL D 189 32.03 -78.18 35.67
CA VAL D 189 31.01 -78.09 36.76
C VAL D 189 29.96 -79.19 36.59
N VAL D 190 29.66 -79.92 37.66
CA VAL D 190 28.64 -80.96 37.66
C VAL D 190 27.57 -80.57 38.66
N VAL D 191 26.32 -80.60 38.23
CA VAL D 191 25.17 -80.23 39.05
C VAL D 191 24.41 -81.49 39.39
N LEU D 192 24.12 -81.68 40.67
CA LEU D 192 23.33 -82.80 41.16
C LEU D 192 21.96 -82.26 41.57
N SER D 193 20.90 -82.80 40.98
CA SER D 193 19.54 -82.30 41.18
C SER D 193 18.69 -83.42 41.76
N PHE D 194 18.45 -83.36 43.06
CA PHE D 194 17.68 -84.39 43.75
C PHE D 194 16.21 -84.31 43.38
N MET E 21 -12.54 21.18 14.00
CA MET E 21 -12.64 19.77 13.64
C MET E 21 -13.59 19.07 14.60
N GLN E 22 -13.85 19.73 15.73
CA GLN E 22 -14.72 19.15 16.77
C GLN E 22 -15.32 20.27 17.63
N LEU E 23 -16.49 20.03 18.20
CA LEU E 23 -17.16 20.99 19.07
C LEU E 23 -16.99 20.54 20.51
N VAL E 24 -16.42 21.43 21.32
CA VAL E 24 -16.15 21.12 22.76
C VAL E 24 -17.25 21.77 23.61
N GLN E 25 -18.07 20.95 24.27
CA GLN E 25 -19.15 21.44 25.10
C GLN E 25 -18.67 21.71 26.53
N SER E 26 -19.55 22.28 27.34
CA SER E 26 -19.19 22.67 28.69
C SER E 26 -19.23 21.46 29.62
N GLY E 27 -18.66 21.63 30.81
CA GLY E 27 -18.64 20.59 31.81
C GLY E 27 -20.02 20.38 32.40
N PRO E 28 -20.22 19.24 33.06
CA PRO E 28 -21.54 18.96 33.64
C PRO E 28 -21.96 20.01 34.66
N GLU E 29 -23.27 20.26 34.70
CA GLU E 29 -23.85 21.31 35.51
C GLU E 29 -24.86 20.69 36.47
N VAL E 30 -24.80 21.16 37.73
CA VAL E 30 -25.75 20.71 38.80
C VAL E 30 -26.43 21.98 39.33
N LYS E 31 -27.68 22.20 38.91
CA LYS E 31 -28.41 23.43 39.33
C LYS E 31 -29.72 23.03 40.01
N LYS E 32 -30.25 23.92 40.84
CA LYS E 32 -31.51 23.68 41.52
C LYS E 32 -32.69 24.04 40.61
N PRO E 33 -33.87 23.48 40.86
CA PRO E 33 -35.04 23.88 40.08
C PRO E 33 -35.30 25.38 40.21
N GLY E 34 -35.78 25.97 39.11
CA GLY E 34 -36.01 27.39 39.06
C GLY E 34 -34.79 28.23 38.74
N THR E 35 -33.63 27.58 38.59
CA THR E 35 -32.42 28.34 38.19
C THR E 35 -32.28 28.31 36.68
N SER E 36 -31.13 28.77 36.17
CA SER E 36 -30.84 28.74 34.74
C SER E 36 -29.45 28.16 34.53
N VAL E 37 -29.33 27.26 33.56
CA VAL E 37 -28.08 26.60 33.23
C VAL E 37 -27.62 27.12 31.87
N LYS E 38 -26.30 27.34 31.75
CA LYS E 38 -25.71 27.84 30.47
C LYS E 38 -24.74 26.79 29.93
N VAL E 39 -25.04 26.22 28.76
CA VAL E 39 -24.22 25.20 28.11
C VAL E 39 -23.42 25.87 27.00
N SER E 40 -22.10 25.77 27.08
CA SER E 40 -21.20 26.42 26.13
C SER E 40 -20.72 25.41 25.10
N CYS E 41 -20.90 25.73 23.83
CA CYS E 41 -20.46 24.89 22.73
C CYS E 41 -19.42 25.68 21.94
N LYS E 42 -18.17 25.26 22.02
CA LYS E 42 -17.05 26.00 21.44
C LYS E 42 -16.62 25.35 20.14
N ALA E 43 -16.53 26.16 19.08
CA ALA E 43 -16.14 25.67 17.77
C ALA E 43 -14.63 25.82 17.60
N SER E 44 -14.00 24.78 17.08
CA SER E 44 -12.56 24.79 16.84
C SER E 44 -12.26 23.98 15.59
N GLY E 45 -11.49 24.55 14.68
CA GLY E 45 -10.99 23.86 13.52
C GLY E 45 -11.71 24.18 12.22
N PHE E 46 -12.97 24.59 12.29
CA PHE E 46 -13.71 24.93 11.08
C PHE E 46 -14.18 26.37 11.13
N THR E 47 -14.45 26.94 9.96
CA THR E 47 -14.88 28.34 9.86
C THR E 47 -16.27 28.47 10.44
N PHE E 48 -16.35 28.88 11.71
CA PHE E 48 -17.60 28.97 12.45
C PHE E 48 -18.52 30.07 11.93
N SER E 49 -18.03 30.97 11.08
CA SER E 49 -18.81 32.14 10.67
C SER E 49 -20.12 31.74 9.98
N ILE E 50 -20.01 30.99 8.87
CA ILE E 50 -21.23 30.68 8.05
C ILE E 50 -21.82 29.32 8.44
N SER E 51 -21.56 28.85 9.67
CA SER E 51 -22.16 27.61 10.13
C SER E 51 -23.50 27.87 10.78
N ALA E 52 -24.06 26.84 11.43
CA ALA E 52 -25.30 26.95 12.19
C ALA E 52 -25.32 25.88 13.26
N VAL E 53 -25.58 26.26 14.50
CA VAL E 53 -25.53 25.36 15.64
C VAL E 53 -26.95 24.99 16.04
N GLN E 54 -27.21 23.69 16.20
CA GLN E 54 -28.47 23.18 16.67
C GLN E 54 -28.26 22.44 17.98
N TRP E 55 -29.19 22.62 18.91
CA TRP E 55 -29.09 22.03 20.25
C TRP E 55 -30.11 20.91 20.39
N VAL E 56 -29.62 19.72 20.75
CA VAL E 56 -30.45 18.54 20.94
C VAL E 56 -30.16 17.98 22.33
N ARG E 57 -31.21 17.56 23.04
CA ARG E 57 -31.07 17.05 24.40
C ARG E 57 -31.41 15.57 24.41
N GLN E 58 -30.71 14.81 25.25
CA GLN E 58 -30.89 13.38 25.34
C GLN E 58 -30.94 12.95 26.80
N ALA E 59 -32.03 12.30 27.19
CA ALA E 59 -32.09 11.62 28.48
C ALA E 59 -31.51 10.22 28.36
N ARG E 60 -31.12 9.65 29.51
CA ARG E 60 -30.49 8.31 29.53
C ARG E 60 -31.44 7.26 28.94
N GLY E 61 -31.01 6.60 27.87
CA GLY E 61 -31.82 5.56 27.23
C GLY E 61 -33.15 6.06 26.71
N GLN E 62 -33.17 7.25 26.12
CA GLN E 62 -34.40 7.88 25.65
C GLN E 62 -34.18 8.47 24.27
N ARG E 63 -35.28 8.89 23.64
CA ARG E 63 -35.21 9.47 22.32
C ARG E 63 -34.55 10.85 22.36
N LEU E 64 -33.95 11.25 21.25
CA LEU E 64 -33.37 12.59 21.12
C LEU E 64 -34.47 13.62 20.93
N GLU E 65 -34.26 14.78 21.57
CA GLU E 65 -35.23 15.91 21.48
C GLU E 65 -34.49 17.15 20.97
N TRP E 66 -35.04 17.85 19.97
CA TRP E 66 -34.40 18.98 19.32
C TRP E 66 -34.92 20.28 19.92
N ILE E 67 -34.02 21.08 20.49
CA ILE E 67 -34.38 22.36 21.09
C ILE E 67 -34.57 23.41 20.01
N GLY E 68 -33.49 23.86 19.39
CA GLY E 68 -33.58 24.86 18.35
C GLY E 68 -32.28 24.93 17.58
N TRP E 69 -32.23 25.88 16.65
CA TRP E 69 -31.04 26.08 15.83
C TRP E 69 -30.82 27.57 15.62
N ILE E 70 -29.56 27.95 15.45
CA ILE E 70 -29.18 29.34 15.26
C ILE E 70 -28.26 29.45 14.05
N VAL E 71 -28.54 30.41 13.18
CA VAL E 71 -27.61 30.79 12.13
C VAL E 71 -26.51 31.62 12.76
N VAL E 72 -25.27 31.14 12.66
CA VAL E 72 -24.16 31.81 13.34
C VAL E 72 -23.98 33.23 12.79
N GLY E 73 -23.88 33.36 11.47
CA GLY E 73 -23.69 34.66 10.85
C GLY E 73 -24.80 35.65 11.09
N SER E 74 -26.03 35.28 10.72
CA SER E 74 -27.15 36.20 10.88
C SER E 74 -27.59 36.34 12.32
N GLY E 75 -27.38 35.30 13.13
CA GLY E 75 -27.90 35.26 14.48
C GLY E 75 -29.36 34.91 14.60
N ASN E 76 -30.09 34.86 13.48
CA ASN E 76 -31.51 34.52 13.52
C ASN E 76 -31.71 33.14 14.10
N THR E 77 -32.63 33.03 15.04
CA THR E 77 -32.87 31.81 15.81
C THR E 77 -34.30 31.33 15.61
N ASN E 78 -34.45 30.02 15.48
CA ASN E 78 -35.75 29.38 15.41
C ASN E 78 -35.81 28.33 16.52
N TYR E 79 -36.82 28.43 17.38
CA TYR E 79 -36.98 27.57 18.53
C TYR E 79 -38.23 26.72 18.40
N ALA E 80 -38.15 25.49 18.88
CA ALA E 80 -39.36 24.67 19.01
C ALA E 80 -40.27 25.27 20.07
N GLN E 81 -41.59 25.22 19.80
CA GLN E 81 -42.56 25.88 20.68
C GLN E 81 -42.51 25.35 22.10
N LYS E 82 -41.97 24.15 22.33
CA LYS E 82 -41.85 23.62 23.67
C LYS E 82 -40.90 24.49 24.51
N PHE E 83 -39.71 24.77 23.97
CA PHE E 83 -38.67 25.47 24.70
C PHE E 83 -38.69 26.98 24.48
N GLN E 84 -39.73 27.53 23.86
CA GLN E 84 -39.73 28.93 23.46
C GLN E 84 -39.40 29.88 24.61
N GLU E 85 -40.15 29.79 25.72
CA GLU E 85 -39.94 30.73 26.81
C GLU E 85 -38.70 30.37 27.63
N ARG E 86 -38.41 29.09 27.78
CA ARG E 86 -37.42 28.65 28.76
C ARG E 86 -35.99 28.70 28.25
N VAL E 87 -35.76 28.73 26.93
CA VAL E 87 -34.40 28.66 26.40
C VAL E 87 -34.14 29.83 25.47
N THR E 88 -32.86 30.22 25.41
CA THR E 88 -32.41 31.32 24.49
C THR E 88 -31.05 30.89 23.92
N ILE E 89 -30.99 30.59 22.62
CA ILE E 89 -29.78 30.13 21.95
C ILE E 89 -29.04 31.34 21.41
N THR E 90 -27.76 31.44 21.79
CA THR E 90 -26.94 32.59 21.34
C THR E 90 -25.60 32.07 20.80
N ARG E 91 -24.78 32.98 20.27
CA ARG E 91 -23.48 32.65 19.71
C ARG E 91 -22.59 33.87 19.87
N ASP E 92 -21.28 33.65 19.95
CA ASP E 92 -20.30 34.72 20.07
C ASP E 92 -19.20 34.51 19.04
N MET E 93 -19.08 35.43 18.08
CA MET E 93 -18.10 35.27 17.02
C MET E 93 -16.67 35.48 17.49
N SER E 94 -16.46 36.20 18.59
CA SER E 94 -15.10 36.43 19.09
C SER E 94 -14.48 35.14 19.63
N THR E 95 -15.25 34.37 20.37
CA THR E 95 -14.77 33.11 20.94
C THR E 95 -15.20 31.89 20.13
N SER E 96 -15.91 32.09 19.03
CA SER E 96 -16.41 30.99 18.19
C SER E 96 -17.22 29.99 19.02
N THR E 97 -17.96 30.50 19.99
CA THR E 97 -18.68 29.68 20.96
C THR E 97 -20.17 29.94 20.82
N ALA E 98 -20.95 28.86 20.79
CA ALA E 98 -22.40 28.94 20.83
C ALA E 98 -22.88 28.57 22.23
N TYR E 99 -23.98 29.20 22.65
CA TYR E 99 -24.49 29.02 24.00
C TYR E 99 -25.97 28.71 23.95
N MET E 100 -26.41 27.80 24.82
CA MET E 100 -27.82 27.50 25.01
C MET E 100 -28.10 27.48 26.51
N GLU E 101 -29.03 28.32 26.95
CA GLU E 101 -29.38 28.44 28.35
C GLU E 101 -30.83 28.06 28.54
N LEU E 102 -31.09 27.15 29.47
CA LEU E 102 -32.45 26.73 29.82
C LEU E 102 -32.82 27.40 31.14
N SER E 103 -33.88 28.20 31.13
CA SER E 103 -34.31 28.95 32.29
C SER E 103 -35.52 28.29 32.93
N SER E 104 -35.80 28.68 34.18
CA SER E 104 -36.82 28.05 35.00
C SER E 104 -36.63 26.53 34.99
N LEU E 105 -35.42 26.13 35.39
CA LEU E 105 -35.03 24.73 35.34
C LEU E 105 -35.99 23.84 36.11
N ARG E 106 -36.36 22.73 35.47
CA ARG E 106 -37.26 21.76 36.13
C ARG E 106 -36.48 20.47 36.38
N PHE E 107 -36.84 19.71 37.41
CA PHE E 107 -36.21 18.45 37.73
C PHE E 107 -36.17 17.55 36.50
N GLU E 108 -37.26 17.50 35.73
CA GLU E 108 -37.35 16.63 34.56
C GLU E 108 -36.39 17.03 33.45
N ASP E 109 -35.87 18.25 33.46
CA ASP E 109 -34.92 18.68 32.45
C ASP E 109 -33.54 18.05 32.61
N THR E 110 -33.32 17.18 33.60
CA THR E 110 -32.01 16.56 33.76
C THR E 110 -31.75 15.60 32.60
N ALA E 111 -30.70 15.91 31.82
CA ALA E 111 -30.33 15.14 30.64
C ALA E 111 -29.01 15.69 30.13
N VAL E 112 -28.41 14.97 29.19
CA VAL E 112 -27.24 15.47 28.47
C VAL E 112 -27.73 16.25 27.26
N TYR E 113 -27.07 17.38 26.98
CA TYR E 113 -27.47 18.28 25.92
C TYR E 113 -26.36 18.34 24.87
N TYR E 114 -26.73 18.19 23.60
CA TYR E 114 -25.77 18.10 22.51
C TYR E 114 -25.88 19.32 21.60
N CYS E 115 -24.76 19.70 21.01
CA CYS E 115 -24.70 20.80 20.05
C CYS E 115 -24.10 20.27 18.75
N ALA E 116 -24.81 20.53 17.64
CA ALA E 116 -24.42 20.01 16.34
C ALA E 116 -24.31 21.16 15.34
N ALA E 117 -23.25 21.12 14.53
CA ALA E 117 -23.03 22.16 13.50
C ALA E 117 -22.45 21.49 12.26
N PRO E 118 -22.62 22.04 11.03
CA PRO E 118 -21.98 21.47 9.84
C PRO E 118 -20.51 21.92 9.70
N TYR E 119 -19.76 21.24 8.82
CA TYR E 119 -18.32 21.59 8.62
C TYR E 119 -18.20 22.57 7.44
N CYS E 120 -18.00 23.86 7.74
CA CYS E 120 -17.78 24.84 6.64
C CYS E 120 -16.29 25.17 6.55
N GLY E 121 -15.74 25.24 5.34
CA GLY E 121 -14.33 25.64 5.14
C GLY E 121 -14.26 26.45 3.87
N GLY E 122 -14.53 27.76 3.94
CA GLY E 122 -14.62 28.57 2.71
C GLY E 122 -15.95 28.22 2.07
N ASP E 123 -16.12 26.95 1.67
CA ASP E 123 -17.40 26.48 1.19
C ASP E 123 -17.96 25.54 2.25
N CYS E 124 -19.24 25.67 2.57
CA CYS E 124 -19.78 24.95 3.71
C CYS E 124 -20.19 23.53 3.30
N SER E 125 -20.99 22.86 4.13
CA SER E 125 -21.38 21.47 3.88
C SER E 125 -22.77 21.13 4.43
N ASP E 126 -23.66 20.68 3.55
CA ASP E 126 -25.04 20.32 3.96
C ASP E 126 -25.01 19.07 4.84
N GLY E 127 -25.29 19.23 6.14
CA GLY E 127 -25.35 18.08 7.03
C GLY E 127 -24.71 18.31 8.38
N PHE E 128 -25.36 17.92 9.48
CA PHE E 128 -24.79 18.12 10.81
C PHE E 128 -23.79 17.00 11.09
N ASP E 129 -22.53 17.21 10.66
CA ASP E 129 -21.50 16.20 10.79
C ASP E 129 -20.62 16.36 12.03
N ILE E 130 -20.73 17.47 12.76
CA ILE E 130 -19.94 17.72 13.96
C ILE E 130 -20.86 17.72 15.16
N TRP E 131 -20.58 16.85 16.13
CA TRP E 131 -21.35 16.76 17.36
C TRP E 131 -20.43 16.87 18.55
N GLY E 132 -20.84 17.64 19.56
CA GLY E 132 -20.03 17.81 20.75
C GLY E 132 -20.12 16.64 21.71
N GLN E 133 -19.27 16.67 22.74
CA GLN E 133 -19.25 15.60 23.71
C GLN E 133 -20.51 15.57 24.58
N GLY E 134 -21.22 16.68 24.68
CA GLY E 134 -22.41 16.75 25.51
C GLY E 134 -22.12 17.24 26.91
N THR E 135 -23.12 17.91 27.48
CA THR E 135 -23.05 18.44 28.83
C THR E 135 -24.17 17.84 29.67
N MET E 136 -23.84 17.37 30.87
CA MET E 136 -24.80 16.71 31.74
C MET E 136 -25.33 17.73 32.73
N VAL E 137 -26.55 18.19 32.51
CA VAL E 137 -27.23 19.13 33.40
C VAL E 137 -28.19 18.33 34.27
N THR E 138 -27.92 18.29 35.57
CA THR E 138 -28.73 17.56 36.54
C THR E 138 -29.40 18.55 37.49
N VAL E 139 -30.72 18.48 37.60
CA VAL E 139 -31.49 19.43 38.38
C VAL E 139 -32.13 18.68 39.55
N SER E 140 -31.71 19.03 40.77
CA SER E 140 -32.21 18.39 41.98
C SER E 140 -31.87 19.29 43.17
N SER E 141 -32.47 18.97 44.32
CA SER E 141 -32.19 19.72 45.54
C SER E 141 -31.23 19.02 46.50
N ALA E 142 -30.94 17.73 46.29
CA ALA E 142 -30.12 17.02 47.27
C ALA E 142 -28.65 17.14 46.90
N GLU F 21 -46.35 19.70 12.43
CA GLU F 21 -45.10 19.04 12.78
C GLU F 21 -44.91 17.74 12.00
N ILE F 22 -43.67 17.48 11.57
CA ILE F 22 -43.34 16.26 10.84
C ILE F 22 -43.03 15.16 11.85
N VAL F 23 -43.69 14.02 11.72
CA VAL F 23 -43.55 12.90 12.65
C VAL F 23 -42.70 11.83 11.98
N LEU F 24 -41.61 11.44 12.64
CA LEU F 24 -40.67 10.46 12.10
C LEU F 24 -40.86 9.14 12.84
N THR F 25 -41.45 8.17 12.14
CA THR F 25 -41.71 6.84 12.68
C THR F 25 -40.74 5.86 12.05
N GLN F 26 -40.04 5.09 12.89
CA GLN F 26 -39.03 4.15 12.45
C GLN F 26 -39.52 2.72 12.63
N SER F 27 -39.25 1.88 11.62
CA SER F 27 -39.58 0.47 11.65
C SER F 27 -38.38 -0.32 11.17
N PRO F 28 -38.00 -1.41 11.86
CA PRO F 28 -38.72 -1.92 13.04
C PRO F 28 -38.23 -1.30 14.35
N GLY F 29 -38.88 -1.65 15.46
CA GLY F 29 -38.43 -1.17 16.75
C GLY F 29 -37.06 -1.68 17.15
N THR F 30 -36.96 -2.98 17.40
CA THR F 30 -35.70 -3.61 17.76
C THR F 30 -35.35 -4.64 16.70
N LEU F 31 -34.21 -4.46 16.04
CA LEU F 31 -33.74 -5.37 15.01
C LEU F 31 -32.45 -6.04 15.51
N SER F 32 -32.50 -7.36 15.65
CA SER F 32 -31.37 -8.14 16.13
C SER F 32 -30.98 -9.15 15.06
N LEU F 33 -29.75 -9.03 14.55
CA LEU F 33 -29.27 -9.88 13.47
C LEU F 33 -27.80 -10.20 13.71
N SER F 34 -27.34 -11.25 13.03
CA SER F 34 -25.97 -11.71 13.14
C SER F 34 -25.09 -11.02 12.11
N PRO F 35 -23.77 -10.96 12.34
CA PRO F 35 -22.87 -10.37 11.36
C PRO F 35 -23.01 -11.03 10.00
N GLY F 36 -22.88 -10.22 8.95
CA GLY F 36 -23.07 -10.69 7.59
C GLY F 36 -24.50 -10.74 7.12
N GLU F 37 -25.43 -10.14 7.86
CA GLU F 37 -26.84 -10.12 7.48
C GLU F 37 -27.26 -8.72 7.09
N ARG F 38 -28.14 -8.63 6.09
CA ARG F 38 -28.61 -7.35 5.59
C ARG F 38 -29.59 -6.72 6.59
N ALA F 39 -29.41 -5.42 6.83
CA ALA F 39 -30.24 -4.65 7.76
C ALA F 39 -30.98 -3.58 7.00
N THR F 40 -32.32 -3.65 7.02
CA THR F 40 -33.18 -2.71 6.31
C THR F 40 -33.94 -1.88 7.34
N LEU F 41 -33.43 -0.68 7.63
CA LEU F 41 -34.09 0.26 8.54
C LEU F 41 -34.81 1.32 7.73
N SER F 42 -36.03 1.63 8.17
CA SER F 42 -36.87 2.58 7.41
C SER F 42 -37.29 3.79 8.24
N CYS F 43 -37.41 4.95 7.60
CA CYS F 43 -37.82 6.20 8.22
C CYS F 43 -38.97 6.78 7.42
N ARG F 44 -40.11 6.93 8.10
CA ARG F 44 -41.33 7.43 7.42
C ARG F 44 -41.76 8.77 8.04
N ALA F 45 -42.34 9.64 7.23
CA ALA F 45 -42.80 10.96 7.67
C ALA F 45 -44.27 11.16 7.31
N SER F 46 -44.90 12.16 7.92
CA SER F 46 -46.30 12.48 7.58
C SER F 46 -46.32 13.17 6.21
N GLN F 47 -45.83 14.42 6.15
CA GLN F 47 -45.72 15.13 4.89
C GLN F 47 -44.27 15.07 4.40
N SER F 48 -44.10 14.99 3.09
CA SER F 48 -42.78 14.80 2.49
C SER F 48 -41.78 15.87 2.91
N VAL F 49 -40.55 15.44 3.17
CA VAL F 49 -39.45 16.34 3.51
C VAL F 49 -38.52 16.36 2.30
N SER F 50 -37.93 17.53 2.03
CA SER F 50 -36.98 17.66 0.94
C SER F 50 -35.87 16.65 1.08
N SER F 51 -35.64 15.86 0.02
CA SER F 51 -34.67 14.78 0.07
C SER F 51 -33.28 15.27 0.45
N SER F 52 -32.97 16.54 0.21
CA SER F 52 -31.68 17.09 0.60
C SER F 52 -31.54 17.25 2.11
N TYR F 53 -32.62 17.05 2.87
CA TYR F 53 -32.65 17.33 4.30
C TYR F 53 -33.19 16.13 5.08
N LEU F 54 -32.61 14.96 4.84
CA LEU F 54 -32.98 13.74 5.57
C LEU F 54 -31.68 13.02 5.94
N ALA F 55 -31.27 13.14 7.20
CA ALA F 55 -30.05 12.52 7.68
C ALA F 55 -30.33 11.27 8.53
N TRP F 56 -29.35 10.37 8.54
CA TRP F 56 -29.31 9.24 9.46
C TRP F 56 -28.11 9.40 10.39
N TYR F 57 -28.32 9.14 11.68
CA TYR F 57 -27.25 9.23 12.67
C TYR F 57 -27.09 7.89 13.39
N GLN F 58 -25.86 7.64 13.86
CA GLN F 58 -25.53 6.44 14.62
C GLN F 58 -25.06 6.82 16.01
N GLN F 59 -25.69 6.26 17.04
CA GLN F 59 -25.35 6.53 18.42
C GLN F 59 -24.95 5.24 19.12
N LYS F 60 -23.70 5.16 19.57
CA LYS F 60 -23.26 4.05 20.40
C LYS F 60 -23.60 4.30 21.87
N PRO F 61 -23.70 3.24 22.68
CA PRO F 61 -23.98 3.43 24.11
C PRO F 61 -23.02 4.38 24.80
N GLY F 62 -23.56 5.47 25.36
CA GLY F 62 -22.76 6.49 26.02
C GLY F 62 -21.77 7.19 25.12
N GLN F 63 -22.19 7.55 23.90
CA GLN F 63 -21.33 8.25 22.96
C GLN F 63 -22.17 9.25 22.17
N ALA F 64 -21.51 10.32 21.73
CA ALA F 64 -22.18 11.32 20.90
C ALA F 64 -22.42 10.77 19.50
N PRO F 65 -23.55 11.08 18.88
CA PRO F 65 -23.85 10.56 17.55
C PRO F 65 -22.90 11.09 16.49
N ARG F 66 -22.71 10.29 15.44
CA ARG F 66 -21.97 10.69 14.26
C ARG F 66 -22.82 10.51 13.02
N LEU F 67 -22.78 11.52 12.14
CA LEU F 67 -23.62 11.54 10.96
C LEU F 67 -23.15 10.51 9.95
N LEU F 68 -24.05 9.59 9.57
CA LEU F 68 -23.75 8.58 8.57
C LEU F 68 -24.09 9.07 7.16
N ILE F 69 -25.36 9.39 6.90
CA ILE F 69 -25.83 9.80 5.59
C ILE F 69 -26.43 11.19 5.72
N TYR F 70 -26.08 12.07 4.78
CA TYR F 70 -26.73 13.36 4.64
C TYR F 70 -27.29 13.47 3.23
N GLY F 71 -28.33 14.28 3.08
CA GLY F 71 -29.00 14.36 1.79
C GLY F 71 -29.78 13.12 1.40
N ALA F 72 -30.04 12.23 2.36
CA ALA F 72 -30.80 11.00 2.18
C ALA F 72 -30.06 9.96 1.36
N SER F 73 -29.00 10.37 0.64
CA SER F 73 -28.27 9.44 -0.22
C SER F 73 -26.77 9.66 -0.26
N SER F 74 -26.30 10.84 0.17
CA SER F 74 -24.84 11.15 0.08
C SER F 74 -24.12 10.67 1.34
N ARG F 75 -23.15 9.77 1.21
CA ARG F 75 -22.44 9.24 2.36
C ARG F 75 -21.55 10.32 2.97
N ALA F 76 -21.46 10.31 4.30
CA ALA F 76 -20.64 11.30 4.97
C ALA F 76 -19.17 10.88 4.94
N THR F 77 -18.30 11.85 5.16
CA THR F 77 -16.87 11.58 5.20
C THR F 77 -16.51 10.73 6.40
N GLY F 78 -15.66 9.73 6.17
CA GLY F 78 -15.25 8.84 7.24
C GLY F 78 -16.27 7.79 7.62
N ILE F 79 -17.17 7.41 6.72
CA ILE F 79 -18.18 6.40 6.97
C ILE F 79 -17.92 5.23 6.03
N PRO F 80 -17.90 3.99 6.53
CA PRO F 80 -17.66 2.84 5.66
C PRO F 80 -18.67 2.73 4.53
N ASP F 81 -18.25 2.05 3.46
CA ASP F 81 -19.06 1.93 2.25
C ASP F 81 -20.29 1.05 2.45
N ARG F 82 -20.29 0.19 3.47
CA ARG F 82 -21.45 -0.68 3.69
C ARG F 82 -22.70 0.12 3.99
N PHE F 83 -22.56 1.26 4.67
CA PHE F 83 -23.70 2.12 4.94
C PHE F 83 -24.13 2.84 3.66
N SER F 84 -25.39 2.66 3.27
CA SER F 84 -25.95 3.34 2.11
C SER F 84 -27.40 3.69 2.39
N GLY F 85 -27.80 4.88 1.99
CA GLY F 85 -29.16 5.37 2.22
C GLY F 85 -29.88 5.65 0.91
N SER F 86 -31.19 5.37 0.91
CA SER F 86 -32.02 5.59 -0.27
C SER F 86 -33.40 6.03 0.19
N GLY F 87 -34.21 6.43 -0.78
CA GLY F 87 -35.58 6.81 -0.47
C GLY F 87 -35.81 8.29 -0.73
N SER F 88 -37.07 8.63 -1.02
CA SER F 88 -37.46 10.02 -1.24
C SER F 88 -38.90 10.20 -0.78
N GLY F 89 -39.36 11.44 -0.84
CA GLY F 89 -40.73 11.74 -0.42
C GLY F 89 -40.94 11.46 1.06
N THR F 90 -41.85 10.53 1.35
CA THR F 90 -42.17 10.18 2.73
C THR F 90 -41.46 8.92 3.22
N ASP F 91 -40.72 8.23 2.36
CA ASP F 91 -40.08 6.97 2.72
C ASP F 91 -38.58 7.07 2.50
N PHE F 92 -37.83 6.58 3.49
CA PHE F 92 -36.37 6.58 3.43
C PHE F 92 -35.87 5.32 4.11
N THR F 93 -34.79 4.76 3.59
CA THR F 93 -34.28 3.48 4.09
C THR F 93 -32.77 3.53 4.17
N LEU F 94 -32.23 2.97 5.25
CA LEU F 94 -30.80 2.82 5.46
C LEU F 94 -30.46 1.34 5.39
N THR F 95 -29.43 1.00 4.61
CA THR F 95 -29.06 -0.37 4.32
C THR F 95 -27.65 -0.65 4.81
N ILE F 96 -27.49 -1.71 5.60
CA ILE F 96 -26.20 -2.13 6.11
C ILE F 96 -25.89 -3.47 5.47
N SER F 97 -24.96 -3.47 4.50
CA SER F 97 -24.73 -4.68 3.71
C SER F 97 -23.99 -5.74 4.52
N ARG F 98 -22.87 -5.37 5.12
CA ARG F 98 -21.98 -6.30 5.82
C ARG F 98 -21.86 -5.87 7.27
N LEU F 99 -22.80 -6.32 8.09
CA LEU F 99 -22.83 -5.96 9.51
C LEU F 99 -21.57 -6.47 10.21
N GLU F 100 -20.94 -5.58 10.98
CA GLU F 100 -19.70 -5.88 11.69
C GLU F 100 -19.89 -5.69 13.20
N PRO F 101 -18.96 -6.16 14.04
CA PRO F 101 -19.16 -6.03 15.50
C PRO F 101 -19.39 -4.63 16.00
N GLU F 102 -18.65 -3.64 15.46
CA GLU F 102 -18.76 -2.24 15.98
C GLU F 102 -20.03 -1.56 15.45
N ASP F 103 -20.74 -2.20 14.51
CA ASP F 103 -21.94 -1.60 13.92
C ASP F 103 -23.19 -1.78 14.76
N PHE F 104 -23.12 -2.40 15.94
CA PHE F 104 -24.29 -2.62 16.76
C PHE F 104 -24.52 -1.41 17.66
N ALA F 105 -25.60 -0.69 17.42
CA ALA F 105 -25.92 0.56 18.10
C ALA F 105 -27.36 0.94 17.76
N VAL F 106 -27.75 2.16 18.10
CA VAL F 106 -29.05 2.69 17.74
C VAL F 106 -28.89 3.63 16.56
N TYR F 107 -29.90 3.68 15.70
CA TYR F 107 -29.86 4.47 14.47
C TYR F 107 -31.04 5.42 14.45
N TYR F 108 -30.73 6.73 14.38
CA TYR F 108 -31.74 7.78 14.40
C TYR F 108 -31.80 8.48 13.05
N CYS F 109 -33.00 8.88 12.64
CA CYS F 109 -33.22 9.59 11.38
C CYS F 109 -33.85 10.95 11.69
N GLN F 110 -33.19 12.02 11.25
CA GLN F 110 -33.65 13.38 11.50
C GLN F 110 -33.94 14.09 10.20
N GLN F 111 -34.92 14.99 10.22
CA GLN F 111 -35.23 15.86 9.10
C GLN F 111 -34.93 17.30 9.51
N TYR F 112 -34.19 18.01 8.66
CA TYR F 112 -33.80 19.39 8.93
C TYR F 112 -34.34 20.37 7.88
N GLY F 113 -35.29 19.94 7.06
CA GLY F 113 -35.88 20.81 6.07
C GLY F 113 -36.88 21.79 6.63
N ASN F 114 -38.08 21.30 6.95
CA ASN F 114 -39.17 22.14 7.41
C ASN F 114 -39.21 22.19 8.94
N SER F 115 -39.38 23.38 9.48
CA SER F 115 -39.49 23.54 10.92
C SER F 115 -40.81 22.97 11.42
N PRO F 116 -40.82 22.43 12.65
CA PRO F 116 -39.65 22.14 13.47
C PRO F 116 -38.93 20.86 13.06
N TRP F 117 -37.62 20.82 13.28
CA TRP F 117 -36.83 19.64 12.95
C TRP F 117 -37.06 18.53 13.97
N THR F 118 -37.22 17.31 13.48
CA THR F 118 -37.65 16.19 14.30
C THR F 118 -36.62 15.06 14.25
N PHE F 119 -36.63 14.24 15.30
CA PHE F 119 -35.81 13.05 15.42
C PHE F 119 -36.70 11.83 15.59
N GLY F 120 -36.26 10.70 15.03
CA GLY F 120 -36.99 9.47 15.20
C GLY F 120 -36.72 8.82 16.55
N GLN F 121 -37.59 7.87 16.91
CA GLN F 121 -37.40 7.14 18.16
C GLN F 121 -36.12 6.32 18.16
N GLY F 122 -35.58 6.01 16.97
CA GLY F 122 -34.39 5.20 16.88
C GLY F 122 -34.66 3.72 16.82
N THR F 123 -33.93 3.01 15.96
CA THR F 123 -34.04 1.58 15.81
C THR F 123 -32.80 0.91 16.40
N LYS F 124 -33.00 -0.17 17.14
CA LYS F 124 -31.93 -0.83 17.88
C LYS F 124 -31.31 -1.91 17.00
N VAL F 125 -29.99 -2.01 17.01
CA VAL F 125 -29.28 -3.06 16.28
C VAL F 125 -28.58 -3.93 17.31
N GLU F 126 -28.97 -5.20 17.36
CA GLU F 126 -28.53 -6.16 18.37
C GLU F 126 -27.99 -7.41 17.66
N ILE F 127 -27.46 -8.34 18.45
CA ILE F 127 -26.84 -9.55 17.90
C ILE F 127 -27.92 -10.57 17.57
N MET G 21 -14.71 32.14 -33.88
CA MET G 21 -13.56 31.25 -34.13
C MET G 21 -13.80 30.44 -35.40
N GLN G 22 -12.75 30.28 -36.20
CA GLN G 22 -12.90 29.59 -37.47
C GLN G 22 -11.54 29.14 -37.97
N LEU G 23 -11.57 28.24 -38.95
CA LEU G 23 -10.40 27.83 -39.71
C LEU G 23 -10.62 28.23 -41.17
N VAL G 24 -9.71 29.06 -41.69
CA VAL G 24 -9.84 29.56 -43.08
C VAL G 24 -8.81 28.84 -43.96
N GLN G 25 -9.28 28.06 -44.93
CA GLN G 25 -8.41 27.33 -45.83
C GLN G 25 -8.00 28.20 -47.03
N SER G 26 -7.12 27.66 -47.86
CA SER G 26 -6.56 28.40 -48.98
C SER G 26 -7.52 28.41 -50.17
N GLY G 27 -7.21 29.27 -51.14
CA GLY G 27 -7.99 29.43 -52.34
C GLY G 27 -7.87 28.23 -53.28
N PRO G 28 -8.80 28.13 -54.24
CA PRO G 28 -8.77 26.99 -55.17
C PRO G 28 -7.44 26.92 -55.92
N GLU G 29 -6.99 25.70 -56.19
CA GLU G 29 -5.68 25.45 -56.76
C GLU G 29 -5.82 24.64 -58.06
N VAL G 30 -5.08 25.07 -59.09
CA VAL G 30 -5.05 24.35 -60.40
C VAL G 30 -3.59 23.98 -60.67
N LYS G 31 -3.25 22.68 -60.61
CA LYS G 31 -1.87 22.23 -60.75
C LYS G 31 -1.78 21.13 -61.79
N LYS G 32 -0.59 20.98 -62.37
CA LYS G 32 -0.34 19.92 -63.34
C LYS G 32 0.00 18.60 -62.65
N PRO G 33 -0.22 17.47 -63.33
CA PRO G 33 0.20 16.19 -62.76
C PRO G 33 1.71 16.15 -62.54
N GLY G 34 2.11 15.47 -61.47
CA GLY G 34 3.51 15.35 -61.11
C GLY G 34 4.10 16.52 -60.33
N THR G 35 3.34 17.58 -60.10
CA THR G 35 3.81 18.68 -59.26
C THR G 35 3.32 18.46 -57.83
N SER G 36 3.54 19.44 -56.95
CA SER G 36 3.09 19.35 -55.57
C SER G 36 2.29 20.60 -55.22
N VAL G 37 1.15 20.39 -54.55
CA VAL G 37 0.25 21.47 -54.15
C VAL G 37 0.30 21.61 -52.64
N LYS G 38 0.28 22.85 -52.16
CA LYS G 38 0.27 23.16 -50.73
C LYS G 38 -0.98 23.94 -50.38
N VAL G 39 -1.82 23.33 -49.55
CA VAL G 39 -3.07 24.02 -49.09
C VAL G 39 -2.81 24.53 -47.66
N SER G 40 -3.09 25.81 -47.43
CA SER G 40 -2.85 26.45 -46.14
C SER G 40 -4.16 26.60 -45.38
N CYS G 41 -4.15 26.14 -44.13
CA CYS G 41 -5.30 26.22 -43.24
C CYS G 41 -4.90 27.10 -42.06
N LYS G 42 -5.48 28.30 -41.97
CA LYS G 42 -5.07 29.30 -40.99
C LYS G 42 -6.09 29.33 -39.85
N ALA G 43 -5.59 29.23 -38.62
CA ALA G 43 -6.44 29.20 -37.44
C ALA G 43 -6.63 30.60 -36.89
N SER G 44 -7.87 30.92 -36.51
CA SER G 44 -8.18 32.22 -35.95
C SER G 44 -9.27 32.08 -34.90
N GLY G 45 -9.04 32.68 -33.74
CA GLY G 45 -10.04 32.76 -32.70
C GLY G 45 -9.84 31.82 -31.54
N PHE G 46 -9.16 30.70 -31.75
CA PHE G 46 -8.93 29.73 -30.69
C PHE G 46 -7.44 29.54 -30.46
N THR G 47 -7.10 29.10 -29.25
CA THR G 47 -5.71 28.92 -28.85
C THR G 47 -5.15 27.73 -29.63
N PHE G 48 -4.47 28.02 -30.73
CA PHE G 48 -3.97 27.01 -31.66
C PHE G 48 -2.84 26.17 -31.07
N SER G 49 -2.29 26.57 -29.93
CA SER G 49 -1.11 25.90 -29.38
C SER G 49 -1.37 24.42 -29.10
N ILE G 50 -2.37 24.15 -28.25
CA ILE G 50 -2.63 22.74 -27.81
C ILE G 50 -3.61 22.05 -28.75
N SER G 51 -3.89 22.63 -29.92
CA SER G 51 -4.85 22.04 -30.84
C SER G 51 -4.19 20.91 -31.63
N ALA G 52 -4.91 20.40 -32.63
CA ALA G 52 -4.38 19.38 -33.53
C ALA G 52 -5.15 19.47 -34.84
N VAL G 53 -4.43 19.52 -35.96
CA VAL G 53 -5.05 19.73 -37.27
C VAL G 53 -5.12 18.40 -37.98
N GLN G 54 -6.31 18.06 -38.49
CA GLN G 54 -6.54 16.85 -39.25
C GLN G 54 -6.97 17.23 -40.66
N TRP G 55 -6.41 16.55 -41.65
CA TRP G 55 -6.68 16.82 -43.06
C TRP G 55 -7.49 15.69 -43.65
N VAL G 56 -8.65 16.03 -44.21
CA VAL G 56 -9.56 15.07 -44.83
C VAL G 56 -9.89 15.55 -46.23
N ARG G 57 -9.89 14.62 -47.19
CA ARG G 57 -10.18 14.94 -48.59
C ARG G 57 -11.47 14.26 -49.02
N GLN G 58 -12.24 14.97 -49.85
CA GLN G 58 -13.52 14.47 -50.35
C GLN G 58 -13.63 14.80 -51.83
N ALA G 59 -13.87 13.78 -52.65
CA ALA G 59 -14.23 14.02 -54.04
C ALA G 59 -15.72 14.29 -54.15
N ARG G 60 -16.10 14.88 -55.30
CA ARG G 60 -17.52 15.28 -55.53
C ARG G 60 -18.46 14.09 -55.38
N GLY G 61 -19.41 14.19 -54.45
CA GLY G 61 -20.37 13.12 -54.22
C GLY G 61 -19.76 11.79 -53.81
N GLN G 62 -18.71 11.82 -53.01
CA GLN G 62 -18.01 10.61 -52.59
C GLN G 62 -17.65 10.72 -51.12
N ARG G 63 -17.22 9.59 -50.55
CA ARG G 63 -16.94 9.54 -49.11
C ARG G 63 -15.65 10.29 -48.75
N LEU G 64 -15.57 10.75 -47.52
CA LEU G 64 -14.41 11.47 -47.01
C LEU G 64 -13.22 10.53 -46.81
N GLU G 65 -12.02 11.04 -47.06
CA GLU G 65 -10.77 10.29 -46.89
C GLU G 65 -9.84 11.07 -45.97
N TRP G 66 -9.23 10.37 -45.01
CA TRP G 66 -8.41 10.98 -43.97
C TRP G 66 -6.94 10.84 -44.33
N ILE G 67 -6.26 11.97 -44.50
CA ILE G 67 -4.83 11.98 -44.82
C ILE G 67 -4.02 11.72 -43.56
N GLY G 68 -3.98 12.71 -42.67
CA GLY G 68 -3.23 12.56 -41.44
C GLY G 68 -3.60 13.65 -40.46
N TRP G 69 -2.91 13.64 -39.32
CA TRP G 69 -3.13 14.62 -38.27
C TRP G 69 -1.79 15.01 -37.65
N ILE G 70 -1.72 16.24 -37.16
CA ILE G 70 -0.53 16.77 -36.53
C ILE G 70 -0.90 17.40 -35.19
N VAL G 71 -0.13 17.09 -34.16
CA VAL G 71 -0.23 17.81 -32.90
C VAL G 71 0.45 19.15 -33.09
N VAL G 72 -0.29 20.24 -32.92
CA VAL G 72 0.26 21.56 -33.20
C VAL G 72 1.43 21.87 -32.27
N GLY G 73 1.22 21.68 -30.96
CA GLY G 73 2.28 21.94 -30.00
C GLY G 73 3.52 21.11 -30.20
N SER G 74 3.37 19.77 -30.20
CA SER G 74 4.53 18.90 -30.32
C SER G 74 5.09 18.87 -31.74
N GLY G 75 4.24 19.07 -32.75
CA GLY G 75 4.66 18.90 -34.13
C GLY G 75 4.69 17.47 -34.61
N ASN G 76 4.53 16.49 -33.73
CA ASN G 76 4.54 15.09 -34.13
C ASN G 76 3.44 14.81 -35.14
N THR G 77 3.79 14.10 -36.21
CA THR G 77 2.89 13.86 -37.33
C THR G 77 2.64 12.37 -37.50
N ASN G 78 1.38 12.02 -37.75
CA ASN G 78 0.98 10.66 -38.08
C ASN G 78 0.25 10.69 -39.40
N TYR G 79 0.71 9.89 -40.35
CA TYR G 79 0.16 9.87 -41.71
C TYR G 79 -0.44 8.50 -42.00
N ALA G 80 -1.55 8.49 -42.73
CA ALA G 80 -2.08 7.26 -43.27
C ALA G 80 -1.11 6.70 -44.30
N GLN G 81 -0.96 5.37 -44.31
CA GLN G 81 0.03 4.74 -45.18
C GLN G 81 -0.18 5.05 -46.65
N LYS G 82 -1.39 5.47 -47.04
CA LYS G 82 -1.64 5.82 -48.44
C LYS G 82 -0.79 7.01 -48.86
N PHE G 83 -0.85 8.11 -48.10
CA PHE G 83 -0.13 9.33 -48.43
C PHE G 83 1.23 9.44 -47.73
N GLN G 84 1.77 8.34 -47.20
CA GLN G 84 3.01 8.42 -46.43
C GLN G 84 4.10 9.16 -47.19
N GLU G 85 4.39 8.73 -48.41
CA GLU G 85 5.44 9.34 -49.21
C GLU G 85 5.01 10.68 -49.79
N ARG G 86 3.73 10.81 -50.12
CA ARG G 86 3.21 11.86 -50.97
C ARG G 86 2.90 13.16 -50.24
N VAL G 87 2.69 13.14 -48.92
CA VAL G 87 2.24 14.33 -48.20
C VAL G 87 3.15 14.62 -47.01
N THR G 88 3.23 15.90 -46.67
CA THR G 88 3.91 16.38 -45.47
C THR G 88 3.02 17.42 -44.81
N ILE G 89 2.58 17.14 -43.58
CA ILE G 89 1.73 18.06 -42.82
C ILE G 89 2.61 18.88 -41.89
N THR G 90 2.50 20.20 -42.01
CA THR G 90 3.30 21.08 -41.13
C THR G 90 2.41 22.16 -40.54
N ARG G 91 2.97 22.93 -39.61
CA ARG G 91 2.23 24.03 -38.98
C ARG G 91 3.23 25.13 -38.59
N ASP G 92 2.77 26.37 -38.52
CA ASP G 92 3.60 27.50 -38.11
C ASP G 92 2.86 28.25 -37.02
N MET G 93 3.43 28.25 -35.81
CA MET G 93 2.78 28.89 -34.68
C MET G 93 2.80 30.40 -34.77
N SER G 94 3.73 30.97 -35.52
CA SER G 94 3.78 32.43 -35.67
C SER G 94 2.58 32.94 -36.43
N THR G 95 2.18 32.24 -37.49
CA THR G 95 1.02 32.61 -38.28
C THR G 95 -0.24 31.84 -37.90
N SER G 96 -0.13 30.93 -36.92
CA SER G 96 -1.26 30.09 -36.50
C SER G 96 -1.87 29.33 -37.68
N THR G 97 -1.01 28.93 -38.61
CA THR G 97 -1.44 28.31 -39.86
C THR G 97 -0.87 26.90 -39.97
N ALA G 98 -1.72 25.96 -40.34
CA ALA G 98 -1.31 24.59 -40.65
C ALA G 98 -1.28 24.38 -42.16
N TYR G 99 -0.36 23.54 -42.60
CA TYR G 99 -0.13 23.31 -44.03
C TYR G 99 -0.13 21.82 -44.33
N MET G 100 -0.71 21.45 -45.47
CA MET G 100 -0.65 20.08 -45.98
C MET G 100 -0.28 20.14 -47.45
N GLU G 101 0.80 19.45 -47.82
CA GLU G 101 1.29 19.45 -49.20
C GLU G 101 1.19 18.04 -49.76
N LEU G 102 0.54 17.91 -50.93
CA LEU G 102 0.45 16.63 -51.63
C LEU G 102 1.37 16.69 -52.84
N SER G 103 2.33 15.77 -52.90
CA SER G 103 3.33 15.74 -53.94
C SER G 103 3.05 14.63 -54.95
N SER G 104 3.72 14.71 -56.10
CA SER G 104 3.51 13.80 -57.23
C SER G 104 2.02 13.68 -57.56
N LEU G 105 1.43 14.85 -57.83
CA LEU G 105 0.00 14.94 -58.06
C LEU G 105 -0.45 14.07 -59.23
N ARG G 106 -1.53 13.33 -59.02
CA ARG G 106 -2.17 12.51 -60.04
C ARG G 106 -3.54 13.10 -60.36
N PHE G 107 -4.03 12.78 -61.57
CA PHE G 107 -5.35 13.25 -61.98
C PHE G 107 -6.41 12.87 -60.94
N GLU G 108 -6.35 11.64 -60.43
CA GLU G 108 -7.32 11.17 -59.46
C GLU G 108 -7.25 11.94 -58.13
N ASP G 109 -6.16 12.63 -57.86
CA ASP G 109 -6.06 13.42 -56.63
C ASP G 109 -6.92 14.68 -56.65
N THR G 110 -7.62 14.98 -57.74
CA THR G 110 -8.46 16.16 -57.78
C THR G 110 -9.66 15.97 -56.85
N ALA G 111 -9.77 16.83 -55.83
CA ALA G 111 -10.83 16.75 -54.84
C ALA G 111 -10.72 17.98 -53.96
N VAL G 112 -11.74 18.20 -53.14
CA VAL G 112 -11.68 19.22 -52.10
C VAL G 112 -11.07 18.60 -50.86
N TYR G 113 -10.23 19.37 -50.18
CA TYR G 113 -9.50 18.91 -49.01
C TYR G 113 -9.93 19.74 -47.79
N TYR G 114 -10.23 19.06 -46.69
CA TYR G 114 -10.81 19.69 -45.52
C TYR G 114 -9.79 19.72 -44.38
N CYS G 115 -9.91 20.74 -43.54
CA CYS G 115 -9.04 20.94 -42.39
C CYS G 115 -9.89 20.99 -41.14
N ALA G 116 -9.58 20.13 -40.17
CA ALA G 116 -10.38 20.00 -38.95
C ALA G 116 -9.48 20.14 -37.72
N ALA G 117 -9.97 20.87 -36.73
CA ALA G 117 -9.21 21.08 -35.50
C ALA G 117 -10.19 21.18 -34.34
N PRO G 118 -9.75 20.86 -33.13
CA PRO G 118 -10.62 21.01 -31.94
C PRO G 118 -10.42 22.35 -31.25
N TYR G 119 -11.57 23.04 -31.03
CA TYR G 119 -11.59 24.32 -30.30
C TYR G 119 -11.01 24.00 -28.95
N CYS G 120 -9.70 24.25 -28.84
CA CYS G 120 -9.00 23.95 -27.59
C CYS G 120 -8.65 25.24 -26.91
N GLY G 121 -9.66 25.97 -26.46
CA GLY G 121 -9.46 27.30 -25.90
C GLY G 121 -8.78 27.17 -24.56
N GLY G 122 -9.54 26.66 -23.60
CA GLY G 122 -8.99 26.30 -22.31
C GLY G 122 -8.73 24.81 -22.32
N ASP G 123 -9.80 24.05 -22.13
CA ASP G 123 -9.78 22.61 -22.40
C ASP G 123 -10.03 22.36 -23.88
N CYS G 124 -9.41 21.29 -24.41
CA CYS G 124 -9.40 21.02 -25.88
C CYS G 124 -10.70 20.47 -26.47
N SER G 125 -11.84 20.56 -25.77
CA SER G 125 -13.13 20.19 -26.35
C SER G 125 -13.29 18.76 -26.81
N ASP G 126 -12.25 17.98 -26.79
CA ASP G 126 -12.42 16.54 -27.09
C ASP G 126 -13.23 16.28 -28.35
N GLY G 127 -13.10 17.11 -29.37
CA GLY G 127 -13.78 16.78 -30.65
C GLY G 127 -13.44 17.74 -31.76
N PHE G 128 -13.34 17.23 -32.97
CA PHE G 128 -13.04 18.09 -34.12
C PHE G 128 -14.27 18.96 -34.39
N ASP G 129 -14.35 20.11 -33.71
CA ASP G 129 -15.52 20.97 -33.83
C ASP G 129 -15.34 22.10 -34.85
N ILE G 130 -14.14 22.33 -35.34
CA ILE G 130 -13.90 23.40 -36.32
C ILE G 130 -13.46 22.75 -37.63
N TRP G 131 -14.19 23.02 -38.70
CA TRP G 131 -13.88 22.51 -40.03
C TRP G 131 -13.77 23.69 -41.00
N GLY G 132 -12.74 23.64 -41.85
CA GLY G 132 -12.54 24.70 -42.82
C GLY G 132 -13.45 24.56 -44.02
N GLN G 133 -13.43 25.59 -44.86
CA GLN G 133 -14.28 25.62 -46.05
C GLN G 133 -13.83 24.63 -47.11
N GLY G 134 -12.59 24.19 -47.06
CA GLY G 134 -12.09 23.27 -48.07
C GLY G 134 -11.41 23.98 -49.22
N THR G 135 -10.43 23.32 -49.81
CA THR G 135 -9.69 23.84 -50.95
C THR G 135 -9.84 22.88 -52.12
N MET G 136 -10.16 23.42 -53.30
CA MET G 136 -10.41 22.63 -54.50
C MET G 136 -9.14 22.61 -55.35
N VAL G 137 -8.45 21.47 -55.34
CA VAL G 137 -7.24 21.28 -56.14
C VAL G 137 -7.63 20.46 -57.37
N THR G 138 -7.47 21.07 -58.55
CA THR G 138 -7.81 20.42 -59.81
C THR G 138 -6.53 20.17 -60.60
N VAL G 139 -6.28 18.88 -60.88
CA VAL G 139 -5.04 18.45 -61.58
C VAL G 139 -5.39 17.98 -63.00
N SER G 140 -4.78 18.59 -64.00
CA SER G 140 -5.03 18.21 -65.39
C SER G 140 -3.83 18.64 -66.22
N SER G 141 -3.58 17.91 -67.31
CA SER G 141 -2.43 18.18 -68.15
C SER G 141 -2.54 19.54 -68.82
N ALA G 142 -3.76 20.02 -69.05
CA ALA G 142 -3.93 21.26 -69.79
C ALA G 142 -4.11 22.42 -68.84
N MET H 21 -14.54 15.29 12.65
CA MET H 21 -13.24 14.93 12.02
C MET H 21 -12.14 15.02 13.08
N GLN H 22 -11.79 13.90 13.70
CA GLN H 22 -10.82 13.93 14.79
C GLN H 22 -10.08 12.61 14.84
N LEU H 23 -8.96 12.62 15.57
CA LEU H 23 -8.14 11.45 15.84
C LEU H 23 -8.13 11.19 17.34
N VAL H 24 -8.53 9.96 17.71
CA VAL H 24 -8.61 9.57 19.15
C VAL H 24 -7.44 8.64 19.47
N GLN H 25 -6.50 9.10 20.29
CA GLN H 25 -5.31 8.33 20.63
C GLN H 25 -5.61 7.35 21.77
N SER H 26 -4.62 6.50 22.07
CA SER H 26 -4.78 5.46 23.06
C SER H 26 -4.60 6.01 24.48
N GLY H 27 -4.98 5.20 25.46
CA GLY H 27 -4.89 5.59 26.85
C GLY H 27 -3.46 5.64 27.36
N PRO H 28 -3.25 6.33 28.49
CA PRO H 28 -1.90 6.44 29.05
C PRO H 28 -1.31 5.09 29.39
N GLU H 29 0.00 4.97 29.21
CA GLU H 29 0.71 3.70 29.35
C GLU H 29 1.81 3.82 30.40
N VAL H 30 1.89 2.77 31.24
CA VAL H 30 2.97 2.67 32.26
C VAL H 30 3.66 1.34 31.96
N LYS H 31 4.87 1.38 31.38
CA LYS H 31 5.54 0.13 30.98
C LYS H 31 6.92 0.04 31.64
N LYS H 32 7.47 -1.17 31.71
CA LYS H 32 8.81 -1.35 32.25
C LYS H 32 9.87 -1.12 31.17
N PRO H 33 11.09 -0.75 31.57
CA PRO H 33 12.18 -0.64 30.60
C PRO H 33 12.44 -1.97 29.92
N GLY H 34 12.82 -1.89 28.64
CA GLY H 34 13.06 -3.06 27.83
C GLY H 34 11.83 -3.70 27.25
N THR H 35 10.64 -3.18 27.53
CA THR H 35 9.41 -3.67 26.94
C THR H 35 9.07 -2.84 25.71
N SER H 36 7.90 -3.08 25.11
CA SER H 36 7.44 -2.34 23.95
C SER H 36 6.03 -1.84 24.19
N VAL H 37 5.78 -0.58 23.85
CA VAL H 37 4.50 0.06 24.03
C VAL H 37 3.87 0.29 22.66
N LYS H 38 2.55 0.11 22.57
CA LYS H 38 1.80 0.29 21.34
C LYS H 38 0.81 1.44 21.54
N VAL H 39 0.94 2.49 20.72
CA VAL H 39 0.08 3.66 20.79
C VAL H 39 -0.91 3.61 19.63
N SER H 40 -2.19 3.63 19.96
CA SER H 40 -3.26 3.50 18.97
C SER H 40 -3.86 4.86 18.66
N CYS H 41 -3.92 5.20 17.37
CA CYS H 41 -4.51 6.45 16.90
C CYS H 41 -5.71 6.14 16.02
N LYS H 42 -6.90 6.51 16.47
CA LYS H 42 -8.15 6.16 15.81
C LYS H 42 -8.68 7.33 15.00
N ALA H 43 -8.94 7.09 13.72
CA ALA H 43 -9.43 8.13 12.81
C ALA H 43 -10.94 8.09 12.74
N SER H 44 -11.57 9.25 12.81
CA SER H 44 -13.02 9.35 12.71
C SER H 44 -13.39 10.66 12.05
N GLY H 45 -14.27 10.58 11.05
CA GLY H 45 -14.84 11.76 10.42
C GLY H 45 -14.28 12.10 9.06
N PHE H 46 -13.03 11.72 8.79
CA PHE H 46 -12.42 12.03 7.51
C PHE H 46 -12.01 10.74 6.80
N THR H 47 -11.96 10.83 5.46
CA THR H 47 -11.57 9.65 4.64
C THR H 47 -10.11 9.33 4.93
N PHE H 48 -9.89 8.33 5.78
CA PHE H 48 -8.55 7.93 6.18
C PHE H 48 -7.76 7.28 5.05
N SER H 49 -8.40 6.96 3.93
CA SER H 49 -7.74 6.19 2.88
C SER H 49 -6.49 6.92 2.35
N ILE H 50 -6.66 8.16 1.88
CA ILE H 50 -5.51 8.85 1.22
C ILE H 50 -4.79 9.80 2.19
N SER H 51 -5.01 9.63 3.50
CA SER H 51 -4.40 10.51 4.50
C SER H 51 -2.93 10.11 4.71
N ALA H 52 -2.32 10.68 5.75
CA ALA H 52 -0.96 10.29 6.14
C ALA H 52 -0.78 10.62 7.61
N VAL H 53 -0.33 9.65 8.40
CA VAL H 53 -0.19 9.80 9.83
C VAL H 53 1.28 9.95 10.19
N GLN H 54 1.59 10.99 10.96
CA GLN H 54 2.93 11.23 11.48
C GLN H 54 2.88 11.19 13.01
N TRP H 55 3.89 10.59 13.63
CA TRP H 55 3.96 10.47 15.08
C TRP H 55 5.04 11.40 15.60
N VAL H 56 4.65 12.29 16.52
CA VAL H 56 5.56 13.25 17.13
C VAL H 56 5.47 13.09 18.64
N ARG H 57 6.62 13.06 19.31
CA ARG H 57 6.68 12.89 20.75
C ARG H 57 7.30 14.12 21.41
N GLN H 58 6.75 14.49 22.55
CA GLN H 58 7.19 15.66 23.31
C GLN H 58 7.23 15.32 24.79
N ALA H 59 8.37 15.57 25.43
CA ALA H 59 8.44 15.48 26.87
C ALA H 59 7.92 16.77 27.49
N ARG H 60 7.57 16.69 28.77
CA ARG H 60 6.98 17.84 29.46
C ARG H 60 7.96 19.01 29.46
N GLY H 61 7.50 20.15 28.94
CA GLY H 61 8.35 21.33 28.83
C GLY H 61 9.58 21.11 27.97
N GLN H 62 9.42 20.39 26.86
CA GLN H 62 10.53 20.06 25.98
C GLN H 62 10.05 20.25 24.53
N ARG H 63 11.02 20.27 23.60
CA ARG H 63 10.71 20.48 22.19
C ARG H 63 10.00 19.27 21.60
N LEU H 64 9.23 19.50 20.54
CA LEU H 64 8.57 18.41 19.85
C LEU H 64 9.58 17.63 19.02
N GLU H 65 9.43 16.30 18.99
CA GLU H 65 10.29 15.43 18.22
C GLU H 65 9.47 14.55 17.29
N TRP H 66 9.87 14.47 16.03
CA TRP H 66 9.13 13.77 14.99
C TRP H 66 9.75 12.40 14.76
N ILE H 67 8.96 11.34 14.97
CA ILE H 67 9.43 9.98 14.78
C ILE H 67 9.42 9.63 13.29
N GLY H 68 8.24 9.47 12.72
CA GLY H 68 8.13 9.13 11.31
C GLY H 68 6.73 9.35 10.80
N TRP H 69 6.51 8.98 9.54
CA TRP H 69 5.22 9.15 8.90
C TRP H 69 4.93 7.96 8.00
N ILE H 70 3.65 7.66 7.84
CA ILE H 70 3.21 6.53 7.02
C ILE H 70 2.12 7.00 6.07
N VAL H 71 2.25 6.63 4.80
CA VAL H 71 1.13 6.76 3.86
C VAL H 71 0.18 5.61 4.13
N VAL H 72 -1.07 5.92 4.54
CA VAL H 72 -2.01 4.83 4.95
C VAL H 72 -2.47 4.01 3.72
N GLY H 73 -2.64 4.63 2.56
CA GLY H 73 -2.95 3.86 1.36
C GLY H 73 -1.81 2.98 0.90
N SER H 74 -0.63 3.57 0.69
CA SER H 74 0.50 2.80 0.20
C SER H 74 1.09 1.91 1.28
N GLY H 75 0.99 2.32 2.55
CA GLY H 75 1.66 1.62 3.62
C GLY H 75 3.13 1.93 3.74
N ASN H 76 3.71 2.64 2.78
CA ASN H 76 5.13 2.98 2.82
C ASN H 76 5.44 3.83 4.04
N THR H 77 6.50 3.47 4.76
CA THR H 77 6.87 4.11 6.01
C THR H 77 8.27 4.69 5.88
N ASN H 78 8.44 5.89 6.41
CA ASN H 78 9.73 6.56 6.50
C ASN H 78 10.00 6.91 7.95
N TYR H 79 11.13 6.44 8.47
CA TYR H 79 11.48 6.62 9.88
C TYR H 79 12.73 7.48 9.99
N ALA H 80 12.75 8.33 11.01
CA ALA H 80 13.98 9.04 11.35
C ALA H 80 15.02 8.05 11.85
N GLN H 81 16.28 8.28 11.49
CA GLN H 81 17.34 7.34 11.81
C GLN H 81 17.47 7.08 13.31
N LYS H 82 16.97 7.99 14.14
CA LYS H 82 17.03 7.80 15.59
C LYS H 82 16.23 6.58 16.02
N PHE H 83 14.96 6.51 15.62
CA PHE H 83 14.07 5.41 15.97
C PHE H 83 14.04 4.29 14.92
N GLN H 84 15.00 4.28 14.00
CA GLN H 84 14.96 3.29 12.88
C GLN H 84 14.73 1.87 13.42
N GLU H 85 15.57 1.42 14.36
CA GLU H 85 15.46 0.05 14.86
C GLU H 85 14.30 -0.11 15.84
N ARG H 86 14.02 0.93 16.63
CA ARG H 86 13.17 0.81 17.79
C ARG H 86 11.67 0.93 17.52
N VAL H 87 11.25 1.52 16.40
CA VAL H 87 9.84 1.77 16.17
C VAL H 87 9.38 1.20 14.84
N THR H 88 8.09 0.83 14.79
CA THR H 88 7.46 0.31 13.55
C THR H 88 6.04 0.91 13.46
N ILE H 89 5.80 1.80 12.49
CA ILE H 89 4.51 2.47 12.31
C ILE H 89 3.66 1.62 11.38
N THR H 90 2.46 1.30 11.84
CA THR H 90 1.54 0.46 11.02
C THR H 90 0.14 1.10 11.02
N ARG H 91 -0.72 0.58 10.15
CA ARG H 91 -2.11 1.09 10.06
C ARG H 91 -3.03 -0.07 9.68
N ASP H 92 -4.30 0.04 10.04
CA ASP H 92 -5.32 -0.95 9.68
C ASP H 92 -6.51 -0.21 9.11
N MET H 93 -6.79 -0.43 7.82
CA MET H 93 -7.89 0.31 7.14
C MET H 93 -9.24 -0.10 7.74
N SER H 94 -9.38 -1.35 8.20
CA SER H 94 -10.67 -1.81 8.70
C SER H 94 -11.10 -1.01 9.92
N THR H 95 -10.18 -0.72 10.83
CA THR H 95 -10.47 0.05 12.03
C THR H 95 -10.11 1.52 11.89
N SER H 96 -9.66 1.94 10.71
CA SER H 96 -9.22 3.34 10.51
C SER H 96 -8.31 3.75 11.69
N THR H 97 -7.35 2.88 12.03
CA THR H 97 -6.47 3.12 13.16
C THR H 97 -5.02 3.01 12.71
N ALA H 98 -4.21 3.98 13.11
CA ALA H 98 -2.77 3.93 12.92
C ALA H 98 -2.08 3.59 14.24
N TYR H 99 -0.97 2.87 14.16
CA TYR H 99 -0.28 2.39 15.35
C TYR H 99 1.20 2.74 15.27
N MET H 100 1.77 3.12 16.40
CA MET H 100 3.20 3.36 16.54
C MET H 100 3.68 2.67 17.80
N GLU H 101 4.64 1.75 17.66
CA GLU H 101 5.18 1.01 18.79
C GLU H 101 6.67 1.30 18.94
N LEU H 102 7.07 1.70 20.14
CA LEU H 102 8.47 1.93 20.48
C LEU H 102 8.95 0.76 21.35
N SER H 103 9.98 0.07 20.88
CA SER H 103 10.51 -1.11 21.54
C SER H 103 11.79 -0.79 22.29
N SER H 104 12.17 -1.71 23.18
CA SER H 104 13.30 -1.52 24.09
C SER H 104 13.20 -0.17 24.81
N LEU H 105 12.07 0.00 25.48
CA LEU H 105 11.75 1.27 26.13
C LEU H 105 12.84 1.67 27.12
N ARG H 106 13.24 2.93 27.05
CA ARG H 106 14.22 3.51 27.95
C ARG H 106 13.54 4.56 28.83
N PHE H 107 14.12 4.79 30.01
CA PHE H 107 13.57 5.80 30.93
C PHE H 107 13.41 7.14 30.24
N GLU H 108 14.40 7.55 29.44
CA GLU H 108 14.35 8.84 28.76
C GLU H 108 13.24 8.91 27.72
N ASP H 109 12.73 7.76 27.26
CA ASP H 109 11.65 7.75 26.29
C ASP H 109 10.30 8.14 26.90
N THR H 110 10.23 8.42 28.20
CA THR H 110 8.97 8.82 28.81
C THR H 110 8.57 10.21 28.32
N ALA H 111 7.42 10.27 27.66
CA ALA H 111 6.89 11.51 27.09
C ALA H 111 5.49 11.23 26.58
N VAL H 112 4.82 12.32 26.18
CA VAL H 112 3.48 12.19 25.53
C VAL H 112 3.72 12.12 24.03
N TYR H 113 3.09 11.15 23.36
CA TYR H 113 3.29 10.90 21.94
C TYR H 113 2.04 11.32 21.18
N TYR H 114 2.24 12.08 20.10
CA TYR H 114 1.16 12.70 19.36
C TYR H 114 1.00 12.05 18.00
N CYS H 115 -0.24 12.06 17.50
CA CYS H 115 -0.59 11.51 16.20
C CYS H 115 -1.21 12.62 15.37
N ALA H 116 -0.64 12.87 14.19
CA ALA H 116 -1.09 13.96 13.34
C ALA H 116 -1.36 13.46 11.94
N ALA H 117 -2.46 13.91 11.36
CA ALA H 117 -2.85 13.53 10.01
C ALA H 117 -3.55 14.70 9.35
N PRO H 118 -3.54 14.77 8.03
CA PRO H 118 -4.28 15.83 7.34
C PRO H 118 -5.69 15.41 6.97
N TYR H 119 -6.63 16.35 7.09
CA TYR H 119 -8.06 16.06 6.80
C TYR H 119 -8.25 15.81 5.31
N CYS H 120 -8.40 14.53 4.94
CA CYS H 120 -8.62 14.19 3.50
C CYS H 120 -10.10 13.91 3.27
N GLY H 121 -10.69 14.54 2.25
CA GLY H 121 -12.10 14.27 1.89
C GLY H 121 -12.19 13.93 0.42
N GLY H 122 -12.75 14.82 -0.42
CA GLY H 122 -12.72 14.56 -1.88
C GLY H 122 -11.28 14.59 -2.34
N ASP H 123 -10.47 15.46 -1.73
CA ASP H 123 -9.04 15.55 -2.03
C ASP H 123 -8.39 15.45 -0.66
N CYS H 124 -7.20 15.99 -0.51
CA CYS H 124 -6.47 15.81 0.79
C CYS H 124 -6.08 17.18 1.36
N SER H 125 -5.87 17.24 2.68
CA SER H 125 -5.47 18.51 3.34
C SER H 125 -3.98 18.79 3.09
N ASP H 126 -3.66 20.03 2.79
CA ASP H 126 -2.24 20.35 2.63
C ASP H 126 -1.69 20.75 3.98
N GLY H 127 -1.14 19.80 4.70
CA GLY H 127 -0.71 20.12 6.05
C GLY H 127 -1.44 19.32 7.13
N PHE H 128 -0.73 19.07 8.23
CA PHE H 128 -1.23 18.25 9.34
C PHE H 128 -2.18 19.08 10.20
N ASP H 129 -3.47 19.06 9.85
CA ASP H 129 -4.45 19.86 10.57
C ASP H 129 -5.19 19.10 11.67
N ILE H 130 -5.05 17.77 11.69
CA ILE H 130 -5.73 16.95 12.73
C ILE H 130 -4.67 16.36 13.68
N TRP H 131 -4.74 16.69 14.97
CA TRP H 131 -3.80 16.20 15.96
C TRP H 131 -4.56 15.50 17.07
N GLY H 132 -4.04 14.36 17.52
CA GLY H 132 -4.67 13.62 18.58
C GLY H 132 -4.37 14.19 19.96
N GLN H 133 -5.08 13.67 20.96
CA GLN H 133 -4.90 14.16 22.33
C GLN H 133 -3.55 13.79 22.92
N GLY H 134 -2.89 12.79 22.38
CA GLY H 134 -1.61 12.36 22.92
C GLY H 134 -1.74 11.25 23.93
N THR H 135 -0.73 10.39 23.99
CA THR H 135 -0.67 9.28 24.93
C THR H 135 0.57 9.42 25.80
N MET H 136 0.38 9.29 27.11
CA MET H 136 1.47 9.47 28.08
C MET H 136 2.01 8.09 28.45
N VAL H 137 3.17 7.76 27.86
CA VAL H 137 3.86 6.48 28.19
C VAL H 137 4.98 6.79 29.19
N THR H 138 4.86 6.28 30.41
CA THR H 138 5.84 6.49 31.46
C THR H 138 6.54 5.17 31.77
N VAL H 139 7.86 5.18 31.60
CA VAL H 139 8.67 3.94 31.80
C VAL H 139 9.50 4.08 33.07
N SER H 140 9.25 3.23 34.06
CA SER H 140 9.95 3.22 35.34
C SER H 140 9.67 1.88 36.01
N SER H 141 10.39 1.60 37.10
CA SER H 141 10.23 0.37 37.86
C SER H 141 9.74 0.68 39.28
N ALA H 142 8.43 0.60 39.49
CA ALA H 142 7.82 0.84 40.81
C ALA H 142 6.33 0.54 40.77
N GLU I 21 -6.94 -2.70 -39.00
CA GLU I 21 -7.61 -1.49 -39.43
C GLU I 21 -9.09 -1.51 -39.02
N ILE I 22 -9.62 -0.35 -38.63
CA ILE I 22 -11.01 -0.23 -38.21
C ILE I 22 -11.89 0.00 -39.43
N VAL I 23 -12.92 -0.83 -39.58
CA VAL I 23 -13.85 -0.76 -40.70
C VAL I 23 -15.16 -0.17 -40.18
N LEU I 24 -15.62 0.92 -40.78
CA LEU I 24 -16.84 1.60 -40.36
C LEU I 24 -17.94 1.31 -41.37
N THR I 25 -18.90 0.48 -40.95
CA THR I 25 -20.04 0.10 -41.83
C THR I 25 -21.30 0.84 -41.37
N GLN I 26 -21.92 1.59 -42.27
CA GLN I 26 -23.11 2.36 -41.99
C GLN I 26 -24.32 1.74 -42.71
N SER I 27 -25.44 1.66 -41.99
CA SER I 27 -26.69 1.15 -42.54
C SER I 27 -27.83 2.08 -42.15
N PRO I 28 -28.73 2.40 -43.09
CA PRO I 28 -28.76 1.92 -44.47
C PRO I 28 -28.00 2.82 -45.44
N GLY I 29 -27.94 2.41 -46.70
CA GLY I 29 -27.36 3.23 -47.74
C GLY I 29 -28.15 4.51 -47.93
N THR I 30 -29.40 4.38 -48.36
CA THR I 30 -30.30 5.51 -48.55
C THR I 30 -31.47 5.35 -47.60
N LEU I 31 -31.65 6.35 -46.72
CA LEU I 31 -32.75 6.38 -45.77
C LEU I 31 -33.66 7.54 -46.13
N SER I 32 -34.92 7.23 -46.46
CA SER I 32 -35.89 8.23 -46.89
C SER I 32 -37.08 8.22 -45.94
N LEU I 33 -37.32 9.34 -45.28
CA LEU I 33 -38.41 9.48 -44.32
C LEU I 33 -39.00 10.88 -44.43
N SER I 34 -40.24 11.00 -43.96
CA SER I 34 -40.95 12.30 -44.02
C SER I 34 -40.66 13.08 -42.73
N PRO I 35 -40.78 14.43 -42.75
CA PRO I 35 -40.56 15.25 -41.55
C PRO I 35 -41.42 14.78 -40.39
N GLY I 36 -40.85 14.87 -39.19
CA GLY I 36 -41.51 14.40 -37.99
C GLY I 36 -41.38 12.91 -37.73
N GLU I 37 -40.50 12.22 -38.44
CA GLU I 37 -40.28 10.79 -38.27
C GLU I 37 -38.91 10.54 -37.65
N ARG I 38 -38.85 9.51 -36.80
CA ARG I 38 -37.58 9.17 -36.10
C ARG I 38 -36.60 8.50 -37.06
N ALA I 39 -35.35 8.95 -37.06
CA ALA I 39 -34.31 8.41 -37.93
C ALA I 39 -33.28 7.69 -37.08
N THR I 40 -33.14 6.39 -37.30
CA THR I 40 -32.21 5.54 -36.55
C THR I 40 -31.09 5.11 -37.50
N LEU I 41 -29.97 5.83 -37.44
CA LEU I 41 -28.79 5.50 -38.23
C LEU I 41 -27.78 4.79 -37.34
N SER I 42 -27.14 3.76 -37.90
CA SER I 42 -26.23 2.92 -37.14
C SER I 42 -24.85 2.91 -37.79
N CYS I 43 -23.81 2.83 -36.94
CA CYS I 43 -22.42 2.77 -37.37
C CYS I 43 -21.77 1.60 -36.65
N ARG I 44 -21.19 0.68 -37.42
CA ARG I 44 -20.61 -0.54 -36.89
C ARG I 44 -19.13 -0.60 -37.22
N ALA I 45 -18.34 -1.15 -36.30
CA ALA I 45 -16.90 -1.21 -36.46
C ALA I 45 -16.42 -2.66 -36.46
N SER I 46 -15.19 -2.85 -36.93
CA SER I 46 -14.60 -4.18 -36.98
C SER I 46 -14.09 -4.60 -35.60
N GLN I 47 -13.11 -3.84 -35.10
CA GLN I 47 -12.62 -4.05 -33.71
C GLN I 47 -13.18 -2.91 -32.87
N SER I 48 -13.48 -3.17 -31.60
CA SER I 48 -14.07 -2.16 -30.73
C SER I 48 -13.21 -0.91 -30.69
N VAL I 49 -13.88 0.25 -30.76
CA VAL I 49 -13.23 1.56 -30.72
C VAL I 49 -13.56 2.20 -29.38
N SER I 50 -12.60 2.97 -28.85
CA SER I 50 -12.82 3.70 -27.60
C SER I 50 -14.05 4.59 -27.72
N SER I 51 -14.99 4.41 -26.77
CA SER I 51 -16.25 5.15 -26.83
C SER I 51 -16.03 6.65 -26.78
N SER I 52 -14.92 7.12 -26.20
CA SER I 52 -14.66 8.54 -26.13
C SER I 52 -14.28 9.15 -27.48
N TYR I 53 -14.03 8.33 -28.50
CA TYR I 53 -13.47 8.76 -29.77
C TYR I 53 -14.30 8.25 -30.94
N LEU I 54 -15.61 8.49 -30.86
CA LEU I 54 -16.54 8.08 -31.94
C LEU I 54 -17.46 9.27 -32.23
N ALA I 55 -17.18 10.01 -33.30
CA ALA I 55 -17.98 11.19 -33.64
C ALA I 55 -18.94 10.92 -34.79
N TRP I 56 -20.02 11.70 -34.81
CA TRP I 56 -20.93 11.76 -35.94
C TRP I 56 -20.86 13.15 -36.56
N TYR I 57 -20.82 13.19 -37.89
CA TYR I 57 -20.76 14.45 -38.63
C TYR I 57 -21.96 14.57 -39.58
N GLN I 58 -22.31 15.81 -39.88
CA GLN I 58 -23.38 16.13 -40.81
C GLN I 58 -22.77 16.86 -42.00
N GLN I 59 -23.04 16.37 -43.20
CA GLN I 59 -22.50 16.95 -44.42
C GLN I 59 -23.65 17.47 -45.27
N LYS I 60 -23.69 18.79 -45.46
CA LYS I 60 -24.66 19.44 -46.33
C LYS I 60 -24.14 19.43 -47.76
N PRO I 61 -25.03 19.46 -48.75
CA PRO I 61 -24.56 19.55 -50.15
C PRO I 61 -23.71 20.79 -50.37
N GLY I 62 -22.45 20.55 -50.75
CA GLY I 62 -21.51 21.65 -50.96
C GLY I 62 -21.24 22.50 -49.75
N GLN I 63 -21.07 21.87 -48.58
CA GLN I 63 -20.76 22.59 -47.35
C GLN I 63 -19.77 21.79 -46.52
N ALA I 64 -19.04 22.50 -45.67
CA ALA I 64 -18.11 21.84 -44.77
C ALA I 64 -18.87 21.08 -43.69
N PRO I 65 -18.38 19.91 -43.28
CA PRO I 65 -19.08 19.12 -42.26
C PRO I 65 -19.10 19.83 -40.93
N ARG I 66 -20.14 19.57 -40.14
CA ARG I 66 -20.20 20.09 -38.78
C ARG I 66 -20.46 18.92 -37.84
N LEU I 67 -19.67 18.86 -36.76
CA LEU I 67 -19.75 17.71 -35.81
C LEU I 67 -21.05 17.76 -35.00
N LEU I 68 -21.83 16.67 -35.04
CA LEU I 68 -23.04 16.56 -34.22
C LEU I 68 -22.73 16.02 -32.83
N ILE I 69 -22.21 14.81 -32.75
CA ILE I 69 -21.94 14.14 -31.47
C ILE I 69 -20.45 13.82 -31.38
N TYR I 70 -19.87 14.09 -30.22
CA TYR I 70 -18.52 13.66 -29.89
C TYR I 70 -18.57 12.84 -28.60
N GLY I 71 -17.58 11.96 -28.45
CA GLY I 71 -17.61 11.04 -27.33
C GLY I 71 -18.68 9.98 -27.41
N ALA I 72 -19.26 9.79 -28.58
CA ALA I 72 -20.30 8.79 -28.86
C ALA I 72 -21.63 9.12 -28.20
N SER I 73 -21.62 10.04 -27.23
CA SER I 73 -22.86 10.37 -26.51
C SER I 73 -22.99 11.83 -26.12
N SER I 74 -21.92 12.62 -26.08
CA SER I 74 -22.01 14.01 -25.67
C SER I 74 -22.32 14.88 -26.88
N ARG I 75 -23.40 15.66 -26.77
CA ARG I 75 -23.81 16.55 -27.86
C ARG I 75 -22.89 17.76 -27.96
N ALA I 76 -22.67 18.22 -29.19
CA ALA I 76 -21.81 19.36 -29.41
C ALA I 76 -22.55 20.67 -29.15
N THR I 77 -21.78 21.73 -28.92
CA THR I 77 -22.35 23.05 -28.71
C THR I 77 -22.96 23.56 -30.01
N GLY I 78 -24.15 24.16 -29.91
CA GLY I 78 -24.79 24.67 -31.09
C GLY I 78 -25.44 23.61 -31.96
N ILE I 79 -25.82 22.47 -31.39
CA ILE I 79 -26.44 21.37 -32.11
C ILE I 79 -27.83 21.19 -31.56
N PRO I 80 -28.87 21.09 -32.40
CA PRO I 80 -30.23 20.91 -31.89
C PRO I 80 -30.37 19.69 -31.00
N ASP I 81 -31.36 19.75 -30.11
CA ASP I 81 -31.59 18.69 -29.13
C ASP I 81 -32.10 17.40 -29.78
N ARG I 82 -32.67 17.48 -30.97
CA ARG I 82 -33.19 16.29 -31.64
C ARG I 82 -32.09 15.27 -31.94
N PHE I 83 -30.88 15.73 -32.24
CA PHE I 83 -29.78 14.83 -32.48
C PHE I 83 -29.28 14.23 -31.17
N SER I 84 -29.23 12.90 -31.11
CA SER I 84 -28.73 12.20 -29.93
C SER I 84 -27.92 10.99 -30.38
N GLY I 85 -26.80 10.75 -29.71
CA GLY I 85 -25.89 9.67 -30.07
C GLY I 85 -25.79 8.62 -28.97
N SER I 86 -25.66 7.37 -29.37
CA SER I 86 -25.56 6.26 -28.43
C SER I 86 -24.64 5.19 -29.02
N GLY I 87 -24.35 4.19 -28.21
CA GLY I 87 -23.57 3.05 -28.65
C GLY I 87 -22.22 2.96 -27.97
N SER I 88 -21.71 1.74 -27.86
CA SER I 88 -20.39 1.47 -27.32
C SER I 88 -19.82 0.23 -27.97
N GLY I 89 -18.56 -0.05 -27.66
CA GLY I 89 -17.91 -1.23 -28.22
C GLY I 89 -17.82 -1.16 -29.73
N THR I 90 -18.46 -2.11 -30.40
CA THR I 90 -18.45 -2.18 -31.86
C THR I 90 -19.70 -1.59 -32.51
N ASP I 91 -20.70 -1.19 -31.73
CA ASP I 91 -21.98 -0.71 -32.26
C ASP I 91 -22.23 0.70 -31.75
N PHE I 92 -22.66 1.57 -32.65
CA PHE I 92 -22.98 2.96 -32.33
C PHE I 92 -24.16 3.40 -33.19
N THR I 93 -25.02 4.22 -32.62
CA THR I 93 -26.24 4.64 -33.28
C THR I 93 -26.50 6.12 -33.03
N LEU I 94 -26.95 6.83 -34.06
CA LEU I 94 -27.36 8.22 -33.98
C LEU I 94 -28.87 8.29 -34.19
N THR I 95 -29.57 8.98 -33.29
CA THR I 95 -31.02 9.04 -33.29
C THR I 95 -31.49 10.47 -33.46
N ILE I 96 -32.34 10.71 -34.44
CA ILE I 96 -32.93 12.01 -34.70
C ILE I 96 -34.43 11.88 -34.50
N SER I 97 -34.93 12.43 -33.39
CA SER I 97 -36.33 12.22 -33.01
C SER I 97 -37.28 13.00 -33.92
N ARG I 98 -36.98 14.28 -34.15
CA ARG I 98 -37.90 15.18 -34.86
C ARG I 98 -37.20 15.66 -36.13
N LEU I 99 -37.35 14.88 -37.21
CA LEU I 99 -36.75 15.25 -38.48
C LEU I 99 -37.32 16.57 -38.99
N GLU I 100 -36.44 17.47 -39.41
CA GLU I 100 -36.85 18.80 -39.84
C GLU I 100 -36.47 19.02 -41.30
N PRO I 101 -37.01 20.05 -41.97
CA PRO I 101 -36.64 20.29 -43.38
C PRO I 101 -35.14 20.45 -43.58
N GLU I 102 -34.48 21.22 -42.71
CA GLU I 102 -33.04 21.43 -42.86
C GLU I 102 -32.24 20.19 -42.48
N ASP I 103 -32.85 19.24 -41.78
CA ASP I 103 -32.14 18.04 -41.31
C ASP I 103 -31.85 17.03 -42.41
N PHE I 104 -32.20 17.31 -43.66
CA PHE I 104 -31.97 16.37 -44.75
C PHE I 104 -30.58 16.57 -45.33
N ALA I 105 -29.72 15.59 -45.15
CA ALA I 105 -28.32 15.65 -45.57
C ALA I 105 -27.74 14.25 -45.49
N VAL I 106 -26.42 14.13 -45.63
CA VAL I 106 -25.71 12.87 -45.46
C VAL I 106 -25.03 12.90 -44.10
N TYR I 107 -24.93 11.73 -43.47
CA TYR I 107 -24.38 11.61 -42.13
C TYR I 107 -23.21 10.64 -42.15
N TYR I 108 -22.03 11.12 -41.74
CA TYR I 108 -20.81 10.34 -41.71
C TYR I 108 -20.40 10.08 -40.26
N CYS I 109 -19.88 8.87 -40.04
CA CYS I 109 -19.44 8.45 -38.68
C CYS I 109 -17.92 8.19 -38.72
N GLN I 110 -17.15 8.90 -37.91
CA GLN I 110 -15.71 8.79 -37.85
C GLN I 110 -15.27 8.35 -36.46
N GLN I 111 -14.19 7.57 -36.41
CA GLN I 111 -13.54 7.18 -35.17
C GLN I 111 -12.14 7.78 -35.16
N TYR I 112 -11.78 8.40 -34.04
CA TYR I 112 -10.47 9.03 -33.89
C TYR I 112 -9.65 8.38 -32.77
N GLY I 113 -10.04 7.20 -32.33
CA GLY I 113 -9.32 6.48 -31.30
C GLY I 113 -8.06 5.80 -31.79
N ASN I 114 -8.21 4.67 -32.47
CA ASN I 114 -7.08 3.88 -32.92
C ASN I 114 -6.69 4.25 -34.34
N SER I 115 -5.37 4.38 -34.56
CA SER I 115 -4.88 4.70 -35.88
C SER I 115 -5.05 3.50 -36.82
N PRO I 116 -5.28 3.74 -38.11
CA PRO I 116 -5.59 5.07 -38.67
C PRO I 116 -7.04 5.47 -38.43
N TRP I 117 -7.31 6.77 -38.33
CA TRP I 117 -8.67 7.24 -38.14
C TRP I 117 -9.45 7.09 -39.44
N THR I 118 -10.67 6.57 -39.33
CA THR I 118 -11.43 6.16 -40.50
C THR I 118 -12.78 6.88 -40.55
N PHE I 119 -13.33 6.96 -41.76
CA PHE I 119 -14.64 7.54 -42.00
C PHE I 119 -15.55 6.50 -42.63
N GLY I 120 -16.83 6.56 -42.27
CA GLY I 120 -17.82 5.68 -42.86
C GLY I 120 -18.22 6.11 -44.25
N GLN I 121 -18.88 5.20 -44.98
CA GLN I 121 -19.38 5.52 -46.31
C GLN I 121 -20.42 6.65 -46.28
N GLY I 122 -21.06 6.88 -45.14
CA GLY I 122 -22.07 7.90 -45.03
C GLY I 122 -23.46 7.40 -45.39
N THR I 123 -24.45 7.78 -44.60
CA THR I 123 -25.84 7.42 -44.84
C THR I 123 -26.61 8.67 -45.26
N LYS I 124 -27.40 8.51 -46.33
CA LYS I 124 -28.14 9.65 -46.89
C LYS I 124 -29.55 9.74 -46.31
N VAL I 125 -30.01 10.95 -46.01
CA VAL I 125 -31.34 11.22 -45.49
C VAL I 125 -32.14 11.91 -46.60
N GLU I 126 -33.24 11.27 -47.01
CA GLU I 126 -34.04 11.69 -48.17
C GLU I 126 -35.49 11.87 -47.72
N ILE I 127 -36.34 12.33 -48.62
CA ILE I 127 -37.74 12.61 -48.31
C ILE I 127 -38.57 11.33 -48.38
N MET J 21 17.68 -40.78 24.84
CA MET J 21 17.69 -41.52 23.58
C MET J 21 18.64 -40.88 22.56
N GLN J 22 19.92 -40.86 22.92
CA GLN J 22 20.95 -40.17 22.16
C GLN J 22 22.29 -40.84 22.42
N LEU J 23 23.28 -40.51 21.60
CA LEU J 23 24.66 -40.92 21.79
C LEU J 23 25.51 -39.67 22.03
N VAL J 24 26.17 -39.64 23.19
CA VAL J 24 27.02 -38.47 23.56
C VAL J 24 28.49 -38.84 23.36
N GLN J 25 29.17 -38.16 22.44
CA GLN J 25 30.56 -38.42 22.16
C GLN J 25 31.49 -37.64 23.10
N SER J 26 32.78 -37.91 22.97
CA SER J 26 33.78 -37.31 23.83
C SER J 26 34.13 -35.90 23.36
N GLY J 27 34.85 -35.18 24.21
CA GLY J 27 35.25 -33.82 23.91
C GLY J 27 36.29 -33.76 22.82
N PRO J 28 36.49 -32.57 22.24
CA PRO J 28 37.45 -32.43 21.14
C PRO J 28 38.85 -32.81 21.57
N GLU J 29 39.61 -33.38 20.62
CA GLU J 29 40.93 -33.91 20.89
C GLU J 29 41.96 -33.20 20.03
N VAL J 30 43.07 -32.83 20.69
CA VAL J 30 44.24 -32.20 20.00
C VAL J 30 45.44 -33.09 20.35
N LYS J 31 45.94 -33.88 19.40
CA LYS J 31 46.99 -34.86 19.64
C LYS J 31 48.10 -34.68 18.62
N LYS J 32 49.27 -35.17 18.98
CA LYS J 32 50.44 -35.05 18.12
C LYS J 32 50.44 -36.16 17.09
N PRO J 33 51.12 -35.96 15.95
CA PRO J 33 51.26 -37.06 14.99
C PRO J 33 51.99 -38.23 15.64
N GLY J 34 51.58 -39.45 15.27
CA GLY J 34 52.17 -40.63 15.87
C GLY J 34 51.58 -41.03 17.20
N THR J 35 50.63 -40.27 17.74
CA THR J 35 49.96 -40.60 18.98
C THR J 35 48.69 -41.40 18.68
N SER J 36 47.89 -41.67 19.71
CA SER J 36 46.64 -42.40 19.57
C SER J 36 45.51 -41.63 20.23
N VAL J 37 44.37 -41.57 19.52
CA VAL J 37 43.18 -40.83 20.03
C VAL J 37 42.12 -41.82 20.50
N LYS J 38 41.48 -41.54 21.62
CA LYS J 38 40.41 -42.36 22.15
C LYS J 38 39.13 -41.54 22.10
N VAL J 39 38.16 -41.98 21.30
CA VAL J 39 36.88 -41.30 21.16
C VAL J 39 35.83 -42.15 21.86
N SER J 40 35.15 -41.56 22.84
CA SER J 40 34.17 -42.27 23.64
C SER J 40 32.77 -41.93 23.15
N CYS J 41 31.99 -42.96 22.87
CA CYS J 41 30.60 -42.83 22.42
C CYS J 41 29.71 -43.46 23.48
N LYS J 42 29.02 -42.60 24.24
CA LYS J 42 28.18 -43.08 25.37
C LYS J 42 26.73 -43.25 24.92
N ALA J 43 26.15 -44.41 25.21
CA ALA J 43 24.76 -44.72 24.87
C ALA J 43 23.84 -44.42 26.04
N SER J 44 22.71 -43.77 25.74
CA SER J 44 21.74 -43.45 26.77
C SER J 44 20.34 -43.52 26.16
N GLY J 45 19.42 -44.21 26.85
CA GLY J 45 18.03 -44.22 26.49
C GLY J 45 17.57 -45.47 25.77
N PHE J 46 18.46 -46.17 25.08
CA PHE J 46 18.10 -47.37 24.34
C PHE J 46 18.89 -48.58 24.83
N THR J 47 18.33 -49.76 24.58
CA THR J 47 18.94 -51.02 25.01
C THR J 47 20.20 -51.25 24.19
N PHE J 48 21.35 -50.85 24.75
CA PHE J 48 22.62 -50.91 24.05
C PHE J 48 23.11 -52.34 23.83
N SER J 49 22.52 -53.33 24.51
CA SER J 49 23.04 -54.69 24.46
C SER J 49 23.04 -55.24 23.04
N ILE J 50 21.87 -55.27 22.39
CA ILE J 50 21.78 -55.92 21.05
C ILE J 50 22.07 -54.91 19.93
N SER J 51 22.59 -53.72 20.28
CA SER J 51 22.83 -52.69 19.28
C SER J 51 24.12 -53.00 18.51
N ALA J 52 24.54 -52.04 17.70
CA ALA J 52 25.79 -52.13 16.96
C ALA J 52 26.25 -50.72 16.64
N VAL J 53 27.50 -50.41 16.96
CA VAL J 53 28.04 -49.06 16.79
C VAL J 53 28.95 -49.05 15.58
N GLN J 54 28.72 -48.10 14.68
CA GLN J 54 29.57 -47.88 13.53
C GLN J 54 30.18 -46.49 13.64
N TRP J 55 31.45 -46.37 13.28
CA TRP J 55 32.19 -45.12 13.38
C TRP J 55 32.43 -44.58 11.98
N VAL J 56 31.99 -43.34 11.73
CA VAL J 56 32.17 -42.67 10.46
C VAL J 56 32.87 -41.35 10.72
N ARG J 57 33.93 -41.11 9.95
CA ARG J 57 34.72 -39.87 10.10
C ARG J 57 34.51 -38.97 8.87
N GLN J 58 34.53 -37.66 9.07
CA GLN J 58 34.38 -36.71 7.98
C GLN J 58 35.29 -35.50 8.22
N ALA J 59 36.11 -35.16 7.23
CA ALA J 59 36.86 -33.92 7.28
C ALA J 59 35.99 -32.76 6.81
N ARG J 60 36.40 -31.55 7.17
CA ARG J 60 35.61 -30.37 6.85
C ARG J 60 35.44 -30.24 5.33
N GLY J 61 34.18 -30.12 4.90
CA GLY J 61 33.88 -30.02 3.48
C GLY J 61 34.32 -31.21 2.67
N GLN J 62 34.18 -32.42 3.21
CA GLN J 62 34.63 -33.64 2.56
C GLN J 62 33.56 -34.71 2.75
N ARG J 63 33.66 -35.78 1.95
CA ARG J 63 32.70 -36.87 2.04
C ARG J 63 32.87 -37.66 3.34
N LEU J 64 31.80 -38.34 3.75
CA LEU J 64 31.86 -39.18 4.94
C LEU J 64 32.73 -40.41 4.65
N GLU J 65 33.47 -40.85 5.67
CA GLU J 65 34.38 -41.99 5.56
C GLU J 65 33.99 -43.01 6.61
N TRP J 66 33.91 -44.29 6.21
CA TRP J 66 33.40 -45.34 7.06
C TRP J 66 34.56 -46.14 7.66
N ILE J 67 34.67 -46.13 8.99
CA ILE J 67 35.74 -46.85 9.68
C ILE J 67 35.49 -48.33 9.92
N GLY J 68 34.50 -48.64 10.75
CA GLY J 68 34.10 -50.02 10.97
C GLY J 68 32.88 -50.07 11.86
N TRP J 69 32.46 -51.29 12.20
CA TRP J 69 31.30 -51.51 13.05
C TRP J 69 31.53 -52.69 13.97
N ILE J 70 30.89 -52.64 15.14
CA ILE J 70 31.01 -53.69 16.16
C ILE J 70 29.60 -54.07 16.63
N VAL J 71 29.36 -55.37 16.71
CA VAL J 71 28.16 -55.88 17.38
C VAL J 71 28.38 -55.78 18.89
N VAL J 72 27.51 -55.03 19.57
CA VAL J 72 27.73 -54.79 21.00
C VAL J 72 27.71 -56.09 21.78
N GLY J 73 26.67 -56.89 21.60
CA GLY J 73 26.56 -58.15 22.32
C GLY J 73 27.67 -59.14 22.02
N SER J 74 27.86 -59.48 20.75
CA SER J 74 28.87 -60.48 20.39
C SER J 74 30.28 -59.93 20.51
N GLY J 75 30.45 -58.62 20.31
CA GLY J 75 31.78 -58.03 20.27
C GLY J 75 32.51 -58.19 18.97
N ASN J 76 32.01 -59.00 18.03
CA ASN J 76 32.67 -59.20 16.76
C ASN J 76 32.80 -57.89 15.99
N THR J 77 34.03 -57.67 15.51
CA THR J 77 34.34 -56.39 14.83
C THR J 77 34.72 -56.58 13.37
N ASN J 78 34.21 -55.73 12.49
CA ASN J 78 34.59 -55.69 11.08
C ASN J 78 35.11 -54.30 10.77
N TYR J 79 36.34 -54.23 10.27
CA TYR J 79 37.01 -52.96 10.00
C TYR J 79 37.30 -52.85 8.50
N ALA J 80 37.20 -51.64 7.97
CA ALA J 80 37.63 -51.40 6.61
C ALA J 80 39.14 -51.59 6.50
N GLN J 81 39.57 -52.21 5.40
CA GLN J 81 40.97 -52.57 5.24
C GLN J 81 41.89 -51.36 5.27
N LYS J 82 41.37 -50.16 4.98
CA LYS J 82 42.20 -48.96 5.04
C LYS J 82 42.68 -48.69 6.46
N PHE J 83 41.76 -48.68 7.41
CA PHE J 83 42.06 -48.42 8.80
C PHE J 83 42.29 -49.69 9.62
N GLN J 84 42.49 -50.83 8.95
CA GLN J 84 42.52 -52.13 9.63
C GLN J 84 43.46 -52.17 10.83
N GLU J 85 44.74 -51.88 10.61
CA GLU J 85 45.72 -51.96 11.68
C GLU J 85 45.64 -50.75 12.60
N ARG J 86 45.24 -49.60 12.05
CA ARG J 86 45.39 -48.32 12.71
C ARG J 86 44.31 -48.04 13.74
N VAL J 87 43.16 -48.74 13.68
CA VAL J 87 42.04 -48.45 14.55
C VAL J 87 41.61 -49.71 15.28
N THR J 88 41.05 -49.51 16.48
CA THR J 88 40.53 -50.64 17.31
C THR J 88 39.25 -50.17 17.99
N ILE J 89 38.08 -50.64 17.54
CA ILE J 89 36.79 -50.26 18.08
C ILE J 89 36.40 -51.25 19.18
N THR J 90 36.08 -50.71 20.35
CA THR J 90 35.71 -51.59 21.49
C THR J 90 34.44 -51.06 22.15
N ARG J 91 33.88 -51.83 23.08
CA ARG J 91 32.66 -51.46 23.78
C ARG J 91 32.69 -52.05 25.19
N ASP J 92 32.03 -51.35 26.12
CA ASP J 92 31.93 -51.78 27.50
C ASP J 92 30.49 -51.65 27.96
N MET J 93 29.87 -52.79 28.28
CA MET J 93 28.43 -52.79 28.68
C MET J 93 28.27 -52.06 30.02
N SER J 94 29.28 -52.11 30.90
CA SER J 94 29.14 -51.51 32.22
C SER J 94 28.94 -50.00 32.13
N THR J 95 29.68 -49.35 31.24
CA THR J 95 29.56 -47.90 31.05
C THR J 95 28.65 -47.55 29.88
N SER J 96 28.12 -48.55 29.18
CA SER J 96 27.27 -48.32 28.00
C SER J 96 27.97 -47.43 26.97
N THR J 97 29.29 -47.57 26.88
CA THR J 97 30.12 -46.68 26.06
C THR J 97 30.84 -47.49 24.99
N ALA J 98 30.82 -46.98 23.77
CA ALA J 98 31.62 -47.53 22.69
C ALA J 98 32.83 -46.64 22.44
N TYR J 99 33.94 -47.26 22.04
CA TYR J 99 35.21 -46.56 21.88
C TYR J 99 35.79 -46.86 20.52
N MET J 100 36.41 -45.85 19.91
CA MET J 100 37.16 -45.99 18.67
C MET J 100 38.50 -45.30 18.86
N GLU J 101 39.58 -46.06 18.70
CA GLU J 101 40.92 -45.54 18.89
C GLU J 101 41.71 -45.67 17.59
N LEU J 102 42.25 -44.55 17.12
CA LEU J 102 43.09 -44.51 15.93
C LEU J 102 44.54 -44.28 16.36
N SER J 103 45.42 -45.20 15.99
CA SER J 103 46.82 -45.16 16.39
C SER J 103 47.70 -44.68 15.25
N SER J 104 48.93 -44.30 15.59
CA SER J 104 49.88 -43.71 14.65
C SER J 104 49.24 -42.56 13.86
N LEU J 105 48.75 -41.58 14.62
CA LEU J 105 48.00 -40.48 14.04
C LEU J 105 48.78 -39.74 12.97
N ARG J 106 48.13 -39.48 11.84
CA ARG J 106 48.67 -38.72 10.73
C ARG J 106 47.91 -37.40 10.58
N PHE J 107 48.58 -36.42 9.98
CA PHE J 107 47.96 -35.13 9.72
C PHE J 107 46.63 -35.26 8.98
N GLU J 108 46.58 -36.16 7.99
CA GLU J 108 45.35 -36.31 7.21
C GLU J 108 44.18 -36.83 8.05
N ASP J 109 44.45 -37.38 9.23
CA ASP J 109 43.41 -37.85 10.13
C ASP J 109 42.62 -36.71 10.79
N THR J 110 42.94 -35.45 10.49
CA THR J 110 42.19 -34.33 11.05
C THR J 110 40.77 -34.36 10.49
N ALA J 111 39.79 -34.60 11.35
CA ALA J 111 38.40 -34.71 10.93
C ALA J 111 37.53 -34.84 12.17
N VAL J 112 36.22 -34.71 11.96
CA VAL J 112 35.22 -35.03 12.98
C VAL J 112 34.88 -36.51 12.84
N TYR J 113 34.69 -37.19 13.97
CA TYR J 113 34.42 -38.62 13.99
C TYR J 113 33.05 -38.85 14.60
N TYR J 114 32.22 -39.63 13.91
CA TYR J 114 30.82 -39.84 14.30
C TYR J 114 30.60 -41.29 14.71
N CYS J 115 29.67 -41.49 15.66
CA CYS J 115 29.28 -42.81 16.12
C CYS J 115 27.77 -42.98 15.93
N ALA J 116 27.37 -44.09 15.33
CA ALA J 116 25.98 -44.35 14.96
C ALA J 116 25.50 -45.68 15.53
N ALA J 117 24.23 -45.77 15.90
CA ALA J 117 23.68 -47.04 16.43
C ALA J 117 22.23 -47.23 15.99
N PRO J 118 21.73 -48.45 15.64
CA PRO J 118 20.30 -48.61 15.35
C PRO J 118 19.57 -48.50 16.71
N TYR J 119 18.34 -47.99 16.70
CA TYR J 119 17.56 -47.90 17.96
C TYR J 119 17.16 -49.33 18.38
N CYS J 120 18.08 -50.02 19.07
CA CYS J 120 17.75 -51.38 19.56
C CYS J 120 16.99 -51.24 20.88
N GLY J 121 15.67 -51.10 20.81
CA GLY J 121 14.86 -51.05 22.01
C GLY J 121 14.53 -52.45 22.49
N GLY J 122 13.24 -52.76 22.66
CA GLY J 122 12.87 -54.15 22.94
C GLY J 122 13.04 -54.89 21.64
N ASP J 123 12.31 -54.48 20.60
CA ASP J 123 12.55 -55.04 19.24
C ASP J 123 13.45 -54.01 18.56
N CYS J 124 14.58 -54.44 17.98
CA CYS J 124 15.52 -53.47 17.48
C CYS J 124 15.00 -52.85 16.18
N SER J 125 15.55 -51.68 15.85
CA SER J 125 15.21 -51.00 14.61
C SER J 125 16.28 -51.32 13.57
N ASP J 126 16.24 -50.59 12.44
CA ASP J 126 17.24 -50.83 11.36
C ASP J 126 17.46 -49.54 10.56
N GLY J 127 18.70 -49.09 10.44
CA GLY J 127 19.03 -47.94 9.62
C GLY J 127 20.03 -47.00 10.24
N PHE J 128 20.33 -47.20 11.55
CA PHE J 128 21.22 -46.28 12.30
C PHE J 128 20.51 -44.93 12.49
N ASP J 129 19.62 -44.83 13.48
CA ASP J 129 18.81 -43.58 13.65
C ASP J 129 19.46 -42.64 14.67
N ILE J 130 20.45 -43.13 15.42
CA ILE J 130 21.08 -42.33 16.46
C ILE J 130 22.48 -41.96 16.00
N TRP J 131 22.77 -40.67 15.93
CA TRP J 131 24.08 -40.17 15.54
C TRP J 131 24.60 -39.22 16.61
N GLY J 132 25.88 -39.36 16.95
CA GLY J 132 26.49 -38.52 17.97
C GLY J 132 26.88 -37.15 17.46
N GLN J 133 27.25 -36.28 18.40
CA GLN J 133 27.63 -34.92 18.05
C GLN J 133 28.96 -34.86 17.32
N GLY J 134 29.79 -35.88 17.44
CA GLY J 134 31.08 -35.86 16.78
C GLY J 134 32.19 -35.30 17.65
N THR J 135 33.40 -35.81 17.42
CA THR J 135 34.60 -35.37 18.12
C THR J 135 35.59 -34.86 17.10
N MET J 136 36.17 -33.69 17.38
CA MET J 136 37.10 -33.01 16.47
C MET J 136 38.52 -33.38 16.87
N VAL J 137 39.15 -34.26 16.11
CA VAL J 137 40.53 -34.67 16.33
C VAL J 137 41.40 -33.92 15.34
N THR J 138 42.20 -33.00 15.89
CA THR J 138 43.16 -32.23 15.06
C THR J 138 44.57 -32.66 15.46
N VAL J 139 45.34 -33.15 14.47
CA VAL J 139 46.72 -33.63 14.74
C VAL J 139 47.71 -32.67 14.08
N SER J 140 48.53 -32.03 14.92
CA SER J 140 49.54 -31.06 14.43
C SER J 140 50.53 -30.80 15.56
N SER J 141 51.58 -30.05 15.28
CA SER J 141 52.59 -29.72 16.27
C SER J 141 52.32 -28.38 16.95
N ALA J 142 51.88 -27.37 16.20
CA ALA J 142 51.63 -26.05 16.79
C ALA J 142 50.38 -26.06 17.67
N GLU K 21 34.42 -53.87 -3.63
CA GLU K 21 33.74 -52.73 -3.03
C GLU K 21 32.59 -52.22 -3.91
N ILE K 22 31.51 -51.82 -3.25
CA ILE K 22 30.33 -51.28 -3.92
C ILE K 22 30.51 -49.78 -4.11
N VAL K 23 30.32 -49.31 -5.34
CA VAL K 23 30.55 -47.90 -5.69
C VAL K 23 29.20 -47.20 -5.77
N LEU K 24 29.06 -46.12 -5.02
CA LEU K 24 27.81 -45.38 -4.89
C LEU K 24 27.93 -44.08 -5.68
N THR K 25 27.21 -43.99 -6.81
CA THR K 25 27.22 -42.81 -7.66
C THR K 25 25.91 -42.04 -7.49
N GLN K 26 26.02 -40.76 -7.16
CA GLN K 26 24.88 -39.87 -6.99
C GLN K 26 24.85 -38.84 -8.12
N SER K 27 23.66 -38.60 -8.65
CA SER K 27 23.47 -37.58 -9.68
C SER K 27 22.24 -36.75 -9.33
N PRO K 28 22.33 -35.42 -9.40
CA PRO K 28 23.52 -34.68 -9.84
C PRO K 28 24.43 -34.31 -8.66
N GLY K 29 25.58 -33.72 -8.97
CA GLY K 29 26.48 -33.23 -7.95
C GLY K 29 25.86 -32.13 -7.12
N THR K 30 25.58 -30.99 -7.77
CA THR K 30 24.93 -29.85 -7.12
C THR K 30 23.59 -29.62 -7.80
N LEU K 31 22.52 -29.72 -7.01
CA LEU K 31 21.15 -29.50 -7.49
C LEU K 31 20.58 -28.27 -6.82
N SER K 32 20.20 -27.28 -7.63
CA SER K 32 19.67 -26.02 -7.14
C SER K 32 18.25 -25.84 -7.64
N LEU K 33 17.31 -25.73 -6.71
CA LEU K 33 15.90 -25.60 -7.03
C LEU K 33 15.25 -24.64 -6.05
N SER K 34 14.08 -24.11 -6.47
CA SER K 34 13.36 -23.12 -5.64
C SER K 34 12.40 -23.84 -4.69
N PRO K 35 12.04 -23.25 -3.54
CA PRO K 35 11.10 -23.84 -2.60
C PRO K 35 9.78 -24.19 -3.28
N GLY K 36 9.18 -25.30 -2.86
CA GLY K 36 7.96 -25.78 -3.47
C GLY K 36 8.15 -26.57 -4.75
N GLU K 37 9.38 -26.96 -5.07
CA GLU K 37 9.69 -27.70 -6.28
C GLU K 37 10.07 -29.13 -5.95
N ARG K 38 9.69 -30.04 -6.85
CA ARG K 38 10.00 -31.45 -6.66
C ARG K 38 11.49 -31.71 -6.86
N ALA K 39 12.09 -32.46 -5.96
CA ALA K 39 13.51 -32.81 -6.01
C ALA K 39 13.63 -34.32 -6.16
N THR K 40 14.18 -34.75 -7.29
CA THR K 40 14.36 -36.17 -7.58
C THR K 40 15.86 -36.47 -7.59
N LEU K 41 16.33 -36.97 -6.44
CA LEU K 41 17.77 -37.34 -6.29
C LEU K 41 17.88 -38.86 -6.49
N SER K 42 18.90 -39.31 -7.21
CA SER K 42 19.07 -40.72 -7.52
C SER K 42 20.42 -41.22 -7.03
N CYS K 43 20.45 -42.47 -6.59
CA CYS K 43 21.67 -43.12 -6.11
C CYS K 43 21.83 -44.46 -6.80
N ARG K 44 22.97 -44.61 -7.48
CA ARG K 44 23.22 -45.87 -8.24
C ARG K 44 24.40 -46.61 -7.60
N ALA K 45 24.42 -47.93 -7.73
CA ALA K 45 25.47 -48.77 -7.18
C ALA K 45 26.07 -49.66 -8.27
N SER K 46 27.23 -50.24 -7.96
CA SER K 46 27.92 -51.12 -8.88
C SER K 46 27.29 -52.51 -8.90
N GLN K 47 27.33 -53.21 -7.77
CA GLN K 47 26.66 -54.49 -7.63
C GLN K 47 25.39 -54.32 -6.81
N SER K 48 24.37 -55.12 -7.16
CA SER K 48 23.09 -55.02 -6.48
C SER K 48 23.28 -55.24 -4.98
N VAL K 49 22.65 -54.38 -4.19
CA VAL K 49 22.71 -54.46 -2.74
C VAL K 49 21.34 -54.84 -2.20
N SER K 50 21.34 -55.57 -1.09
CA SER K 50 20.10 -55.96 -0.44
C SER K 50 19.22 -54.74 -0.17
N SER K 51 17.98 -54.79 -0.65
CA SER K 51 17.07 -53.65 -0.55
C SER K 51 16.83 -53.21 0.89
N SER K 52 16.99 -54.11 1.86
CA SER K 52 16.80 -53.76 3.26
C SER K 52 17.90 -52.85 3.80
N TYR K 53 18.96 -52.61 3.01
CA TYR K 53 20.18 -51.97 3.48
C TYR K 53 20.56 -50.79 2.60
N LEU K 54 19.65 -49.84 2.41
CA LEU K 54 20.03 -48.62 1.65
C LEU K 54 19.42 -47.46 2.40
N ALA K 55 20.21 -46.74 3.16
CA ALA K 55 19.80 -45.61 3.98
C ALA K 55 20.08 -44.30 3.26
N TRP K 56 19.26 -43.30 3.55
CA TRP K 56 19.51 -41.92 3.15
C TRP K 56 19.68 -41.08 4.40
N TYR K 57 20.69 -40.22 4.42
CA TYR K 57 20.91 -39.34 5.55
C TYR K 57 20.89 -37.90 5.09
N GLN K 58 20.52 -37.00 6.01
CA GLN K 58 20.50 -35.57 5.76
C GLN K 58 21.50 -34.90 6.69
N GLN K 59 22.43 -34.16 6.11
CA GLN K 59 23.45 -33.44 6.87
C GLN K 59 23.31 -31.96 6.54
N LYS K 60 22.95 -31.17 7.54
CA LYS K 60 22.93 -29.73 7.40
C LYS K 60 24.32 -29.17 7.65
N PRO K 61 24.63 -28.00 7.10
CA PRO K 61 25.93 -27.39 7.37
C PRO K 61 26.19 -27.26 8.86
N GLY K 62 27.26 -27.87 9.34
CA GLY K 62 27.56 -27.91 10.76
C GLY K 62 26.54 -28.66 11.60
N GLN K 63 26.11 -29.83 11.14
CA GLN K 63 25.19 -30.67 11.89
C GLN K 63 25.55 -32.14 11.69
N ALA K 64 25.23 -32.94 12.70
CA ALA K 64 25.37 -34.38 12.58
C ALA K 64 24.27 -34.93 11.68
N PRO K 65 24.56 -35.95 10.87
CA PRO K 65 23.54 -36.48 9.95
C PRO K 65 22.36 -37.07 10.71
N ARG K 66 21.19 -37.02 10.04
CA ARG K 66 19.97 -37.62 10.54
C ARG K 66 19.42 -38.61 9.51
N LEU K 67 18.98 -39.77 9.99
CA LEU K 67 18.49 -40.81 9.10
C LEU K 67 17.14 -40.42 8.53
N LEU K 68 17.05 -40.32 7.21
CA LEU K 68 15.79 -40.03 6.54
C LEU K 68 15.01 -41.30 6.20
N ILE K 69 15.58 -42.15 5.36
CA ILE K 69 14.94 -43.36 4.86
C ILE K 69 15.79 -44.55 5.26
N TYR K 70 15.15 -45.59 5.78
CA TYR K 70 15.82 -46.87 6.00
C TYR K 70 15.05 -47.97 5.28
N GLY K 71 15.77 -49.03 4.94
CA GLY K 71 15.16 -50.09 4.14
C GLY K 71 14.85 -49.72 2.73
N ALA K 72 15.41 -48.61 2.23
CA ALA K 72 15.25 -48.12 0.86
C ALA K 72 13.85 -47.58 0.61
N SER K 73 12.89 -47.89 1.48
CA SER K 73 11.51 -47.46 1.28
C SER K 73 10.75 -47.09 2.55
N SER K 74 11.24 -47.52 3.71
CA SER K 74 10.50 -47.26 4.98
C SER K 74 10.95 -45.92 5.59
N ARG K 75 10.00 -45.00 5.78
CA ARG K 75 10.34 -43.69 6.34
C ARG K 75 10.73 -43.82 7.81
N ALA K 76 11.68 -43.00 8.24
CA ALA K 76 12.12 -43.04 9.62
C ALA K 76 11.15 -42.26 10.51
N THR K 77 11.20 -42.60 11.80
CA THR K 77 10.34 -41.90 12.79
C THR K 77 10.84 -40.47 12.95
N GLY K 78 9.92 -39.51 12.97
CA GLY K 78 10.27 -38.10 13.08
C GLY K 78 10.76 -37.48 11.80
N ILE K 79 10.38 -38.03 10.65
CA ILE K 79 10.78 -37.53 9.35
C ILE K 79 9.52 -37.06 8.64
N PRO K 80 9.48 -35.85 8.08
CA PRO K 80 8.27 -35.40 7.38
C PRO K 80 7.87 -36.34 6.26
N ASP K 81 6.57 -36.31 5.93
CA ASP K 81 6.03 -37.20 4.91
C ASP K 81 6.49 -36.82 3.51
N ARG K 82 6.95 -35.59 3.31
CA ARG K 82 7.40 -35.17 1.99
C ARG K 82 8.56 -36.01 1.48
N PHE K 83 9.43 -36.47 2.39
CA PHE K 83 10.52 -37.34 2.01
C PHE K 83 10.00 -38.73 1.71
N SER K 84 10.32 -39.26 0.53
CA SER K 84 9.94 -40.60 0.14
C SER K 84 11.07 -41.25 -0.63
N GLY K 85 11.32 -42.52 -0.34
CA GLY K 85 12.42 -43.26 -0.95
C GLY K 85 11.87 -44.41 -1.77
N SER K 86 12.54 -44.69 -2.89
CA SER K 86 12.12 -45.75 -3.79
C SER K 86 13.35 -46.39 -4.42
N GLY K 87 13.10 -47.48 -5.13
CA GLY K 87 14.16 -48.14 -5.86
C GLY K 87 14.44 -49.54 -5.31
N SER K 88 14.93 -50.41 -6.19
CA SER K 88 15.31 -51.76 -5.81
C SER K 88 16.47 -52.22 -6.68
N GLY K 89 16.99 -53.40 -6.36
CA GLY K 89 18.11 -53.94 -7.13
C GLY K 89 19.32 -53.02 -7.03
N THR K 90 19.74 -52.50 -8.18
CA THR K 90 20.87 -51.60 -8.28
C THR K 90 20.48 -50.13 -8.36
N ASP K 91 19.18 -49.82 -8.42
CA ASP K 91 18.69 -48.46 -8.64
C ASP K 91 17.82 -48.03 -7.47
N PHE K 92 18.19 -46.88 -6.90
CA PHE K 92 17.42 -46.30 -5.76
C PHE K 92 17.28 -44.79 -5.99
N THR K 93 16.18 -44.17 -5.58
CA THR K 93 16.00 -42.71 -5.76
C THR K 93 15.19 -42.12 -4.59
N LEU K 94 15.64 -40.98 -4.05
CA LEU K 94 14.95 -40.28 -2.97
C LEU K 94 14.23 -39.06 -3.53
N THR K 95 12.95 -38.92 -3.17
CA THR K 95 12.07 -37.90 -3.73
C THR K 95 11.57 -36.97 -2.62
N ILE K 96 11.76 -35.65 -2.82
CA ILE K 96 11.26 -34.63 -1.92
C ILE K 96 10.25 -33.79 -2.71
N SER K 97 8.96 -33.95 -2.38
CA SER K 97 7.91 -33.35 -3.20
C SER K 97 7.83 -31.84 -3.01
N ARG K 98 7.69 -31.41 -1.75
CA ARG K 98 7.54 -29.97 -1.43
C ARG K 98 8.79 -29.48 -0.69
N LEU K 99 9.73 -28.92 -1.43
CA LEU K 99 10.95 -28.37 -0.84
C LEU K 99 10.64 -27.19 0.08
N GLU K 100 11.22 -27.24 1.28
CA GLU K 100 10.98 -26.17 2.29
C GLU K 100 12.31 -25.52 2.67
N PRO K 101 12.33 -24.30 3.25
CA PRO K 101 13.56 -23.63 3.67
C PRO K 101 14.54 -24.52 4.46
N GLU K 102 14.06 -25.29 5.44
CA GLU K 102 14.96 -26.10 6.30
C GLU K 102 15.48 -27.32 5.53
N ASP K 103 14.82 -27.71 4.44
CA ASP K 103 15.21 -28.91 3.70
C ASP K 103 16.47 -28.73 2.88
N PHE K 104 17.11 -27.55 2.95
CA PHE K 104 18.33 -27.29 2.20
C PHE K 104 19.53 -27.76 3.03
N ALA K 105 20.20 -28.78 2.53
CA ALA K 105 21.31 -29.43 3.19
C ALA K 105 21.96 -30.35 2.15
N VAL K 106 22.86 -31.22 2.64
CA VAL K 106 23.51 -32.23 1.76
C VAL K 106 22.81 -33.57 2.02
N TYR K 107 22.65 -34.38 0.98
CA TYR K 107 21.96 -35.66 1.07
C TYR K 107 22.91 -36.77 0.67
N TYR K 108 23.15 -37.70 1.59
CA TYR K 108 24.07 -38.81 1.39
C TYR K 108 23.30 -40.12 1.29
N CYS K 109 23.81 -41.01 0.43
CA CYS K 109 23.18 -42.34 0.22
C CYS K 109 24.22 -43.40 0.60
N GLN K 110 23.88 -44.18 1.62
CA GLN K 110 24.83 -45.21 2.14
C GLN K 110 24.21 -46.60 2.08
N GLN K 111 25.04 -47.61 1.87
CA GLN K 111 24.63 -49.02 1.88
C GLN K 111 25.30 -49.73 3.04
N TYR K 112 24.52 -50.51 3.80
CA TYR K 112 25.06 -51.27 4.93
C TYR K 112 24.88 -52.78 4.75
N GLY K 113 24.62 -53.22 3.51
CA GLY K 113 24.45 -54.64 3.25
C GLY K 113 25.73 -55.45 3.20
N ASN K 114 26.46 -55.36 2.10
CA ASN K 114 27.67 -56.14 1.90
C ASN K 114 28.89 -55.33 2.32
N SER K 115 29.80 -55.99 3.04
CA SER K 115 31.01 -55.32 3.48
C SER K 115 31.93 -55.03 2.29
N PRO K 116 32.68 -53.92 2.33
CA PRO K 116 32.55 -52.87 3.35
C PRO K 116 31.38 -51.92 3.08
N TRP K 117 30.82 -51.34 4.13
CA TRP K 117 29.71 -50.40 3.96
C TRP K 117 30.24 -49.07 3.41
N THR K 118 29.54 -48.59 2.38
CA THR K 118 30.04 -47.38 1.68
C THR K 118 29.06 -46.22 1.77
N PHE K 119 29.58 -45.02 1.58
CA PHE K 119 28.82 -43.77 1.57
C PHE K 119 28.97 -43.08 0.22
N GLY K 120 27.91 -42.41 -0.22
CA GLY K 120 27.96 -41.66 -1.44
C GLY K 120 28.65 -40.32 -1.29
N GLN K 121 29.02 -39.74 -2.44
CA GLN K 121 29.66 -38.42 -2.44
C GLN K 121 28.75 -37.33 -1.90
N GLY K 122 27.44 -37.55 -1.90
CA GLY K 122 26.51 -36.54 -1.41
C GLY K 122 26.06 -35.56 -2.48
N THR K 123 24.77 -35.25 -2.49
CA THR K 123 24.20 -34.28 -3.43
C THR K 123 23.81 -33.00 -2.69
N LYS K 124 24.14 -31.86 -3.29
CA LYS K 124 23.91 -30.56 -2.67
C LYS K 124 22.56 -30.03 -3.13
N VAL K 125 21.79 -29.45 -2.21
CA VAL K 125 20.51 -28.84 -2.54
C VAL K 125 20.63 -27.35 -2.26
N GLU K 126 20.45 -26.53 -3.29
CA GLU K 126 20.66 -25.09 -3.19
C GLU K 126 19.42 -24.33 -3.63
N ILE K 127 19.40 -23.03 -3.36
CA ILE K 127 18.23 -22.18 -3.73
C ILE K 127 18.51 -21.52 -5.09
N GLU L 21 20.11 16.83 7.24
CA GLU L 21 19.01 17.33 8.05
C GLU L 21 18.84 18.83 7.92
N ILE L 22 17.59 19.28 7.85
CA ILE L 22 17.29 20.70 7.80
C ILE L 22 17.15 21.22 9.22
N VAL L 23 17.87 22.29 9.54
CA VAL L 23 17.88 22.85 10.88
C VAL L 23 17.00 24.09 10.89
N LEU L 24 16.02 24.11 11.79
CA LEU L 24 15.06 25.20 11.90
C LEU L 24 15.41 26.05 13.11
N THR L 25 15.92 27.25 12.85
CA THR L 25 16.32 28.18 13.90
C THR L 25 15.29 29.29 14.02
N GLN L 26 14.76 29.48 15.22
CA GLN L 26 13.73 30.48 15.49
C GLN L 26 14.30 31.60 16.34
N SER L 27 13.96 32.83 15.97
CA SER L 27 14.34 34.01 16.72
C SER L 27 13.11 34.90 16.85
N PRO L 28 12.79 35.41 18.04
CA PRO L 28 13.60 35.22 19.25
C PRO L 28 13.19 33.99 20.05
N GLY L 29 13.93 33.69 21.11
CA GLY L 29 13.59 32.59 22.00
C GLY L 29 12.31 32.83 22.77
N THR L 30 12.32 33.82 23.66
CA THR L 30 11.16 34.20 24.45
C THR L 30 10.77 35.62 24.10
N LEU L 31 9.54 35.80 23.62
CA LEU L 31 9.01 37.10 23.23
C LEU L 31 7.86 37.47 24.16
N SER L 32 8.00 38.61 24.83
CA SER L 32 7.02 39.08 25.80
C SER L 32 6.41 40.39 25.32
N LEU L 33 5.10 40.39 25.09
CA LEU L 33 4.40 41.56 24.58
C LEU L 33 3.03 41.67 25.23
N SER L 34 2.46 42.87 25.16
CA SER L 34 1.16 43.19 25.70
C SER L 34 0.07 43.00 24.64
N PRO L 35 -1.17 42.79 25.05
CA PRO L 35 -2.26 42.67 24.08
C PRO L 35 -2.35 43.88 23.17
N GLY L 36 -2.69 43.63 21.91
CA GLY L 36 -2.76 44.67 20.91
C GLY L 36 -1.43 45.02 20.26
N GLU L 37 -0.39 44.22 20.47
CA GLU L 37 0.92 44.47 19.89
C GLU L 37 1.24 43.43 18.83
N ARG L 38 1.90 43.86 17.76
CA ARG L 38 2.26 42.95 16.69
C ARG L 38 3.42 42.05 17.10
N ALA L 39 3.31 40.77 16.79
CA ALA L 39 4.33 39.78 17.11
C ALA L 39 4.92 39.24 15.81
N THR L 40 6.22 39.48 15.61
CA THR L 40 6.93 39.07 14.39
C THR L 40 7.91 37.96 14.76
N LEU L 41 7.49 36.72 14.54
CA LEU L 41 8.32 35.55 14.79
C LEU L 41 8.91 35.05 13.48
N SER L 42 10.17 34.64 13.51
CA SER L 42 10.88 34.22 12.31
C SER L 42 11.40 32.81 12.47
N CYS L 43 11.40 32.06 11.36
CA CYS L 43 11.90 30.69 11.30
C CYS L 43 12.86 30.58 10.13
N ARG L 44 14.09 30.16 10.39
CA ARG L 44 15.13 30.08 9.39
C ARG L 44 15.63 28.65 9.25
N ALA L 45 15.96 28.26 8.03
CA ALA L 45 16.38 26.91 7.70
C ALA L 45 17.79 26.92 7.11
N SER L 46 18.41 25.75 7.07
CA SER L 46 19.77 25.65 6.46
C SER L 46 19.63 25.77 4.94
N GLN L 47 19.09 24.71 4.32
CA GLN L 47 18.85 24.72 2.86
C GLN L 47 17.40 25.14 2.62
N SER L 48 17.13 25.82 1.51
CA SER L 48 15.79 26.28 1.19
C SER L 48 14.81 25.11 1.16
N VAL L 49 13.66 25.31 1.80
CA VAL L 49 12.61 24.25 1.85
C VAL L 49 11.43 24.71 0.98
N SER L 50 10.80 23.77 0.27
CA SER L 50 9.66 24.06 -0.59
C SER L 50 8.60 24.83 0.19
N SER L 51 8.24 26.01 -0.31
CA SER L 51 7.25 26.86 0.39
C SER L 51 5.97 26.07 0.68
N SER L 52 5.58 25.16 -0.21
CA SER L 52 4.33 24.43 -0.04
C SER L 52 4.33 23.54 1.19
N TYR L 53 5.47 23.35 1.84
CA TYR L 53 5.58 22.38 2.93
C TYR L 53 6.25 23.01 4.15
N LEU L 54 5.73 24.17 4.55
CA LEU L 54 6.24 24.81 5.81
C LEU L 54 5.05 25.26 6.64
N ALA L 55 4.77 24.55 7.73
CA ALA L 55 3.67 24.84 8.63
C ALA L 55 4.12 25.56 9.89
N TRP L 56 3.21 26.34 10.46
CA TRP L 56 3.36 26.91 11.80
C TRP L 56 2.29 26.29 12.70
N TYR L 57 2.69 25.92 13.91
CA TYR L 57 1.78 25.33 14.88
C TYR L 57 1.74 26.16 16.14
N GLN L 58 0.61 26.08 16.85
CA GLN L 58 0.42 26.74 18.13
C GLN L 58 0.21 25.67 19.19
N GLN L 59 1.02 25.71 20.24
CA GLN L 59 0.90 24.77 21.34
C GLN L 59 0.62 25.55 22.62
N LYS L 60 -0.55 25.33 23.18
CA LYS L 60 -0.94 25.89 24.46
C LYS L 60 -0.44 25.00 25.59
N PRO L 61 -0.26 25.56 26.78
CA PRO L 61 0.16 24.73 27.93
C PRO L 61 -0.79 23.56 28.16
N GLY L 62 -0.25 22.34 28.07
CA GLY L 62 -1.05 21.14 28.22
C GLY L 62 -2.12 20.96 27.15
N GLN L 63 -1.78 21.21 25.89
CA GLN L 63 -2.71 21.02 24.80
C GLN L 63 -1.99 20.48 23.58
N ALA L 64 -2.73 19.74 22.76
CA ALA L 64 -2.20 19.26 21.50
C ALA L 64 -2.09 20.42 20.52
N PRO L 65 -1.04 20.45 19.68
CA PRO L 65 -0.88 21.56 18.74
C PRO L 65 -2.00 21.60 17.72
N ARG L 66 -2.29 22.81 17.24
CA ARG L 66 -3.24 23.02 16.15
C ARG L 66 -2.57 23.81 15.03
N LEU L 67 -2.82 23.37 13.80
CA LEU L 67 -2.18 23.95 12.63
C LEU L 67 -2.73 25.35 12.37
N LEU L 68 -1.83 26.35 12.38
CA LEU L 68 -2.21 27.72 12.07
C LEU L 68 -2.08 28.01 10.58
N ILE L 69 -0.85 27.93 10.05
CA ILE L 69 -0.55 28.23 8.66
C ILE L 69 0.06 27.00 8.03
N TYR L 70 -0.40 26.64 6.84
CA TYR L 70 0.21 25.61 6.02
C TYR L 70 0.54 26.19 4.66
N GLY L 71 1.54 25.62 4.00
CA GLY L 71 2.00 26.19 2.75
C GLY L 71 2.72 27.51 2.90
N ALA L 72 3.13 27.85 4.13
CA ALA L 72 3.87 29.07 4.46
C ALA L 72 3.02 30.33 4.35
N SER L 73 1.86 30.24 3.69
CA SER L 73 1.02 31.43 3.50
C SER L 73 -0.48 31.17 3.54
N SER L 74 -0.95 29.95 3.33
CA SER L 74 -2.38 29.67 3.33
C SER L 74 -2.84 29.41 4.76
N ARG L 75 -3.83 30.19 5.20
CA ARG L 75 -4.35 30.06 6.55
C ARG L 75 -5.21 28.81 6.67
N ALA L 76 -5.17 28.19 7.84
CA ALA L 76 -5.92 26.97 8.06
C ALA L 76 -7.39 27.26 8.36
N THR L 77 -8.22 26.25 8.19
CA THR L 77 -9.63 26.37 8.48
C THR L 77 -9.83 26.55 9.99
N GLY L 78 -10.71 27.48 10.35
CA GLY L 78 -10.97 27.73 11.75
C GLY L 78 -9.88 28.50 12.48
N ILE L 79 -9.11 29.31 11.76
CA ILE L 79 -8.02 30.08 12.33
C ILE L 79 -8.36 31.55 12.18
N PRO L 80 -8.24 32.36 13.24
CA PRO L 80 -8.54 33.80 13.13
C PRO L 80 -7.68 34.50 12.08
N ASP L 81 -8.22 35.62 11.59
CA ASP L 81 -7.57 36.39 10.53
C ASP L 81 -6.29 37.09 11.01
N ARG L 82 -6.13 37.30 12.31
CA ARG L 82 -4.95 38.00 12.80
C ARG L 82 -3.67 37.24 12.47
N PHE L 83 -3.71 35.92 12.46
CA PHE L 83 -2.54 35.12 12.10
C PHE L 83 -2.32 35.17 10.59
N SER L 84 -1.11 35.55 10.19
CA SER L 84 -0.73 35.57 8.79
C SER L 84 0.71 35.12 8.65
N GLY L 85 0.99 34.32 7.64
CA GLY L 85 2.31 33.75 7.43
C GLY L 85 2.93 34.23 6.14
N SER L 86 4.25 34.41 6.16
CA SER L 86 4.98 34.89 4.99
C SER L 86 6.35 34.24 4.97
N GLY L 87 7.06 34.46 3.88
CA GLY L 87 8.42 33.96 3.75
C GLY L 87 8.53 32.93 2.65
N SER L 88 9.74 32.82 2.09
CA SER L 88 10.02 31.83 1.06
C SER L 88 11.48 31.42 1.17
N GLY L 89 11.86 30.43 0.36
CA GLY L 89 13.23 29.94 0.36
C GLY L 89 13.61 29.34 1.70
N THR L 90 14.62 29.93 2.34
CA THR L 90 15.11 29.43 3.62
C THR L 90 14.61 30.21 4.83
N ASP L 91 13.91 31.33 4.63
CA ASP L 91 13.48 32.19 5.72
C ASP L 91 11.96 32.34 5.68
N PHE L 92 11.32 32.24 6.84
CA PHE L 92 9.88 32.33 6.95
C PHE L 92 9.50 33.06 8.22
N THR L 93 8.41 33.82 8.17
CA THR L 93 7.99 34.67 9.28
C THR L 93 6.49 34.57 9.48
N LEU L 94 6.07 34.50 10.75
CA LEU L 94 4.66 34.51 11.14
C LEU L 94 4.35 35.80 11.89
N THR L 95 3.30 36.49 11.43
CA THR L 95 2.95 37.82 12.00
C THR L 95 1.56 37.81 12.63
N ILE L 96 1.46 38.21 13.90
CA ILE L 96 0.20 38.32 14.62
C ILE L 96 -0.07 39.80 14.85
N SER L 97 -1.04 40.35 14.13
CA SER L 97 -1.26 41.80 14.15
C SER L 97 -1.90 42.25 15.45
N ARG L 98 -2.98 41.60 15.88
CA ARG L 98 -3.77 42.03 17.03
C ARG L 98 -3.73 40.94 18.10
N LEU L 99 -2.71 40.99 18.96
CA LEU L 99 -2.55 40.01 20.02
C LEU L 99 -3.75 40.02 20.96
N GLU L 100 -4.31 38.83 21.21
CA GLU L 100 -5.52 38.70 22.07
C GLU L 100 -5.19 37.84 23.28
N PRO L 101 -5.99 37.86 24.38
CA PRO L 101 -5.67 37.11 25.60
C PRO L 101 -5.42 35.62 25.36
N GLU L 102 -6.21 34.95 24.53
CA GLU L 102 -6.00 33.53 24.31
C GLU L 102 -4.78 33.24 23.45
N ASP L 103 -4.25 34.23 22.74
CA ASP L 103 -3.14 34.06 21.82
C ASP L 103 -1.79 33.84 22.51
N PHE L 104 -1.74 33.74 23.83
CA PHE L 104 -0.49 33.63 24.56
C PHE L 104 -0.11 32.16 24.65
N ALA L 105 0.96 31.76 23.96
CA ALA L 105 1.35 30.35 23.91
C ALA L 105 2.75 30.24 23.29
N VAL L 106 3.11 28.99 22.99
CA VAL L 106 4.40 28.71 22.31
C VAL L 106 4.09 28.43 20.84
N TYR L 107 5.00 28.79 19.94
CA TYR L 107 4.81 28.65 18.50
C TYR L 107 5.94 27.83 17.90
N TYR L 108 5.61 26.72 17.27
CA TYR L 108 6.57 25.82 16.66
C TYR L 108 6.46 25.90 15.14
N CYS L 109 7.62 25.82 14.49
CA CYS L 109 7.69 25.90 13.00
C CYS L 109 8.23 24.57 12.47
N GLN L 110 7.46 23.87 11.64
CA GLN L 110 7.83 22.57 11.08
C GLN L 110 7.85 22.63 9.56
N GLN L 111 8.78 21.87 8.98
CA GLN L 111 8.84 21.66 7.53
C GLN L 111 8.58 20.19 7.25
N TYR L 112 7.70 19.92 6.29
CA TYR L 112 7.34 18.56 5.92
C TYR L 112 7.71 18.23 4.47
N GLY L 113 8.53 19.05 3.83
CA GLY L 113 8.96 18.80 2.47
C GLY L 113 10.04 17.74 2.36
N ASN L 114 11.27 18.12 2.69
CA ASN L 114 12.42 17.24 2.54
C ASN L 114 12.69 16.48 3.84
N SER L 115 12.97 15.19 3.70
CA SER L 115 13.28 14.37 4.86
C SER L 115 14.63 14.76 5.45
N PRO L 116 14.79 14.64 6.77
CA PRO L 116 13.72 14.36 7.72
C PRO L 116 12.91 15.61 8.08
N TRP L 117 11.63 15.43 8.43
CA TRP L 117 10.82 16.57 8.83
C TRP L 117 11.23 17.02 10.23
N THR L 118 11.44 18.33 10.34
CA THR L 118 11.97 18.84 11.63
C THR L 118 11.06 19.89 12.26
N PHE L 119 11.20 20.07 13.56
CA PHE L 119 10.45 21.03 14.36
C PHE L 119 11.41 22.03 14.98
N GLY L 120 10.95 23.28 15.11
CA GLY L 120 11.75 24.30 15.75
C GLY L 120 11.71 24.19 17.26
N GLN L 121 12.63 24.92 17.90
CA GLN L 121 12.67 24.95 19.35
C GLN L 121 11.41 25.57 19.94
N GLY L 122 10.69 26.36 19.16
CA GLY L 122 9.50 27.02 19.65
C GLY L 122 9.81 28.38 20.27
N THR L 123 8.99 29.38 19.94
CA THR L 123 9.13 30.71 20.50
C THR L 123 7.99 30.97 21.47
N LYS L 124 8.33 31.53 22.62
CA LYS L 124 7.36 31.75 23.68
C LYS L 124 6.78 33.16 23.62
N VAL L 125 5.47 33.25 23.89
CA VAL L 125 4.73 34.50 23.94
C VAL L 125 4.35 34.75 25.39
N GLU L 126 4.84 35.84 25.97
CA GLU L 126 4.65 36.16 27.38
C GLU L 126 4.08 37.57 27.50
N ILE L 127 3.65 37.91 28.70
CA ILE L 127 3.07 39.23 28.94
C ILE L 127 4.13 40.24 29.39
#